data_1PSY
#
_entry.id   1PSY
#
_cell.length_a   1.000
_cell.length_b   1.000
_cell.length_c   1.000
_cell.angle_alpha   90.00
_cell.angle_beta   90.00
_cell.angle_gamma   90.00
#
_symmetry.space_group_name_H-M   'P 1'
#
_entity_poly.entity_id   1
_entity_poly.type   'polypeptide(L)'
_entity_poly.pdbx_seq_one_letter_code
;AEFMESKGEREGSSSQQCRQEVQRKDLSSCERYLRQSSSRRSTGEEVLRMPGDENQQQESQQLQQCCNQVKQVRDECQCE
AIKYIAEDQIQQGQLHGEESERVAQRAGEIVSSCGVRCMRQTRTN
;
_entity_poly.pdbx_strand_id   A
#
# COMPACT_ATOMS: atom_id res chain seq x y z
N ALA A 1 57.26 6.41 6.85
CA ALA A 1 57.15 6.92 5.48
C ALA A 1 55.77 7.50 5.28
N GLU A 2 54.74 6.67 5.43
CA GLU A 2 53.35 7.08 5.28
C GLU A 2 52.45 6.15 6.09
N PHE A 3 51.20 6.58 6.27
CA PHE A 3 50.24 5.83 7.09
C PHE A 3 48.85 6.46 6.95
N MET A 4 48.00 5.85 6.16
CA MET A 4 46.64 6.36 5.99
C MET A 4 45.74 5.24 5.53
N GLU A 5 44.47 5.32 5.92
CA GLU A 5 43.47 4.35 5.50
C GLU A 5 42.10 4.83 5.92
N SER A 6 41.05 4.19 5.40
CA SER A 6 39.66 4.52 5.70
C SER A 6 38.75 3.68 4.82
N LYS A 7 37.67 3.15 5.39
CA LYS A 7 36.68 2.38 4.67
C LYS A 7 35.29 2.69 5.19
N GLY A 8 34.27 2.36 4.42
CA GLY A 8 32.89 2.64 4.79
C GLY A 8 32.08 2.95 3.57
N GLU A 9 31.20 2.03 3.18
CA GLU A 9 30.31 2.22 2.05
C GLU A 9 28.98 1.56 2.32
N ARG A 10 27.90 2.20 1.88
CA ARG A 10 26.56 1.65 2.01
C ARG A 10 25.64 2.28 0.97
N GLU A 11 24.47 1.69 0.80
CA GLU A 11 23.45 2.23 -0.09
C GLU A 11 22.06 1.96 0.48
N GLY A 12 21.14 2.88 0.23
CA GLY A 12 19.76 2.73 0.67
C GLY A 12 18.82 3.46 -0.28
N SER A 13 17.52 3.28 -0.08
CA SER A 13 16.51 3.92 -0.89
C SER A 13 15.65 4.87 -0.07
N SER A 14 14.63 4.34 0.60
CA SER A 14 13.77 5.14 1.50
C SER A 14 14.52 5.72 2.69
N SER A 15 13.81 6.05 3.76
CA SER A 15 14.41 6.47 5.01
C SER A 15 15.33 5.42 5.62
N GLN A 16 15.51 5.42 6.94
CA GLN A 16 16.36 4.45 7.62
C GLN A 16 16.24 3.03 7.03
N GLN A 17 15.04 2.45 7.14
CA GLN A 17 14.75 1.12 6.63
C GLN A 17 13.25 0.93 6.50
N CYS A 18 12.60 1.91 5.87
CA CYS A 18 11.17 1.86 5.71
C CYS A 18 10.91 0.88 4.60
N ARG A 19 11.38 1.11 3.35
CA ARG A 19 11.24 0.23 2.18
C ARG A 19 11.37 -1.23 2.54
N GLN A 20 12.24 -1.52 3.49
CA GLN A 20 12.39 -2.83 4.08
C GLN A 20 11.09 -3.36 4.69
N GLU A 21 10.71 -2.91 5.87
CA GLU A 21 9.51 -3.38 6.54
C GLU A 21 8.26 -3.00 5.75
N VAL A 22 8.35 -1.93 4.97
CA VAL A 22 7.33 -1.43 4.09
C VAL A 22 6.93 -2.52 3.13
N GLN A 23 7.89 -3.22 2.54
CA GLN A 23 7.57 -4.33 1.65
C GLN A 23 7.14 -5.60 2.34
N ARG A 24 6.46 -5.46 3.46
CA ARG A 24 6.07 -6.59 4.29
C ARG A 24 4.77 -6.28 4.98
N LYS A 25 4.69 -5.09 5.57
CA LYS A 25 3.57 -4.68 6.39
C LYS A 25 2.83 -3.53 5.78
N ASP A 26 3.47 -2.35 5.85
CA ASP A 26 3.01 -1.13 5.21
C ASP A 26 2.61 -1.40 3.79
N LEU A 27 1.66 -0.64 3.23
CA LEU A 27 1.08 -0.84 1.90
C LEU A 27 1.75 -1.95 1.10
N SER A 28 1.32 -3.17 1.33
CA SER A 28 2.01 -4.39 0.87
C SER A 28 0.96 -5.38 0.41
N SER A 29 -0.18 -4.85 0.01
CA SER A 29 -1.28 -5.67 -0.38
C SER A 29 -2.39 -4.81 -0.91
N CYS A 30 -2.57 -3.58 -0.41
CA CYS A 30 -3.60 -2.67 -0.91
C CYS A 30 -3.51 -2.51 -2.42
N GLU A 31 -2.31 -2.23 -2.91
CA GLU A 31 -2.12 -2.13 -4.34
C GLU A 31 -2.07 -3.52 -4.97
N ARG A 32 -1.59 -4.52 -4.23
CA ARG A 32 -1.63 -5.89 -4.69
C ARG A 32 -3.04 -6.38 -4.96
N TYR A 33 -4.04 -5.92 -4.22
CA TYR A 33 -5.44 -6.31 -4.34
C TYR A 33 -5.94 -6.00 -5.73
N LEU A 34 -5.76 -4.74 -6.15
CA LEU A 34 -6.15 -4.34 -7.48
C LEU A 34 -5.17 -4.85 -8.53
N ARG A 35 -3.92 -5.11 -8.13
CA ARG A 35 -2.90 -5.65 -9.01
C ARG A 35 -3.22 -7.10 -9.37
N GLN A 36 -3.67 -7.88 -8.40
CA GLN A 36 -4.01 -9.28 -8.53
C GLN A 36 -5.40 -9.41 -9.11
N SER A 37 -5.95 -10.62 -9.06
CA SER A 37 -7.29 -10.87 -9.55
C SER A 37 -8.32 -10.55 -8.47
N SER A 38 -8.08 -10.98 -7.24
CA SER A 38 -8.98 -10.72 -6.12
C SER A 38 -8.27 -11.17 -4.87
N SER A 39 -8.45 -10.43 -3.76
CA SER A 39 -7.88 -10.75 -2.43
C SER A 39 -8.05 -12.22 -2.10
N ARG A 40 -7.12 -12.75 -1.31
CA ARG A 40 -7.20 -14.15 -0.93
C ARG A 40 -6.46 -14.36 0.38
N ARG A 41 -6.52 -15.58 0.90
CA ARG A 41 -5.79 -15.94 2.11
C ARG A 41 -4.31 -15.61 1.97
N SER A 42 -3.63 -15.49 3.10
CA SER A 42 -2.20 -15.25 3.11
C SER A 42 -1.66 -15.54 4.50
N THR A 43 -0.54 -14.93 4.83
CA THR A 43 0.10 -15.03 6.13
C THR A 43 -0.53 -14.06 7.13
N GLY A 44 -0.87 -14.58 8.30
CA GLY A 44 -1.53 -13.80 9.34
C GLY A 44 -2.64 -14.60 9.98
N GLU A 45 -2.52 -14.85 11.27
CA GLU A 45 -3.59 -15.50 12.04
C GLU A 45 -4.76 -14.57 12.33
N GLU A 46 -4.71 -13.33 11.86
CA GLU A 46 -5.76 -12.35 12.06
C GLU A 46 -6.71 -12.30 10.88
N VAL A 47 -7.39 -13.42 10.59
CA VAL A 47 -8.31 -13.55 9.47
C VAL A 47 -9.39 -14.57 9.82
N LEU A 48 -10.11 -14.28 10.89
CA LEU A 48 -11.19 -15.15 11.36
C LEU A 48 -12.43 -14.32 11.63
N ARG A 49 -12.68 -13.33 10.78
CA ARG A 49 -13.83 -12.47 10.90
C ARG A 49 -14.38 -12.17 9.52
N MET A 50 -15.68 -12.30 9.36
CA MET A 50 -16.40 -11.89 8.15
C MET A 50 -16.51 -10.36 8.00
N PRO A 51 -17.06 -9.66 9.03
CA PRO A 51 -17.19 -8.22 9.00
C PRO A 51 -15.84 -7.52 9.17
N GLY A 52 -14.83 -8.23 9.68
CA GLY A 52 -13.47 -7.71 9.88
C GLY A 52 -13.44 -6.82 11.11
N ASP A 53 -12.81 -7.30 12.17
CA ASP A 53 -12.67 -6.52 13.40
C ASP A 53 -11.92 -5.21 13.13
N GLU A 54 -10.66 -5.32 12.71
CA GLU A 54 -9.80 -4.18 12.42
C GLU A 54 -9.91 -3.81 10.96
N ASN A 55 -11.03 -3.20 10.60
CA ASN A 55 -11.31 -2.75 9.25
C ASN A 55 -12.67 -2.08 9.22
N GLN A 56 -12.89 -1.21 8.23
CA GLN A 56 -14.17 -0.57 7.99
C GLN A 56 -15.32 -1.54 8.19
N GLN A 57 -16.21 -1.22 9.14
CA GLN A 57 -17.31 -2.11 9.52
C GLN A 57 -18.24 -2.29 8.34
N GLN A 58 -18.01 -3.32 7.55
CA GLN A 58 -18.78 -3.59 6.35
C GLN A 58 -18.18 -4.81 5.67
N GLU A 59 -19.03 -5.70 5.16
CA GLU A 59 -18.60 -6.91 4.45
C GLU A 59 -17.56 -6.60 3.37
N SER A 60 -16.29 -6.78 3.71
CA SER A 60 -15.17 -6.44 2.86
C SER A 60 -13.90 -7.04 3.45
N GLN A 61 -13.93 -8.36 3.64
CA GLN A 61 -12.74 -9.06 4.11
C GLN A 61 -11.55 -8.93 3.14
N GLN A 62 -11.81 -8.48 1.92
CA GLN A 62 -10.80 -8.26 0.93
C GLN A 62 -9.93 -7.07 1.29
N LEU A 63 -10.51 -5.87 1.33
CA LEU A 63 -9.77 -4.68 1.74
C LEU A 63 -9.35 -4.76 3.19
N GLN A 64 -9.99 -5.61 4.00
CA GLN A 64 -9.55 -5.87 5.37
C GLN A 64 -8.08 -6.28 5.41
N GLN A 65 -7.61 -7.00 4.39
CA GLN A 65 -6.21 -7.34 4.30
C GLN A 65 -5.34 -6.12 4.15
N CYS A 66 -5.80 -5.08 3.47
CA CYS A 66 -5.08 -3.82 3.36
C CYS A 66 -5.17 -3.08 4.69
N CYS A 67 -6.33 -2.94 5.32
CA CYS A 67 -6.42 -2.28 6.63
C CYS A 67 -5.51 -2.95 7.64
N ASN A 68 -5.61 -4.28 7.80
CA ASN A 68 -4.73 -5.06 8.67
C ASN A 68 -3.25 -4.93 8.24
N GLN A 69 -3.01 -4.68 6.96
CA GLN A 69 -1.66 -4.47 6.43
C GLN A 69 -1.11 -3.09 6.78
N VAL A 70 -1.92 -2.06 6.55
CA VAL A 70 -1.61 -0.70 6.88
C VAL A 70 -1.67 -0.47 8.39
N LYS A 71 -2.21 -1.44 9.12
CA LYS A 71 -2.21 -1.40 10.56
C LYS A 71 -0.83 -1.71 11.12
N GLN A 72 0.06 -2.24 10.29
CA GLN A 72 1.44 -2.47 10.67
C GLN A 72 2.38 -1.35 10.21
N VAL A 73 1.81 -0.28 9.68
CA VAL A 73 2.58 0.89 9.29
C VAL A 73 3.09 1.61 10.52
N ARG A 74 4.28 2.19 10.36
CA ARG A 74 4.98 2.92 11.41
C ARG A 74 4.32 4.24 11.60
N ASP A 75 4.37 5.09 10.57
CA ASP A 75 3.90 6.49 10.55
C ASP A 75 4.63 7.30 9.47
N GLU A 76 5.94 7.16 9.40
CA GLU A 76 6.75 7.87 8.41
C GLU A 76 7.04 7.02 7.19
N CYS A 77 6.63 5.76 7.26
CA CYS A 77 6.76 4.84 6.19
C CYS A 77 5.40 4.63 5.57
N GLN A 78 4.31 5.23 6.07
CA GLN A 78 2.99 5.10 5.47
C GLN A 78 2.98 5.66 4.05
N CYS A 79 3.59 6.84 3.86
CA CYS A 79 3.52 7.52 2.59
C CYS A 79 4.51 6.85 1.67
N GLU A 80 5.77 6.77 2.09
CA GLU A 80 6.80 6.06 1.34
C GLU A 80 6.42 4.63 0.98
N ALA A 81 5.57 4.02 1.80
CA ALA A 81 4.98 2.74 1.50
C ALA A 81 4.15 2.68 0.23
N ILE A 82 3.37 3.73 0.01
CA ILE A 82 2.66 3.90 -1.25
C ILE A 82 3.63 4.22 -2.37
N LYS A 83 4.69 4.99 -2.10
CA LYS A 83 5.69 5.26 -3.13
C LYS A 83 6.47 4.00 -3.53
N TYR A 84 6.25 2.91 -2.81
CA TYR A 84 6.86 1.63 -3.06
C TYR A 84 5.88 0.70 -3.73
N ILE A 85 4.81 0.36 -3.04
CA ILE A 85 3.84 -0.56 -3.59
C ILE A 85 3.29 0.02 -4.88
N ALA A 86 2.84 1.28 -4.86
CA ALA A 86 2.24 1.97 -5.99
C ALA A 86 3.31 2.40 -6.98
N GLU A 87 4.18 1.46 -7.31
CA GLU A 87 5.31 1.67 -8.17
C GLU A 87 6.03 0.38 -8.51
N ASP A 88 6.38 -0.44 -7.51
CA ASP A 88 7.07 -1.71 -7.74
C ASP A 88 6.23 -2.58 -8.65
N GLN A 89 4.95 -2.71 -8.35
CA GLN A 89 4.02 -3.40 -9.24
C GLN A 89 3.83 -2.75 -10.61
N ILE A 90 4.13 -1.47 -10.76
CA ILE A 90 4.11 -0.75 -12.02
C ILE A 90 5.30 -1.20 -12.88
N GLN A 91 6.48 -1.23 -12.29
CA GLN A 91 7.65 -1.71 -13.01
C GLN A 91 7.60 -3.23 -13.22
N GLN A 92 7.08 -3.96 -12.25
CA GLN A 92 6.99 -5.41 -12.32
C GLN A 92 5.86 -5.85 -13.26
N GLY A 93 4.65 -5.36 -13.01
CA GLY A 93 3.50 -5.57 -13.84
C GLY A 93 3.65 -4.93 -15.23
N GLN A 94 2.64 -5.13 -16.05
CA GLN A 94 2.63 -4.56 -17.39
C GLN A 94 2.19 -3.09 -17.37
N LEU A 95 2.70 -2.24 -16.50
CA LEU A 95 2.13 -0.91 -16.36
C LEU A 95 2.96 0.05 -17.16
N HIS A 96 2.67 0.17 -18.44
CA HIS A 96 3.44 1.00 -19.37
C HIS A 96 2.52 1.48 -20.49
N GLY A 97 3.06 2.12 -21.52
CA GLY A 97 2.31 2.66 -22.66
C GLY A 97 1.40 3.81 -22.24
N GLU A 98 0.29 3.48 -21.59
CA GLU A 98 -0.66 4.43 -21.00
C GLU A 98 -1.63 3.73 -20.04
N GLU A 99 -1.16 2.69 -19.37
CA GLU A 99 -1.98 1.98 -18.41
C GLU A 99 -1.35 2.09 -17.03
N SER A 100 -0.38 2.96 -16.82
CA SER A 100 0.24 3.15 -15.51
C SER A 100 -0.52 4.18 -14.70
N GLU A 101 -1.16 5.14 -15.37
CA GLU A 101 -1.96 6.16 -14.68
C GLU A 101 -3.27 5.58 -14.16
N ARG A 102 -3.74 4.50 -14.79
CA ARG A 102 -4.93 3.82 -14.32
C ARG A 102 -4.67 3.14 -12.98
N VAL A 103 -3.42 2.80 -12.68
CA VAL A 103 -3.03 2.16 -11.44
C VAL A 103 -2.97 3.20 -10.33
N ALA A 104 -2.68 4.46 -10.67
CA ALA A 104 -2.62 5.55 -9.72
C ALA A 104 -3.99 5.75 -9.07
N GLN A 105 -5.03 5.84 -9.89
CA GLN A 105 -6.39 5.97 -9.37
C GLN A 105 -6.86 4.69 -8.70
N ARG A 106 -6.41 3.54 -9.22
CA ARG A 106 -6.79 2.25 -8.72
C ARG A 106 -6.36 2.12 -7.28
N ALA A 107 -5.09 2.33 -6.99
CA ALA A 107 -4.59 2.24 -5.63
C ALA A 107 -5.39 3.12 -4.70
N GLY A 108 -5.77 4.30 -5.20
CA GLY A 108 -6.70 5.21 -4.55
C GLY A 108 -7.99 4.57 -4.04
N GLU A 109 -8.51 3.57 -4.74
CA GLU A 109 -9.67 2.79 -4.33
C GLU A 109 -9.46 2.21 -2.94
N ILE A 110 -8.39 1.44 -2.77
CA ILE A 110 -8.08 0.85 -1.48
C ILE A 110 -7.61 1.89 -0.49
N VAL A 111 -7.02 2.95 -1.02
CA VAL A 111 -6.59 4.05 -0.21
C VAL A 111 -7.77 4.62 0.54
N SER A 112 -8.81 5.03 -0.18
CA SER A 112 -10.03 5.54 0.43
C SER A 112 -10.62 4.56 1.46
N SER A 113 -10.31 3.27 1.33
CA SER A 113 -10.69 2.25 2.29
C SER A 113 -9.88 2.37 3.57
N CYS A 114 -8.63 1.91 3.53
CA CYS A 114 -7.75 1.87 4.66
C CYS A 114 -6.31 1.92 4.18
N GLY A 115 -6.08 2.66 3.11
CA GLY A 115 -4.77 2.80 2.50
C GLY A 115 -4.44 4.27 2.31
N VAL A 116 -5.04 5.16 3.12
CA VAL A 116 -4.84 6.61 3.07
C VAL A 116 -3.45 6.99 3.53
N ARG A 117 -2.54 7.23 2.61
CA ARG A 117 -1.15 7.54 2.95
C ARG A 117 -0.58 8.58 2.04
N CYS A 118 0.09 8.18 0.97
CA CYS A 118 0.57 9.07 -0.06
C CYS A 118 -0.34 9.11 -1.27
N MET A 119 -1.42 8.35 -1.19
CA MET A 119 -2.42 8.33 -2.24
C MET A 119 -3.62 9.22 -1.93
N ARG A 120 -3.57 9.90 -0.79
CA ARG A 120 -4.59 10.82 -0.34
C ARG A 120 -4.03 11.80 0.66
N GLN A 121 -3.31 11.30 1.65
CA GLN A 121 -2.69 12.12 2.68
C GLN A 121 -1.26 12.45 2.28
N THR A 122 -0.49 12.91 3.26
CA THR A 122 0.89 13.31 3.09
C THR A 122 1.69 12.91 4.29
N ARG A 123 2.99 13.25 4.33
CA ARG A 123 3.87 12.93 5.47
C ARG A 123 3.27 13.39 6.80
N THR A 124 3.35 12.55 7.81
CA THR A 124 2.71 12.83 9.09
C THR A 124 3.68 12.48 10.18
N ASN A 125 4.30 11.28 10.09
CA ASN A 125 5.15 10.72 11.13
C ASN A 125 4.39 10.59 12.45
N ALA A 1 -22.61 12.24 -22.16
CA ALA A 1 -22.58 12.21 -20.69
C ALA A 1 -21.43 11.35 -20.24
N GLU A 2 -20.26 11.95 -20.12
CA GLU A 2 -19.06 11.22 -19.70
C GLU A 2 -17.97 12.20 -19.32
N PHE A 3 -17.08 11.78 -18.42
CA PHE A 3 -16.00 12.62 -17.94
C PHE A 3 -15.12 11.85 -16.99
N MET A 4 -13.90 12.35 -16.75
CA MET A 4 -12.95 11.73 -15.84
C MET A 4 -11.60 12.41 -15.96
N GLU A 5 -11.03 12.76 -14.82
CA GLU A 5 -9.70 13.36 -14.77
C GLU A 5 -9.03 12.98 -13.48
N SER A 6 -7.72 13.24 -13.41
CA SER A 6 -6.91 12.97 -12.22
C SER A 6 -5.47 13.09 -12.58
N LYS A 7 -4.61 13.28 -11.57
CA LYS A 7 -3.16 13.39 -11.73
C LYS A 7 -2.52 13.77 -10.40
N GLY A 8 -1.23 13.49 -10.24
CA GLY A 8 -0.52 13.77 -9.02
C GLY A 8 0.16 12.52 -8.48
N GLU A 9 1.47 12.44 -8.67
CA GLU A 9 2.26 11.32 -8.19
C GLU A 9 3.75 11.66 -8.25
N ARG A 10 4.52 11.09 -7.33
CA ARG A 10 5.97 11.25 -7.33
C ARG A 10 6.61 10.07 -6.65
N GLU A 11 7.92 9.97 -6.77
CA GLU A 11 8.72 8.93 -6.11
C GLU A 11 10.13 9.43 -5.81
N GLY A 12 11.06 8.51 -5.55
CA GLY A 12 12.45 8.82 -5.32
C GLY A 12 12.58 9.61 -4.03
N SER A 13 12.38 8.93 -2.90
CA SER A 13 12.46 9.54 -1.57
C SER A 13 12.18 8.50 -0.48
N SER A 14 12.66 7.28 -0.71
CA SER A 14 12.51 6.21 0.24
C SER A 14 13.15 6.55 1.57
N SER A 15 12.62 5.98 2.66
CA SER A 15 13.18 6.21 3.99
C SER A 15 14.62 5.70 4.06
N GLN A 16 15.20 5.76 5.26
CA GLN A 16 16.56 5.29 5.45
C GLN A 16 16.69 3.83 5.02
N GLN A 17 15.70 3.01 5.38
CA GLN A 17 15.66 1.62 5.02
C GLN A 17 14.35 1.05 5.51
N CYS A 18 13.26 1.76 5.40
CA CYS A 18 11.99 1.25 5.83
C CYS A 18 11.56 0.30 4.76
N ARG A 19 11.96 0.38 3.49
CA ARG A 19 11.55 -0.49 2.39
C ARG A 19 11.48 -1.93 2.83
N GLN A 20 12.50 -2.43 3.51
CA GLN A 20 12.49 -3.73 4.12
C GLN A 20 11.25 -3.97 4.94
N GLU A 21 10.91 -3.14 5.91
CA GLU A 21 9.70 -3.23 6.69
C GLU A 21 8.43 -2.84 5.91
N VAL A 22 8.55 -1.99 4.92
CA VAL A 22 7.50 -1.50 4.09
C VAL A 22 7.04 -2.62 3.23
N GLN A 23 7.93 -3.46 2.74
CA GLN A 23 7.62 -4.60 1.94
C GLN A 23 7.16 -5.78 2.75
N ARG A 24 6.40 -5.52 3.81
CA ARG A 24 5.93 -6.54 4.73
C ARG A 24 4.61 -6.13 5.32
N LYS A 25 4.52 -4.85 5.73
CA LYS A 25 3.37 -4.34 6.46
C LYS A 25 2.86 -3.13 5.76
N ASP A 26 3.60 -2.03 5.88
CA ASP A 26 3.29 -0.74 5.27
C ASP A 26 2.83 -0.96 3.89
N LEU A 27 1.79 -0.25 3.40
CA LEU A 27 1.14 -0.42 2.08
C LEU A 27 1.83 -1.45 1.22
N SER A 28 1.52 -2.74 1.43
CA SER A 28 2.31 -3.87 0.88
C SER A 28 1.30 -4.93 0.49
N SER A 29 0.14 -4.47 0.06
CA SER A 29 -0.90 -5.39 -0.32
C SER A 29 -2.06 -4.59 -0.84
N CYS A 30 -2.32 -3.38 -0.35
CA CYS A 30 -3.41 -2.55 -0.84
C CYS A 30 -3.34 -2.40 -2.35
N GLU A 31 -2.16 -2.03 -2.86
CA GLU A 31 -1.96 -1.94 -4.29
C GLU A 31 -1.86 -3.33 -4.91
N ARG A 32 -1.33 -4.31 -4.18
CA ARG A 32 -1.30 -5.68 -4.65
C ARG A 32 -2.70 -6.25 -4.89
N TYR A 33 -3.69 -5.84 -4.12
CA TYR A 33 -5.06 -6.27 -4.18
C TYR A 33 -5.63 -5.98 -5.55
N LEU A 34 -5.41 -4.75 -6.03
CA LEU A 34 -5.87 -4.38 -7.36
C LEU A 34 -4.95 -4.99 -8.42
N ARG A 35 -3.70 -5.30 -8.06
CA ARG A 35 -2.77 -5.93 -8.96
C ARG A 35 -3.24 -7.34 -9.28
N GLN A 36 -3.72 -8.06 -8.26
CA GLN A 36 -4.18 -9.42 -8.40
C GLN A 36 -5.58 -9.47 -9.02
N SER A 37 -6.22 -10.62 -8.94
CA SER A 37 -7.57 -10.79 -9.44
C SER A 37 -8.61 -10.31 -8.43
N SER A 38 -9.80 -10.92 -8.45
CA SER A 38 -10.89 -10.63 -7.53
C SER A 38 -11.17 -11.81 -6.62
N SER A 39 -10.13 -12.34 -5.97
CA SER A 39 -10.31 -13.45 -5.05
C SER A 39 -9.20 -13.45 -4.01
N ARG A 40 -9.50 -13.99 -2.82
CA ARG A 40 -8.51 -14.07 -1.76
C ARG A 40 -7.75 -15.37 -1.85
N ARG A 41 -6.77 -15.43 -2.73
CA ARG A 41 -5.98 -16.63 -2.89
C ARG A 41 -5.36 -17.01 -1.57
N SER A 42 -5.45 -18.27 -1.19
CA SER A 42 -4.86 -18.77 0.05
C SER A 42 -4.95 -20.29 0.04
N THR A 43 -3.86 -20.93 0.45
CA THR A 43 -3.80 -22.39 0.57
C THR A 43 -4.18 -22.85 1.98
N GLY A 44 -4.60 -21.92 2.83
CA GLY A 44 -5.02 -22.24 4.18
C GLY A 44 -6.47 -22.66 4.23
N GLU A 45 -7.27 -21.91 4.98
CA GLU A 45 -8.69 -22.19 5.10
C GLU A 45 -9.42 -20.97 5.69
N GLU A 46 -8.90 -20.43 6.78
CA GLU A 46 -9.50 -19.29 7.46
C GLU A 46 -8.42 -18.31 7.84
N VAL A 47 -8.39 -17.16 7.17
CA VAL A 47 -7.43 -16.11 7.48
C VAL A 47 -7.97 -15.17 8.58
N LEU A 48 -8.89 -15.66 9.40
CA LEU A 48 -9.50 -14.87 10.45
C LEU A 48 -8.92 -15.32 11.78
N ARG A 49 -7.59 -15.19 11.92
CA ARG A 49 -6.89 -15.52 13.16
C ARG A 49 -6.41 -14.27 13.88
N MET A 50 -7.06 -13.15 13.62
CA MET A 50 -6.69 -11.89 14.22
C MET A 50 -7.90 -11.04 14.55
N PRO A 51 -7.72 -10.05 15.44
CA PRO A 51 -8.79 -9.14 15.83
C PRO A 51 -9.04 -8.10 14.71
N GLY A 52 -9.57 -8.58 13.60
CA GLY A 52 -9.91 -7.74 12.48
C GLY A 52 -11.39 -7.49 12.45
N ASP A 53 -12.12 -7.64 13.56
CA ASP A 53 -13.57 -7.42 13.61
C ASP A 53 -13.89 -6.03 13.06
N GLU A 54 -13.10 -5.04 13.46
CA GLU A 54 -13.27 -3.66 12.99
C GLU A 54 -12.60 -3.49 11.62
N ASN A 55 -13.12 -4.17 10.61
CA ASN A 55 -12.62 -4.06 9.27
C ASN A 55 -13.71 -3.54 8.37
N GLN A 56 -13.32 -2.86 7.29
CA GLN A 56 -14.27 -2.35 6.33
C GLN A 56 -15.26 -3.43 5.90
N GLN A 57 -16.54 -3.08 5.92
CA GLN A 57 -17.58 -4.04 5.60
C GLN A 57 -18.57 -3.39 4.66
N GLN A 58 -18.70 -3.92 3.45
CA GLN A 58 -19.62 -3.42 2.44
C GLN A 58 -19.45 -4.19 1.14
N GLU A 59 -18.36 -3.91 0.43
CA GLU A 59 -18.09 -4.48 -0.88
C GLU A 59 -16.59 -4.66 -1.06
N SER A 60 -15.93 -5.04 0.02
CA SER A 60 -14.49 -5.21 -0.01
C SER A 60 -14.05 -5.82 1.31
N GLN A 61 -14.43 -7.07 1.55
CA GLN A 61 -14.02 -7.75 2.78
C GLN A 61 -12.54 -8.07 2.73
N GLN A 62 -11.97 -8.24 1.54
CA GLN A 62 -10.58 -8.53 1.41
C GLN A 62 -9.75 -7.34 1.73
N LEU A 63 -10.20 -6.11 1.51
CA LEU A 63 -9.49 -4.87 1.88
C LEU A 63 -9.13 -4.88 3.35
N GLN A 64 -9.80 -5.66 4.18
CA GLN A 64 -9.38 -5.94 5.54
C GLN A 64 -7.89 -6.32 5.64
N GLN A 65 -7.35 -7.01 4.66
CA GLN A 65 -5.98 -7.38 4.59
C GLN A 65 -5.14 -6.16 4.36
N CYS A 66 -5.57 -5.15 3.62
CA CYS A 66 -4.87 -3.90 3.44
C CYS A 66 -4.95 -3.11 4.73
N CYS A 67 -6.11 -2.90 5.34
CA CYS A 67 -6.20 -2.16 6.59
C CYS A 67 -5.36 -2.81 7.67
N ASN A 68 -5.52 -4.13 7.85
CA ASN A 68 -4.70 -4.88 8.79
C ASN A 68 -3.22 -4.80 8.42
N GLN A 69 -2.93 -4.64 7.13
CA GLN A 69 -1.57 -4.48 6.64
C GLN A 69 -0.98 -3.12 6.99
N VAL A 70 -1.78 -2.07 6.84
CA VAL A 70 -1.37 -0.73 7.13
C VAL A 70 -1.41 -0.53 8.63
N LYS A 71 -2.04 -1.43 9.38
CA LYS A 71 -2.03 -1.40 10.82
C LYS A 71 -0.69 -1.84 11.36
N GLN A 72 0.14 -2.46 10.52
CA GLN A 72 1.49 -2.82 10.89
C GLN A 72 2.51 -1.79 10.45
N VAL A 73 2.06 -0.72 9.80
CA VAL A 73 2.92 0.36 9.38
C VAL A 73 3.45 1.14 10.57
N ARG A 74 4.49 1.95 10.33
CA ARG A 74 5.11 2.74 11.37
C ARG A 74 4.27 3.94 11.64
N ASP A 75 4.22 4.86 10.67
CA ASP A 75 3.53 6.11 10.77
C ASP A 75 4.16 7.12 9.83
N GLU A 76 5.46 7.01 9.55
CA GLU A 76 6.19 7.94 8.67
C GLU A 76 6.69 7.21 7.45
N CYS A 77 6.46 5.89 7.40
CA CYS A 77 6.81 5.06 6.29
C CYS A 77 5.52 4.63 5.59
N GLN A 78 4.34 5.01 6.09
CA GLN A 78 3.08 4.65 5.46
C GLN A 78 3.01 5.31 4.08
N CYS A 79 3.50 6.53 3.95
CA CYS A 79 3.37 7.25 2.72
C CYS A 79 4.39 6.71 1.77
N GLU A 80 5.69 6.78 2.11
CA GLU A 80 6.74 6.21 1.28
C GLU A 80 6.38 4.77 0.85
N ALA A 81 5.67 4.03 1.68
CA ALA A 81 5.15 2.75 1.26
C ALA A 81 4.35 2.77 -0.02
N ILE A 82 3.42 3.67 -0.18
CA ILE A 82 2.74 3.90 -1.44
C ILE A 82 3.71 4.19 -2.58
N LYS A 83 4.76 4.95 -2.34
CA LYS A 83 5.76 5.20 -3.37
C LYS A 83 6.56 3.92 -3.67
N TYR A 84 6.39 2.89 -2.89
CA TYR A 84 6.99 1.59 -3.04
C TYR A 84 6.04 0.66 -3.74
N ILE A 85 4.90 0.36 -3.12
CA ILE A 85 3.98 -0.62 -3.59
C ILE A 85 3.29 -0.04 -4.78
N ALA A 86 2.74 1.16 -4.67
CA ALA A 86 2.05 1.87 -5.71
C ALA A 86 3.02 2.45 -6.70
N GLU A 87 3.98 1.65 -7.14
CA GLU A 87 5.00 2.04 -8.05
C GLU A 87 5.79 0.84 -8.54
N ASP A 88 6.32 0.03 -7.63
CA ASP A 88 7.08 -1.16 -8.00
C ASP A 88 6.19 -2.09 -8.80
N GLN A 89 4.93 -2.21 -8.39
CA GLN A 89 3.96 -2.99 -9.09
C GLN A 89 3.74 -2.43 -10.47
N ILE A 90 3.80 -1.14 -10.73
CA ILE A 90 3.66 -0.54 -12.05
C ILE A 90 4.73 -1.07 -12.99
N GLN A 91 5.95 -1.22 -12.49
CA GLN A 91 7.02 -1.80 -13.28
C GLN A 91 6.97 -3.33 -13.29
N GLN A 92 6.42 -3.93 -12.23
CA GLN A 92 6.35 -5.37 -12.11
C GLN A 92 5.26 -5.90 -13.01
N GLY A 93 4.03 -5.44 -12.82
CA GLY A 93 2.89 -5.77 -13.64
C GLY A 93 2.97 -5.16 -15.04
N GLN A 94 1.90 -5.36 -15.80
CA GLN A 94 1.80 -4.80 -17.15
C GLN A 94 1.26 -3.38 -17.10
N LEU A 95 1.74 -2.56 -16.19
CA LEU A 95 1.29 -1.18 -16.11
C LEU A 95 2.14 -0.31 -17.04
N HIS A 96 3.00 -0.91 -17.85
CA HIS A 96 3.81 -0.21 -18.82
C HIS A 96 3.04 0.07 -20.12
N GLY A 97 3.70 0.70 -21.08
CA GLY A 97 3.09 1.02 -22.36
C GLY A 97 2.29 2.29 -22.23
N GLU A 98 1.15 2.23 -21.55
CA GLU A 98 0.27 3.39 -21.34
C GLU A 98 -0.91 3.01 -20.45
N GLU A 99 -0.61 2.49 -19.28
CA GLU A 99 -1.64 2.02 -18.36
C GLU A 99 -1.10 2.06 -16.93
N SER A 100 -0.13 2.96 -16.70
CA SER A 100 0.45 3.14 -15.38
C SER A 100 -0.36 4.16 -14.59
N GLU A 101 -0.84 5.20 -15.26
CA GLU A 101 -1.60 6.25 -14.58
C GLU A 101 -2.98 5.71 -14.19
N ARG A 102 -3.56 4.82 -15.01
CA ARG A 102 -4.81 4.18 -14.68
C ARG A 102 -4.69 3.34 -13.41
N VAL A 103 -3.47 2.90 -13.07
CA VAL A 103 -3.22 2.13 -11.88
C VAL A 103 -3.12 3.05 -10.67
N ALA A 104 -2.74 4.30 -10.88
CA ALA A 104 -2.67 5.27 -9.81
C ALA A 104 -4.03 5.48 -9.18
N GLN A 105 -5.07 5.59 -10.03
CA GLN A 105 -6.43 5.72 -9.55
C GLN A 105 -6.90 4.44 -8.88
N ARG A 106 -6.46 3.28 -9.40
CA ARG A 106 -6.84 1.99 -8.91
C ARG A 106 -6.44 1.88 -7.48
N ALA A 107 -5.17 2.11 -7.14
CA ALA A 107 -4.71 1.99 -5.76
C ALA A 107 -5.54 2.87 -4.85
N GLY A 108 -5.91 4.07 -5.35
CA GLY A 108 -6.84 4.96 -4.70
C GLY A 108 -8.09 4.29 -4.16
N GLU A 109 -8.59 3.26 -4.84
CA GLU A 109 -9.72 2.47 -4.41
C GLU A 109 -9.50 1.92 -3.01
N ILE A 110 -8.37 1.25 -2.79
CA ILE A 110 -8.07 0.69 -1.48
C ILE A 110 -7.68 1.79 -0.53
N VAL A 111 -7.10 2.85 -1.06
CA VAL A 111 -6.73 4.01 -0.30
C VAL A 111 -7.92 4.58 0.41
N SER A 112 -9.01 4.81 -0.33
CA SER A 112 -10.26 5.27 0.23
C SER A 112 -10.77 4.35 1.34
N SER A 113 -10.38 3.07 1.29
CA SER A 113 -10.74 2.10 2.29
C SER A 113 -9.91 2.27 3.54
N CYS A 114 -8.67 1.78 3.52
CA CYS A 114 -7.76 1.90 4.65
C CYS A 114 -6.34 2.01 4.11
N GLY A 115 -6.16 2.71 3.00
CA GLY A 115 -4.86 2.88 2.38
C GLY A 115 -4.58 4.35 2.16
N VAL A 116 -5.24 5.24 2.91
CA VAL A 116 -5.05 6.68 2.86
C VAL A 116 -3.70 7.12 3.38
N ARG A 117 -2.73 7.34 2.49
CA ARG A 117 -1.38 7.68 2.92
C ARG A 117 -0.78 8.66 1.97
N CYS A 118 -0.01 8.23 0.98
CA CYS A 118 0.55 9.08 -0.05
C CYS A 118 -0.32 9.05 -1.30
N MET A 119 -1.40 8.27 -1.25
CA MET A 119 -2.33 8.17 -2.34
C MET A 119 -3.53 9.10 -2.16
N ARG A 120 -3.50 9.92 -1.11
CA ARG A 120 -4.54 10.88 -0.82
C ARG A 120 -3.98 11.97 0.05
N GLN A 121 -3.43 11.59 1.20
CA GLN A 121 -2.87 12.53 2.14
C GLN A 121 -1.36 12.67 1.94
N THR A 122 -0.73 13.36 2.89
CA THR A 122 0.70 13.61 2.87
C THR A 122 1.38 12.56 3.74
N ARG A 123 2.64 12.81 4.09
CA ARG A 123 3.43 11.92 4.92
C ARG A 123 3.12 12.22 6.35
N THR A 124 2.09 11.58 6.91
CA THR A 124 1.67 11.69 8.31
C THR A 124 2.80 11.78 9.32
N ASN A 125 3.40 10.63 9.69
CA ASN A 125 4.59 10.51 10.51
C ASN A 125 4.20 10.76 11.98
N ALA A 1 -0.17 -2.96 19.52
CA ALA A 1 -1.08 -1.96 18.95
C ALA A 1 -0.63 -1.62 17.54
N GLU A 2 0.64 -1.26 17.40
CA GLU A 2 1.20 -0.90 16.11
C GLU A 2 2.63 -1.40 16.01
N PHE A 3 3.57 -0.61 16.56
CA PHE A 3 4.97 -0.93 16.52
C PHE A 3 5.78 0.04 17.37
N MET A 4 7.09 -0.19 17.42
CA MET A 4 8.00 0.67 18.15
C MET A 4 8.73 1.63 17.25
N GLU A 5 9.70 2.35 17.83
CA GLU A 5 10.52 3.27 17.09
C GLU A 5 11.93 2.74 16.95
N SER A 6 12.67 3.28 15.98
CA SER A 6 14.04 2.88 15.72
C SER A 6 14.53 3.52 14.43
N LYS A 7 15.86 3.65 14.31
CA LYS A 7 16.48 4.22 13.13
C LYS A 7 17.98 3.98 13.19
N GLY A 8 18.65 4.18 12.05
CA GLY A 8 20.08 3.99 11.96
C GLY A 8 20.43 2.55 11.61
N GLU A 9 20.80 2.33 10.35
CA GLU A 9 21.19 1.00 9.91
C GLU A 9 21.89 1.09 8.55
N ARG A 10 21.19 1.68 7.56
CA ARG A 10 21.73 1.86 6.23
C ARG A 10 20.99 2.95 5.48
N GLU A 11 21.61 3.46 4.44
CA GLU A 11 21.01 4.49 3.62
C GLU A 11 20.15 3.87 2.51
N GLY A 12 19.87 4.65 1.47
CA GLY A 12 19.10 4.20 0.33
C GLY A 12 18.16 5.30 -0.13
N SER A 13 17.20 4.91 -0.96
CA SER A 13 16.19 5.83 -1.48
C SER A 13 14.99 5.91 -0.55
N SER A 14 15.23 5.71 0.75
CA SER A 14 14.17 5.73 1.73
C SER A 14 14.77 5.83 3.13
N SER A 15 13.92 5.70 4.15
CA SER A 15 14.34 5.73 5.54
C SER A 15 15.43 4.69 5.79
N GLN A 16 15.71 4.42 7.07
CA GLN A 16 16.71 3.44 7.44
C GLN A 16 16.63 2.22 6.53
N GLN A 17 15.46 1.58 6.49
CA GLN A 17 15.24 0.42 5.65
C GLN A 17 13.80 -0.05 5.77
N CYS A 18 12.86 0.89 5.63
CA CYS A 18 11.46 0.57 5.72
C CYS A 18 11.08 -0.04 4.42
N ARG A 19 11.55 0.40 3.27
CA ARG A 19 11.24 -0.15 1.97
C ARG A 19 11.23 -1.66 2.03
N GLN A 20 12.01 -2.28 2.90
CA GLN A 20 12.00 -3.69 3.11
C GLN A 20 10.77 -4.16 3.86
N GLU A 21 10.66 -3.82 5.13
CA GLU A 21 9.52 -4.19 5.96
C GLU A 21 8.23 -3.69 5.36
N VAL A 22 8.26 -2.62 4.59
CA VAL A 22 7.15 -2.03 3.91
C VAL A 22 6.61 -3.03 2.92
N GLN A 23 7.45 -3.91 2.41
CA GLN A 23 7.06 -4.96 1.51
C GLN A 23 6.27 -6.05 2.23
N ARG A 24 6.10 -5.90 3.55
CA ARG A 24 5.42 -6.85 4.38
C ARG A 24 4.95 -6.18 5.67
N LYS A 25 4.29 -5.03 5.54
CA LYS A 25 3.79 -4.30 6.68
C LYS A 25 3.01 -3.13 6.20
N ASP A 26 3.67 -2.08 5.74
CA ASP A 26 3.06 -0.86 5.29
C ASP A 26 2.19 -1.18 4.10
N LEU A 27 2.02 -0.25 3.18
CA LEU A 27 1.19 -0.40 2.02
C LEU A 27 1.77 -1.54 1.21
N SER A 28 1.42 -2.78 1.52
CA SER A 28 1.98 -3.97 0.92
C SER A 28 0.83 -4.93 0.71
N SER A 29 -0.29 -4.42 0.19
CA SER A 29 -1.44 -5.26 -0.07
C SER A 29 -2.51 -4.43 -0.73
N CYS A 30 -2.65 -3.16 -0.37
CA CYS A 30 -3.63 -2.27 -0.96
C CYS A 30 -3.47 -2.29 -2.47
N GLU A 31 -2.26 -2.00 -2.94
CA GLU A 31 -2.00 -2.02 -4.36
C GLU A 31 -1.97 -3.46 -4.87
N ARG A 32 -1.54 -4.40 -4.04
CA ARG A 32 -1.51 -5.80 -4.40
C ARG A 32 -2.91 -6.27 -4.72
N TYR A 33 -3.92 -5.84 -4.00
CA TYR A 33 -5.30 -6.22 -4.19
C TYR A 33 -5.72 -5.98 -5.63
N LEU A 34 -5.47 -4.76 -6.12
CA LEU A 34 -5.81 -4.42 -7.48
C LEU A 34 -4.81 -5.08 -8.44
N ARG A 35 -3.59 -5.35 -7.94
CA ARG A 35 -2.56 -5.97 -8.74
C ARG A 35 -2.95 -7.41 -9.01
N GLN A 36 -3.44 -8.11 -7.98
CA GLN A 36 -3.82 -9.49 -8.06
C GLN A 36 -5.20 -9.61 -8.69
N SER A 37 -5.79 -10.80 -8.58
CA SER A 37 -7.10 -11.06 -9.12
C SER A 37 -8.19 -10.61 -8.14
N SER A 38 -9.34 -11.29 -8.19
CA SER A 38 -10.46 -11.01 -7.31
C SER A 38 -10.92 -12.27 -6.62
N SER A 39 -9.97 -13.12 -6.20
CA SER A 39 -10.28 -14.35 -5.51
C SER A 39 -10.57 -14.08 -4.05
N ARG A 40 -10.59 -15.16 -3.24
CA ARG A 40 -10.81 -15.06 -1.81
C ARG A 40 -10.48 -16.37 -1.14
N ARG A 41 -9.28 -16.47 -0.59
CA ARG A 41 -8.84 -17.66 0.13
C ARG A 41 -7.44 -17.46 0.67
N SER A 42 -7.10 -18.22 1.69
CA SER A 42 -5.78 -18.17 2.28
C SER A 42 -5.63 -19.27 3.30
N THR A 43 -4.43 -19.83 3.38
CA THR A 43 -4.11 -20.92 4.28
C THR A 43 -4.09 -20.42 5.73
N GLY A 44 -5.20 -20.61 6.42
CA GLY A 44 -5.32 -20.19 7.81
C GLY A 44 -6.51 -20.85 8.47
N GLU A 45 -7.47 -20.05 8.90
CA GLU A 45 -8.68 -20.56 9.53
C GLU A 45 -9.74 -19.48 9.60
N GLU A 46 -9.40 -18.33 10.18
CA GLU A 46 -10.32 -17.23 10.31
C GLU A 46 -9.58 -15.92 10.13
N VAL A 47 -9.97 -15.16 9.11
CA VAL A 47 -9.35 -13.88 8.81
C VAL A 47 -9.90 -12.81 9.73
N LEU A 48 -9.85 -13.06 11.04
CA LEU A 48 -10.35 -12.16 12.06
C LEU A 48 -9.95 -12.70 13.44
N ARG A 49 -8.80 -13.32 13.54
CA ARG A 49 -8.31 -13.87 14.80
C ARG A 49 -7.55 -12.79 15.57
N MET A 50 -7.90 -11.53 15.36
CA MET A 50 -7.25 -10.44 16.05
C MET A 50 -8.26 -9.39 16.51
N PRO A 51 -9.19 -9.80 17.38
CA PRO A 51 -10.20 -8.91 17.92
C PRO A 51 -9.62 -7.91 18.91
N GLY A 52 -8.84 -6.95 18.40
CA GLY A 52 -8.22 -5.94 19.22
C GLY A 52 -8.66 -4.55 18.80
N ASP A 53 -9.44 -4.46 17.71
CA ASP A 53 -9.87 -3.19 17.17
C ASP A 53 -10.54 -3.40 15.86
N GLU A 54 -11.84 -3.23 15.74
CA GLU A 54 -12.58 -3.39 14.50
C GLU A 54 -11.75 -2.95 13.29
N ASN A 55 -11.33 -3.93 12.49
CA ASN A 55 -10.49 -3.65 11.34
C ASN A 55 -11.29 -3.90 10.07
N GLN A 56 -12.59 -3.63 10.13
CA GLN A 56 -13.47 -3.85 9.02
C GLN A 56 -13.86 -2.53 8.38
N GLN A 57 -14.41 -2.61 7.16
CA GLN A 57 -14.84 -1.43 6.44
C GLN A 57 -16.31 -1.55 6.09
N GLN A 58 -16.73 -2.74 5.65
CA GLN A 58 -18.11 -3.01 5.29
C GLN A 58 -18.25 -4.43 4.77
N GLU A 59 -17.45 -4.79 3.76
CA GLU A 59 -17.51 -6.10 3.17
C GLU A 59 -16.42 -6.26 2.11
N SER A 60 -15.23 -6.65 2.52
CA SER A 60 -14.14 -6.82 1.60
C SER A 60 -12.99 -7.47 2.32
N GLN A 61 -13.02 -8.81 2.42
CA GLN A 61 -11.96 -9.56 3.09
C GLN A 61 -10.59 -9.13 2.57
N GLN A 62 -10.51 -8.77 1.29
CA GLN A 62 -9.28 -8.33 0.68
C GLN A 62 -8.93 -6.94 1.16
N LEU A 63 -9.77 -5.95 0.89
CA LEU A 63 -9.54 -4.58 1.32
C LEU A 63 -9.21 -4.56 2.82
N GLN A 64 -9.70 -5.54 3.57
CA GLN A 64 -9.39 -5.69 4.97
C GLN A 64 -7.92 -5.93 5.15
N GLN A 65 -7.28 -6.77 4.35
CA GLN A 65 -5.87 -7.03 4.40
C GLN A 65 -5.10 -5.76 4.24
N CYS A 66 -5.57 -4.79 3.45
CA CYS A 66 -4.90 -3.53 3.28
C CYS A 66 -5.01 -2.76 4.56
N CYS A 67 -6.19 -2.62 5.15
CA CYS A 67 -6.36 -1.92 6.40
C CYS A 67 -5.56 -2.61 7.47
N ASN A 68 -5.63 -3.92 7.59
CA ASN A 68 -4.87 -4.70 8.54
C ASN A 68 -3.39 -4.54 8.27
N GLN A 69 -3.03 -4.29 7.01
CA GLN A 69 -1.66 -4.11 6.60
C GLN A 69 -1.18 -2.73 6.98
N VAL A 70 -1.98 -1.70 6.70
CA VAL A 70 -1.65 -0.33 6.98
C VAL A 70 -1.84 -0.11 8.46
N LYS A 71 -2.53 -1.00 9.17
CA LYS A 71 -2.74 -0.92 10.59
C LYS A 71 -1.47 -1.36 11.30
N GLN A 72 -0.69 -2.22 10.65
CA GLN A 72 0.56 -2.68 11.19
C GLN A 72 1.68 -1.87 10.62
N VAL A 73 1.45 -0.77 9.94
CA VAL A 73 2.48 0.07 9.37
C VAL A 73 3.22 0.81 10.46
N ARG A 74 4.42 1.29 10.12
CA ARG A 74 5.26 2.00 11.07
C ARG A 74 4.62 3.33 11.41
N ASP A 75 4.66 4.28 10.47
CA ASP A 75 4.10 5.60 10.66
C ASP A 75 4.54 6.52 9.54
N GLU A 76 5.79 6.96 9.57
CA GLU A 76 6.32 7.86 8.56
C GLU A 76 6.68 7.02 7.35
N CYS A 77 6.50 5.70 7.39
CA CYS A 77 6.74 4.82 6.28
C CYS A 77 5.45 4.68 5.48
N GLN A 78 4.36 5.35 5.88
CA GLN A 78 3.09 5.29 5.21
C GLN A 78 3.26 5.67 3.77
N CYS A 79 3.34 6.95 3.45
CA CYS A 79 3.48 7.42 2.09
C CYS A 79 4.61 6.69 1.43
N GLU A 80 5.79 6.67 2.05
CA GLU A 80 6.95 5.95 1.52
C GLU A 80 6.56 4.55 1.03
N ALA A 81 5.57 3.94 1.65
CA ALA A 81 5.01 2.68 1.24
C ALA A 81 4.36 2.81 -0.11
N ILE A 82 3.43 3.72 -0.31
CA ILE A 82 2.81 3.99 -1.59
C ILE A 82 3.85 4.35 -2.62
N LYS A 83 4.91 5.05 -2.23
CA LYS A 83 5.98 5.41 -3.15
C LYS A 83 6.77 4.18 -3.53
N TYR A 84 6.49 3.06 -2.88
CA TYR A 84 7.13 1.80 -3.11
C TYR A 84 6.19 0.84 -3.81
N ILE A 85 5.13 0.41 -3.11
CA ILE A 85 4.18 -0.54 -3.60
C ILE A 85 3.55 0.05 -4.84
N ALA A 86 3.00 1.26 -4.77
CA ALA A 86 2.36 1.92 -5.87
C ALA A 86 3.45 2.46 -6.78
N GLU A 87 4.34 1.59 -7.23
CA GLU A 87 5.41 1.95 -8.12
C GLU A 87 6.17 0.71 -8.58
N ASP A 88 6.63 -0.12 -7.64
CA ASP A 88 7.40 -1.31 -7.95
C ASP A 88 6.52 -2.20 -8.80
N GLN A 89 5.28 -2.45 -8.36
CA GLN A 89 4.36 -3.27 -9.10
C GLN A 89 4.00 -2.56 -10.37
N ILE A 90 3.99 -1.25 -10.45
CA ILE A 90 3.68 -0.50 -11.63
C ILE A 90 4.71 -0.82 -12.72
N GLN A 91 5.99 -0.83 -12.35
CA GLN A 91 7.05 -1.13 -13.28
C GLN A 91 7.14 -2.63 -13.52
N GLN A 92 6.92 -3.41 -12.47
CA GLN A 92 6.99 -4.85 -12.55
C GLN A 92 5.83 -5.37 -13.38
N GLY A 93 4.60 -5.04 -13.00
CA GLY A 93 3.40 -5.42 -13.69
C GLY A 93 3.31 -4.73 -15.04
N GLN A 94 2.20 -4.97 -15.72
CA GLN A 94 1.95 -4.37 -17.03
C GLN A 94 1.29 -3.02 -16.88
N LEU A 95 1.72 -2.23 -15.91
CA LEU A 95 1.17 -0.92 -15.65
C LEU A 95 1.96 0.08 -16.47
N HIS A 96 2.77 -0.35 -17.41
CA HIS A 96 3.54 0.53 -18.27
C HIS A 96 2.87 0.70 -19.61
N GLY A 97 3.51 1.43 -20.51
CA GLY A 97 2.98 1.68 -21.84
C GLY A 97 2.04 2.87 -21.83
N GLU A 98 0.93 2.74 -21.10
CA GLU A 98 -0.06 3.80 -21.00
C GLU A 98 -1.19 3.37 -20.07
N GLU A 99 -0.85 2.65 -19.02
CA GLU A 99 -1.82 2.14 -18.07
C GLU A 99 -1.26 2.26 -16.67
N SER A 100 -0.21 3.06 -16.49
CA SER A 100 0.41 3.26 -15.18
C SER A 100 -0.44 4.19 -14.35
N GLU A 101 -1.08 5.15 -15.01
CA GLU A 101 -1.88 6.13 -14.31
C GLU A 101 -3.17 5.48 -13.87
N ARG A 102 -3.81 4.69 -14.73
CA ARG A 102 -5.04 3.99 -14.37
C ARG A 102 -4.81 3.15 -13.12
N VAL A 103 -3.57 2.79 -12.83
CA VAL A 103 -3.22 2.02 -11.67
C VAL A 103 -3.18 2.90 -10.45
N ALA A 104 -2.91 4.19 -10.62
CA ALA A 104 -2.89 5.16 -9.55
C ALA A 104 -4.27 5.25 -8.92
N GLN A 105 -5.32 5.33 -9.74
CA GLN A 105 -6.68 5.40 -9.25
C GLN A 105 -7.10 4.05 -8.68
N ARG A 106 -6.55 2.95 -9.24
CA ARG A 106 -6.88 1.62 -8.81
C ARG A 106 -6.61 1.51 -7.33
N ALA A 107 -5.38 1.82 -6.90
CA ALA A 107 -4.99 1.65 -5.52
C ALA A 107 -5.78 2.65 -4.70
N GLY A 108 -6.07 3.82 -5.29
CA GLY A 108 -6.87 4.84 -4.67
C GLY A 108 -8.12 4.26 -4.02
N GLU A 109 -8.74 3.28 -4.67
CA GLU A 109 -9.91 2.63 -4.13
C GLU A 109 -9.67 2.14 -2.71
N ILE A 110 -8.59 1.39 -2.52
CA ILE A 110 -8.24 0.82 -1.23
C ILE A 110 -7.73 1.92 -0.35
N VAL A 111 -7.09 2.92 -0.96
CA VAL A 111 -6.57 4.06 -0.25
C VAL A 111 -7.69 4.75 0.49
N SER A 112 -8.74 5.15 -0.24
CA SER A 112 -9.89 5.79 0.35
C SER A 112 -10.49 4.91 1.44
N SER A 113 -10.25 3.60 1.36
CA SER A 113 -10.73 2.66 2.33
C SER A 113 -9.89 2.73 3.59
N CYS A 114 -8.69 2.13 3.57
CA CYS A 114 -7.80 2.14 4.70
C CYS A 114 -6.38 2.11 4.17
N GLY A 115 -6.10 2.84 3.09
CA GLY A 115 -4.79 2.90 2.48
C GLY A 115 -4.43 4.34 2.17
N VAL A 116 -4.99 5.29 2.91
CA VAL A 116 -4.73 6.71 2.76
C VAL A 116 -3.36 7.10 3.23
N ARG A 117 -2.44 7.40 2.32
CA ARG A 117 -1.06 7.68 2.67
C ARG A 117 -0.53 8.67 1.72
N CYS A 118 -0.21 8.31 0.51
CA CYS A 118 0.32 9.19 -0.53
C CYS A 118 -0.65 9.19 -1.70
N MET A 119 -1.67 8.34 -1.63
CA MET A 119 -2.67 8.23 -2.67
C MET A 119 -3.91 9.05 -2.35
N ARG A 120 -3.82 9.88 -1.32
CA ARG A 120 -4.91 10.74 -0.90
C ARG A 120 -4.39 11.90 -0.08
N GLN A 121 -3.45 11.61 0.81
CA GLN A 121 -2.87 12.62 1.68
C GLN A 121 -1.36 12.52 1.66
N THR A 122 -0.72 13.16 2.62
CA THR A 122 0.71 13.17 2.76
C THR A 122 1.17 12.05 3.68
N ARG A 123 2.43 12.05 4.07
CA ARG A 123 3.00 11.02 4.93
C ARG A 123 2.25 10.90 6.24
N THR A 124 1.16 10.14 6.24
CA THR A 124 0.24 10.09 7.37
C THR A 124 -1.15 9.60 6.95
N ASN A 125 -1.85 8.99 7.91
CA ASN A 125 -3.23 8.56 7.70
C ASN A 125 -4.17 9.77 7.41
N ALA A 1 23.28 42.74 -20.36
CA ALA A 1 23.40 43.68 -19.24
C ALA A 1 22.38 43.29 -18.17
N GLU A 2 22.48 42.07 -17.66
CA GLU A 2 21.57 41.59 -16.62
C GLU A 2 22.22 40.46 -15.85
N PHE A 3 21.63 40.10 -14.71
CA PHE A 3 22.17 39.07 -13.84
C PHE A 3 21.05 38.54 -12.94
N MET A 4 20.65 37.29 -13.13
CA MET A 4 19.64 36.65 -12.32
C MET A 4 20.01 35.21 -12.04
N GLU A 5 19.31 34.59 -11.10
CA GLU A 5 19.47 33.20 -10.76
C GLU A 5 18.14 32.47 -10.83
N SER A 6 18.20 31.14 -10.79
CA SER A 6 17.03 30.28 -10.85
C SER A 6 17.47 28.84 -11.01
N LYS A 7 16.89 27.94 -10.22
CA LYS A 7 17.15 26.51 -10.29
C LYS A 7 16.05 25.74 -9.57
N GLY A 8 16.11 24.42 -9.63
CA GLY A 8 15.10 23.58 -9.02
C GLY A 8 15.35 22.13 -9.40
N GLU A 9 16.03 21.39 -8.54
CA GLU A 9 16.29 19.98 -8.76
C GLU A 9 16.21 19.23 -7.43
N ARG A 10 15.71 18.00 -7.48
CA ARG A 10 15.64 17.12 -6.31
C ARG A 10 15.53 15.68 -6.75
N GLU A 11 15.73 14.77 -5.81
CA GLU A 11 15.58 13.35 -6.06
C GLU A 11 14.95 12.68 -4.85
N GLY A 12 14.32 11.53 -5.08
CA GLY A 12 13.72 10.71 -4.02
C GLY A 12 14.69 10.48 -2.84
N SER A 13 14.13 10.33 -1.65
CA SER A 13 14.94 10.15 -0.44
C SER A 13 14.03 9.54 0.61
N SER A 14 13.82 8.23 0.49
CA SER A 14 13.08 7.51 1.52
C SER A 14 13.75 7.62 2.88
N SER A 15 13.04 7.15 3.93
CA SER A 15 13.58 7.09 5.28
C SER A 15 14.87 6.28 5.33
N GLN A 16 15.43 6.07 6.53
CA GLN A 16 16.69 5.34 6.70
C GLN A 16 16.78 4.10 5.79
N GLN A 17 15.87 3.16 6.01
CA GLN A 17 15.78 1.91 5.25
C GLN A 17 14.39 1.30 5.43
N CYS A 18 13.39 2.17 5.49
CA CYS A 18 12.03 1.67 5.59
C CYS A 18 11.66 1.05 4.27
N ARG A 19 12.01 1.67 3.13
CA ARG A 19 11.71 1.12 1.78
C ARG A 19 11.98 -0.38 1.63
N GLN A 20 12.92 -0.88 2.41
CA GLN A 20 13.23 -2.30 2.52
C GLN A 20 12.08 -3.06 3.16
N GLU A 21 11.91 -2.97 4.48
CA GLU A 21 10.80 -3.65 5.13
C GLU A 21 9.44 -3.21 4.61
N VAL A 22 9.31 -2.00 4.08
CA VAL A 22 8.09 -1.45 3.51
C VAL A 22 7.63 -2.30 2.35
N GLN A 23 8.56 -2.84 1.57
CA GLN A 23 8.19 -3.80 0.53
C GLN A 23 7.52 -5.08 1.05
N ARG A 24 7.54 -5.28 2.36
CA ARG A 24 7.03 -6.46 3.06
C ARG A 24 6.43 -6.11 4.42
N LYS A 25 5.98 -4.88 4.58
CA LYS A 25 5.49 -4.39 5.87
C LYS A 25 4.36 -3.44 5.68
N ASP A 26 4.69 -2.23 5.24
CA ASP A 26 3.74 -1.18 4.94
C ASP A 26 2.82 -1.59 3.81
N LEU A 27 2.18 -0.64 3.13
CA LEU A 27 1.36 -0.96 1.98
C LEU A 27 1.94 -2.09 1.12
N SER A 28 1.46 -3.31 1.35
CA SER A 28 2.05 -4.56 0.82
C SER A 28 0.89 -5.52 0.57
N SER A 29 -0.23 -4.94 0.19
CA SER A 29 -1.43 -5.71 -0.06
C SER A 29 -2.51 -4.83 -0.61
N CYS A 30 -2.59 -3.57 -0.18
CA CYS A 30 -3.57 -2.64 -0.71
C CYS A 30 -3.41 -2.45 -2.22
N GLU A 31 -2.20 -2.13 -2.65
CA GLU A 31 -1.95 -2.05 -4.08
C GLU A 31 -1.99 -3.45 -4.69
N ARG A 32 -1.40 -4.42 -4.00
CA ARG A 32 -1.39 -5.80 -4.50
C ARG A 32 -2.78 -6.33 -4.77
N TYR A 33 -3.77 -5.96 -3.98
CA TYR A 33 -5.17 -6.33 -4.11
C TYR A 33 -5.67 -6.02 -5.51
N LEU A 34 -5.36 -4.82 -6.01
CA LEU A 34 -5.76 -4.43 -7.36
C LEU A 34 -4.89 -5.13 -8.41
N ARG A 35 -3.64 -5.44 -8.04
CA ARG A 35 -2.70 -6.15 -8.90
C ARG A 35 -3.14 -7.59 -9.14
N GLN A 36 -3.45 -8.28 -8.06
CA GLN A 36 -3.88 -9.67 -8.02
C GLN A 36 -5.37 -9.73 -8.35
N SER A 37 -5.93 -10.94 -8.22
CA SER A 37 -7.34 -11.15 -8.46
C SER A 37 -8.17 -10.85 -7.19
N SER A 38 -7.72 -11.39 -6.06
CA SER A 38 -8.37 -11.19 -4.77
C SER A 38 -7.33 -11.59 -3.72
N SER A 39 -6.67 -10.60 -3.11
CA SER A 39 -5.83 -10.85 -1.92
C SER A 39 -6.38 -11.89 -0.94
N ARG A 40 -5.51 -12.52 -0.16
CA ARG A 40 -5.99 -13.53 0.79
C ARG A 40 -4.86 -13.86 1.72
N ARG A 41 -4.62 -13.00 2.70
CA ARG A 41 -3.54 -13.18 3.68
C ARG A 41 -3.51 -14.62 4.13
N SER A 42 -2.30 -15.19 4.11
CA SER A 42 -2.10 -16.56 4.54
C SER A 42 -2.10 -16.59 6.07
N THR A 43 -1.42 -17.56 6.64
CA THR A 43 -1.38 -17.82 8.08
C THR A 43 0.04 -18.16 8.48
N GLY A 44 0.77 -17.14 8.92
CA GLY A 44 2.15 -17.28 9.38
C GLY A 44 2.49 -16.35 10.52
N GLU A 45 1.49 -15.69 11.12
CA GLU A 45 1.68 -14.73 12.21
C GLU A 45 0.55 -14.87 13.23
N GLU A 46 -0.57 -14.18 12.98
CA GLU A 46 -1.74 -14.15 13.87
C GLU A 46 -3.04 -14.19 13.05
N VAL A 47 -2.95 -14.78 11.87
CA VAL A 47 -4.11 -14.90 10.97
C VAL A 47 -4.86 -16.20 11.28
N LEU A 48 -4.61 -16.78 12.45
CA LEU A 48 -5.28 -17.99 12.89
C LEU A 48 -6.39 -17.64 13.87
N ARG A 49 -7.05 -16.49 13.67
CA ARG A 49 -8.14 -16.03 14.54
C ARG A 49 -9.02 -17.21 14.93
N MET A 50 -9.65 -17.15 16.09
CA MET A 50 -10.61 -18.19 16.50
C MET A 50 -11.48 -18.74 15.36
N PRO A 51 -12.18 -17.85 14.62
CA PRO A 51 -12.94 -18.25 13.45
C PRO A 51 -12.06 -18.65 12.27
N GLY A 52 -10.92 -17.97 12.07
CA GLY A 52 -9.93 -18.25 11.03
C GLY A 52 -10.42 -17.76 9.68
N ASP A 53 -11.59 -18.24 9.28
CA ASP A 53 -12.30 -17.89 8.07
C ASP A 53 -12.44 -16.38 7.96
N GLU A 54 -13.25 -15.81 8.86
CA GLU A 54 -13.44 -14.38 8.98
C GLU A 54 -12.62 -13.79 10.11
N ASN A 55 -12.55 -12.46 10.13
CA ASN A 55 -11.87 -11.72 11.17
C ASN A 55 -12.73 -10.58 11.67
N GLN A 56 -12.08 -9.57 12.28
CA GLN A 56 -12.70 -8.33 12.72
C GLN A 56 -13.79 -7.88 11.77
N GLN A 57 -15.05 -7.89 12.24
CA GLN A 57 -16.19 -7.61 11.38
C GLN A 57 -15.94 -6.38 10.51
N GLN A 58 -16.38 -6.43 9.26
CA GLN A 58 -16.14 -5.37 8.30
C GLN A 58 -16.74 -5.81 6.96
N GLU A 59 -17.52 -4.93 6.33
CA GLU A 59 -18.14 -5.17 5.02
C GLU A 59 -17.10 -5.11 3.88
N SER A 60 -16.06 -5.92 3.99
CA SER A 60 -14.96 -5.98 3.04
C SER A 60 -13.87 -6.89 3.59
N GLN A 61 -14.02 -8.21 3.46
CA GLN A 61 -13.00 -9.15 3.91
C GLN A 61 -11.64 -8.86 3.25
N GLN A 62 -11.68 -8.36 2.02
CA GLN A 62 -10.50 -8.03 1.26
C GLN A 62 -9.87 -6.75 1.69
N LEU A 63 -10.62 -5.65 1.63
CA LEU A 63 -10.14 -4.40 2.16
C LEU A 63 -9.72 -4.48 3.63
N GLN A 64 -10.32 -5.38 4.39
CA GLN A 64 -9.93 -5.68 5.77
C GLN A 64 -8.46 -6.10 5.81
N GLN A 65 -7.99 -6.82 4.80
CA GLN A 65 -6.60 -7.20 4.72
C GLN A 65 -5.74 -5.98 4.57
N CYS A 66 -6.15 -4.97 3.78
CA CYS A 66 -5.40 -3.74 3.63
C CYS A 66 -5.47 -2.93 4.92
N CYS A 67 -6.64 -2.72 5.51
CA CYS A 67 -6.73 -2.00 6.77
C CYS A 67 -5.92 -2.70 7.86
N ASN A 68 -5.95 -4.04 7.92
CA ASN A 68 -5.12 -4.82 8.82
C ASN A 68 -3.63 -4.74 8.43
N GLN A 69 -3.33 -4.65 7.14
CA GLN A 69 -1.96 -4.58 6.64
C GLN A 69 -1.36 -3.23 6.93
N VAL A 70 -2.05 -2.16 6.61
CA VAL A 70 -1.61 -0.82 6.96
C VAL A 70 -1.61 -0.59 8.46
N LYS A 71 -2.28 -1.46 9.22
CA LYS A 71 -2.21 -1.42 10.67
C LYS A 71 -0.87 -1.94 11.19
N GLN A 72 -0.19 -2.79 10.44
CA GLN A 72 1.15 -3.26 10.79
C GLN A 72 2.26 -2.41 10.17
N VAL A 73 1.90 -1.25 9.61
CA VAL A 73 2.83 -0.30 9.02
C VAL A 73 3.72 0.32 10.09
N ARG A 74 4.70 1.11 9.65
CA ARG A 74 5.57 1.83 10.57
C ARG A 74 4.82 2.95 11.25
N ASP A 75 4.53 4.02 10.49
CA ASP A 75 3.88 5.26 10.95
C ASP A 75 4.12 6.40 9.97
N GLU A 76 5.39 6.63 9.61
CA GLU A 76 5.82 7.67 8.67
C GLU A 76 6.31 7.07 7.35
N CYS A 77 6.41 5.74 7.30
CA CYS A 77 6.75 5.01 6.11
C CYS A 77 5.49 4.62 5.34
N GLN A 78 4.31 4.81 5.94
CA GLN A 78 3.04 4.50 5.29
C GLN A 78 2.90 5.30 3.98
N CYS A 79 3.43 6.52 3.94
CA CYS A 79 3.32 7.36 2.77
C CYS A 79 4.23 6.85 1.68
N GLU A 80 5.54 6.97 1.89
CA GLU A 80 6.55 6.49 0.97
C GLU A 80 6.31 5.05 0.52
N ALA A 81 5.67 4.26 1.38
CA ALA A 81 5.19 2.94 1.08
C ALA A 81 4.30 2.94 -0.12
N ILE A 82 3.25 3.76 -0.16
CA ILE A 82 2.51 3.95 -1.41
C ILE A 82 3.41 4.36 -2.55
N LYS A 83 4.31 5.31 -2.35
CA LYS A 83 5.22 5.72 -3.44
C LYS A 83 6.15 4.59 -3.90
N TYR A 84 6.13 3.47 -3.20
CA TYR A 84 6.90 2.27 -3.44
C TYR A 84 5.99 1.19 -3.95
N ILE A 85 5.04 0.71 -3.16
CA ILE A 85 4.13 -0.36 -3.49
C ILE A 85 3.32 -0.04 -4.74
N ALA A 86 3.06 1.25 -4.99
CA ALA A 86 2.40 1.73 -6.17
C ALA A 86 3.29 1.49 -7.35
N GLU A 87 4.32 2.32 -7.49
CA GLU A 87 5.27 2.22 -8.58
C GLU A 87 5.87 0.81 -8.68
N ASP A 88 5.93 0.07 -7.57
CA ASP A 88 6.43 -1.30 -7.45
C ASP A 88 5.69 -2.17 -8.45
N GLN A 89 4.42 -2.42 -8.13
CA GLN A 89 3.61 -3.24 -8.99
C GLN A 89 3.51 -2.66 -10.38
N ILE A 90 3.52 -1.33 -10.52
CA ILE A 90 3.48 -0.67 -11.81
C ILE A 90 4.62 -1.17 -12.69
N GLN A 91 5.80 -1.32 -12.10
CA GLN A 91 6.97 -1.82 -12.79
C GLN A 91 6.85 -3.32 -13.02
N GLN A 92 6.54 -4.08 -11.97
CA GLN A 92 6.41 -5.53 -12.05
C GLN A 92 5.39 -5.98 -13.10
N GLY A 93 4.17 -5.49 -12.94
CA GLY A 93 3.11 -5.66 -13.90
C GLY A 93 3.35 -4.91 -15.21
N GLN A 94 2.44 -5.10 -16.15
CA GLN A 94 2.52 -4.43 -17.44
C GLN A 94 1.97 -3.00 -17.36
N LEU A 95 2.18 -2.27 -16.27
CA LEU A 95 1.64 -0.91 -16.15
C LEU A 95 2.66 0.12 -16.65
N HIS A 96 3.84 -0.36 -17.04
CA HIS A 96 4.86 0.45 -17.68
C HIS A 96 4.51 0.79 -19.13
N GLY A 97 5.26 1.72 -19.70
CA GLY A 97 5.04 2.17 -21.07
C GLY A 97 4.09 3.35 -21.07
N GLU A 98 2.81 3.13 -20.70
CA GLU A 98 1.76 4.16 -20.68
C GLU A 98 0.46 3.61 -20.07
N GLU A 99 0.56 3.06 -18.87
CA GLU A 99 -0.58 2.41 -18.22
C GLU A 99 -0.33 2.33 -16.72
N SER A 100 0.50 3.24 -16.21
CA SER A 100 0.85 3.33 -14.80
C SER A 100 -0.11 4.28 -14.12
N GLU A 101 -0.41 5.40 -14.77
CA GLU A 101 -1.34 6.38 -14.21
C GLU A 101 -2.75 5.77 -14.07
N ARG A 102 -3.08 4.78 -14.91
CA ARG A 102 -4.35 4.06 -14.78
C ARG A 102 -4.39 3.18 -13.52
N VAL A 103 -3.23 2.85 -12.98
CA VAL A 103 -3.11 2.05 -11.76
C VAL A 103 -3.16 2.96 -10.56
N ALA A 104 -2.72 4.21 -10.68
CA ALA A 104 -2.86 5.16 -9.59
C ALA A 104 -4.32 5.25 -9.08
N GLN A 105 -5.28 5.25 -10.01
CA GLN A 105 -6.69 5.24 -9.64
C GLN A 105 -7.13 3.91 -9.01
N ARG A 106 -6.53 2.81 -9.45
CA ARG A 106 -6.79 1.47 -8.93
C ARG A 106 -6.34 1.37 -7.50
N ALA A 107 -5.17 1.90 -7.19
CA ALA A 107 -4.70 1.90 -5.82
C ALA A 107 -5.50 2.84 -4.95
N GLY A 108 -5.87 3.99 -5.52
CA GLY A 108 -6.71 4.98 -4.90
C GLY A 108 -8.00 4.38 -4.31
N GLU A 109 -8.53 3.33 -4.93
CA GLU A 109 -9.67 2.60 -4.39
C GLU A 109 -9.41 2.12 -2.97
N ILE A 110 -8.34 1.37 -2.78
CA ILE A 110 -7.98 0.89 -1.46
C ILE A 110 -7.51 2.02 -0.55
N VAL A 111 -6.95 3.04 -1.16
CA VAL A 111 -6.52 4.21 -0.44
C VAL A 111 -7.68 4.88 0.26
N SER A 112 -8.69 5.26 -0.51
CA SER A 112 -9.93 5.83 0.03
C SER A 112 -10.59 4.93 1.05
N SER A 113 -10.33 3.63 0.99
CA SER A 113 -10.81 2.64 1.95
C SER A 113 -10.03 2.70 3.26
N CYS A 114 -8.82 2.14 3.30
CA CYS A 114 -7.96 2.14 4.48
C CYS A 114 -6.48 2.23 4.07
N GLY A 115 -6.22 2.99 3.01
CA GLY A 115 -4.89 3.14 2.45
C GLY A 115 -4.61 4.59 2.13
N VAL A 116 -5.26 5.53 2.82
CA VAL A 116 -5.10 6.98 2.68
C VAL A 116 -3.75 7.41 3.24
N ARG A 117 -2.67 6.99 2.58
CA ARG A 117 -1.32 7.23 3.06
C ARG A 117 -0.73 8.39 2.31
N CYS A 118 -0.07 8.10 1.20
CA CYS A 118 0.42 9.12 0.30
C CYS A 118 -0.39 9.19 -0.97
N MET A 119 -1.46 8.43 -1.05
CA MET A 119 -2.36 8.41 -2.19
C MET A 119 -3.57 9.31 -1.98
N ARG A 120 -3.66 9.94 -0.82
CA ARG A 120 -4.72 10.86 -0.45
C ARG A 120 -4.29 11.78 0.68
N GLN A 121 -3.67 11.21 1.71
CA GLN A 121 -3.21 11.99 2.87
C GLN A 121 -1.80 12.47 2.56
N THR A 122 -0.98 12.51 3.59
CA THR A 122 0.37 12.99 3.58
C THR A 122 1.23 12.12 4.47
N ARG A 123 2.53 12.44 4.53
CA ARG A 123 3.55 11.69 5.30
C ARG A 123 3.07 11.34 6.69
N THR A 124 3.36 12.23 7.62
CA THR A 124 2.95 12.13 9.00
C THR A 124 1.60 12.78 9.15
N ASN A 125 0.55 11.98 9.33
CA ASN A 125 -0.81 12.49 9.46
C ASN A 125 -1.09 13.65 8.48
N ALA A 1 46.01 4.92 -13.56
CA ALA A 1 45.64 6.30 -13.20
C ALA A 1 44.14 6.42 -13.09
N GLU A 2 43.59 5.88 -12.01
CA GLU A 2 42.14 5.86 -11.80
C GLU A 2 41.80 5.49 -10.35
N PHE A 3 41.28 6.45 -9.61
CA PHE A 3 40.91 6.24 -8.22
C PHE A 3 39.67 5.38 -8.11
N MET A 4 39.48 4.73 -6.96
CA MET A 4 38.32 3.90 -6.71
C MET A 4 37.04 4.69 -6.91
N GLU A 5 36.35 4.42 -7.99
CA GLU A 5 35.11 5.11 -8.30
C GLU A 5 34.25 4.22 -9.12
N SER A 6 32.98 4.58 -9.32
CA SER A 6 32.02 3.83 -10.13
C SER A 6 30.62 4.45 -9.97
N LYS A 7 30.56 5.78 -9.87
CA LYS A 7 29.27 6.47 -9.77
C LYS A 7 28.58 6.58 -11.13
N GLY A 8 27.30 6.91 -11.11
CA GLY A 8 26.52 7.05 -12.33
C GLY A 8 25.29 7.88 -12.09
N GLU A 9 24.13 7.22 -12.07
CA GLU A 9 22.87 7.90 -11.82
C GLU A 9 21.84 6.90 -11.31
N ARG A 10 20.80 7.41 -10.64
CA ARG A 10 19.71 6.59 -10.14
C ARG A 10 18.47 7.43 -9.91
N GLU A 11 17.33 6.77 -9.83
CA GLU A 11 16.06 7.44 -9.54
C GLU A 11 15.88 7.68 -8.05
N GLY A 12 14.64 7.97 -7.63
CA GLY A 12 14.27 8.09 -6.23
C GLY A 12 14.89 7.00 -5.35
N SER A 13 14.87 7.26 -4.04
CA SER A 13 15.48 6.35 -3.10
C SER A 13 14.40 5.86 -2.13
N SER A 14 14.72 5.87 -0.85
CA SER A 14 13.84 5.49 0.22
C SER A 14 14.39 5.88 1.58
N SER A 15 13.76 5.41 2.65
CA SER A 15 14.13 5.74 3.98
C SER A 15 15.45 5.08 4.24
N GLN A 16 16.23 5.67 5.15
CA GLN A 16 17.51 5.09 5.53
C GLN A 16 17.34 3.69 6.12
N GLN A 17 16.11 3.34 6.52
CA GLN A 17 15.80 2.04 7.05
C GLN A 17 14.31 1.92 7.30
N CYS A 18 13.58 1.59 6.26
CA CYS A 18 12.15 1.43 6.41
C CYS A 18 11.73 0.60 5.28
N ARG A 19 12.10 0.82 4.01
CA ARG A 19 11.73 0.01 2.86
C ARG A 19 11.79 -1.48 3.17
N GLN A 20 12.75 -1.92 3.99
CA GLN A 20 12.79 -3.26 4.51
C GLN A 20 11.50 -3.67 5.22
N GLU A 21 11.25 -3.21 6.44
CA GLU A 21 10.06 -3.55 7.16
C GLU A 21 8.80 -3.01 6.49
N VAL A 22 8.90 -1.93 5.75
CA VAL A 22 7.87 -1.21 5.06
C VAL A 22 7.38 -2.17 4.06
N GLN A 23 8.19 -2.73 3.17
CA GLN A 23 7.73 -3.66 2.14
C GLN A 23 7.29 -5.02 2.73
N ARG A 24 6.49 -5.05 3.77
CA ARG A 24 6.07 -6.22 4.46
C ARG A 24 4.72 -6.01 5.07
N LYS A 25 4.56 -4.93 5.82
CA LYS A 25 3.31 -4.59 6.45
C LYS A 25 2.73 -3.35 5.82
N ASP A 26 3.55 -2.44 5.30
CA ASP A 26 3.09 -1.30 4.52
C ASP A 26 2.09 -1.61 3.42
N LEU A 27 1.87 -0.69 2.51
CA LEU A 27 1.10 -0.98 1.35
C LEU A 27 1.71 -2.12 0.56
N SER A 28 1.58 -3.37 0.94
CA SER A 28 2.18 -4.52 0.30
C SER A 28 1.07 -5.51 0.08
N SER A 29 -0.10 -5.01 -0.34
CA SER A 29 -1.25 -5.86 -0.59
C SER A 29 -2.38 -5.02 -1.12
N CYS A 30 -2.54 -3.78 -0.65
CA CYS A 30 -3.58 -2.88 -1.12
C CYS A 30 -3.44 -2.63 -2.62
N GLU A 31 -2.20 -2.38 -3.06
CA GLU A 31 -1.95 -2.17 -4.47
C GLU A 31 -1.96 -3.51 -5.19
N ARG A 32 -1.55 -4.58 -4.51
CA ARG A 32 -1.60 -5.91 -5.07
C ARG A 32 -3.02 -6.32 -5.28
N TYR A 33 -3.99 -5.91 -4.49
CA TYR A 33 -5.39 -6.27 -4.59
C TYR A 33 -5.92 -5.92 -5.97
N LEU A 34 -5.58 -4.72 -6.45
CA LEU A 34 -5.99 -4.31 -7.77
C LEU A 34 -5.14 -5.02 -8.83
N ARG A 35 -3.90 -5.37 -8.50
CA ARG A 35 -3.02 -6.07 -9.41
C ARG A 35 -3.55 -7.47 -9.65
N GLN A 36 -3.88 -8.18 -8.58
CA GLN A 36 -4.36 -9.54 -8.59
C GLN A 36 -5.84 -9.55 -8.95
N SER A 37 -6.45 -10.73 -8.82
CA SER A 37 -7.86 -10.89 -9.11
C SER A 37 -8.69 -10.57 -7.87
N SER A 38 -8.50 -11.36 -6.81
CA SER A 38 -9.24 -11.16 -5.57
C SER A 38 -8.43 -11.74 -4.45
N SER A 39 -7.47 -10.96 -3.92
CA SER A 39 -6.62 -11.38 -2.81
C SER A 39 -7.43 -12.16 -1.76
N ARG A 40 -6.76 -12.99 -0.97
CA ARG A 40 -7.44 -13.70 0.08
C ARG A 40 -6.41 -14.30 0.98
N ARG A 41 -6.49 -14.02 2.28
CA ARG A 41 -5.55 -14.53 3.27
C ARG A 41 -5.28 -16.00 3.02
N SER A 42 -4.01 -16.38 3.04
CA SER A 42 -3.64 -17.76 2.82
C SER A 42 -4.06 -18.63 4.01
N THR A 43 -3.33 -19.73 4.20
CA THR A 43 -3.53 -20.59 5.35
C THR A 43 -3.21 -19.89 6.66
N GLY A 44 -4.01 -20.16 7.69
CA GLY A 44 -3.83 -19.59 9.00
C GLY A 44 -5.16 -19.15 9.56
N GLU A 45 -5.51 -19.70 10.71
CA GLU A 45 -6.73 -19.32 11.41
C GLU A 45 -6.60 -17.95 12.04
N GLU A 46 -5.46 -17.26 11.91
CA GLU A 46 -5.20 -15.93 12.40
C GLU A 46 -6.07 -14.86 11.70
N VAL A 47 -7.36 -15.02 11.71
CA VAL A 47 -8.28 -14.17 10.99
C VAL A 47 -9.56 -14.07 11.77
N LEU A 48 -9.47 -13.73 13.05
CA LEU A 48 -10.63 -13.70 13.93
C LEU A 48 -10.45 -12.54 14.89
N ARG A 49 -10.16 -11.34 14.33
CA ARG A 49 -9.95 -10.14 15.12
C ARG A 49 -10.90 -10.12 16.31
N MET A 50 -10.35 -9.87 17.50
CA MET A 50 -11.16 -9.75 18.69
C MET A 50 -12.34 -8.79 18.51
N PRO A 51 -12.06 -7.55 18.05
CA PRO A 51 -13.06 -6.56 17.83
C PRO A 51 -13.86 -6.86 16.58
N GLY A 52 -13.21 -7.25 15.48
CA GLY A 52 -13.81 -7.60 14.21
C GLY A 52 -15.00 -6.70 13.89
N ASP A 53 -14.71 -5.52 13.35
CA ASP A 53 -15.76 -4.58 13.04
C ASP A 53 -15.22 -3.49 12.12
N GLU A 54 -14.22 -2.75 12.60
CA GLU A 54 -13.59 -1.67 11.88
C GLU A 54 -12.72 -2.19 10.74
N ASN A 55 -13.28 -2.98 9.85
CA ASN A 55 -12.61 -3.64 8.77
C ASN A 55 -13.63 -4.06 7.75
N GLN A 56 -13.55 -3.50 6.55
CA GLN A 56 -14.46 -3.81 5.46
C GLN A 56 -14.75 -5.31 5.38
N GLN A 57 -15.93 -5.72 5.84
CA GLN A 57 -16.28 -7.13 5.94
C GLN A 57 -17.66 -7.32 5.38
N GLN A 58 -17.72 -7.64 4.08
CA GLN A 58 -18.98 -7.88 3.40
C GLN A 58 -18.74 -8.18 1.93
N GLU A 59 -18.39 -7.16 1.17
CA GLU A 59 -18.13 -7.27 -0.27
C GLU A 59 -16.72 -6.79 -0.59
N SER A 60 -15.85 -6.78 0.42
CA SER A 60 -14.48 -6.34 0.25
C SER A 60 -13.71 -6.81 1.46
N GLN A 61 -13.92 -8.03 1.92
CA GLN A 61 -13.15 -8.59 3.03
C GLN A 61 -11.65 -8.48 2.79
N GLN A 62 -11.24 -8.33 1.54
CA GLN A 62 -9.86 -8.16 1.21
C GLN A 62 -9.35 -6.78 1.61
N LEU A 63 -10.16 -5.74 1.51
CA LEU A 63 -9.80 -4.42 1.98
C LEU A 63 -9.41 -4.43 3.46
N GLN A 64 -10.00 -5.35 4.25
CA GLN A 64 -9.62 -5.53 5.63
C GLN A 64 -8.16 -5.95 5.76
N GLN A 65 -7.63 -6.65 4.76
CA GLN A 65 -6.25 -7.07 4.75
C GLN A 65 -5.38 -5.88 4.53
N CYS A 66 -5.79 -4.85 3.79
CA CYS A 66 -5.01 -3.67 3.58
C CYS A 66 -5.11 -2.84 4.82
N CYS A 67 -6.25 -2.62 5.45
CA CYS A 67 -6.35 -1.84 6.67
C CYS A 67 -5.50 -2.47 7.75
N ASN A 68 -5.66 -3.78 8.00
CA ASN A 68 -4.83 -4.49 8.95
C ASN A 68 -3.35 -4.43 8.56
N GLN A 69 -3.07 -4.39 7.26
CA GLN A 69 -1.71 -4.30 6.75
C GLN A 69 -1.13 -2.92 7.03
N VAL A 70 -1.84 -1.86 6.73
CA VAL A 70 -1.43 -0.49 6.90
C VAL A 70 -1.43 -0.20 8.39
N LYS A 71 -2.20 -0.96 9.18
CA LYS A 71 -2.20 -0.83 10.62
C LYS A 71 -0.95 -1.45 11.21
N GLN A 72 -0.27 -2.29 10.45
CA GLN A 72 0.99 -2.89 10.86
C GLN A 72 2.18 -2.04 10.42
N VAL A 73 1.96 -1.06 9.54
CA VAL A 73 2.99 -0.16 9.09
C VAL A 73 3.46 0.75 10.21
N ARG A 74 4.53 1.51 9.97
CA ARG A 74 5.04 2.46 10.94
C ARG A 74 4.05 3.57 11.15
N ASP A 75 4.05 4.55 10.25
CA ASP A 75 3.24 5.77 10.32
C ASP A 75 3.87 6.89 9.50
N GLU A 76 5.18 6.84 9.34
CA GLU A 76 5.92 7.87 8.60
C GLU A 76 6.49 7.27 7.34
N CYS A 77 6.31 5.98 7.15
CA CYS A 77 6.71 5.28 5.96
C CYS A 77 5.48 4.79 5.24
N GLN A 78 4.27 5.00 5.76
CA GLN A 78 3.03 4.58 5.12
C GLN A 78 2.92 5.26 3.76
N CYS A 79 3.29 6.52 3.63
CA CYS A 79 3.17 7.24 2.40
C CYS A 79 4.25 6.81 1.49
N GLU A 80 5.51 6.97 1.89
CA GLU A 80 6.66 6.54 1.10
C GLU A 80 6.54 5.06 0.70
N ALA A 81 5.73 4.31 1.43
CA ALA A 81 5.40 2.95 1.08
C ALA A 81 4.55 2.84 -0.19
N ILE A 82 3.57 3.71 -0.37
CA ILE A 82 2.81 3.80 -1.59
C ILE A 82 3.71 4.10 -2.77
N LYS A 83 4.75 4.90 -2.57
CA LYS A 83 5.67 5.26 -3.65
C LYS A 83 6.50 4.04 -4.02
N TYR A 84 6.42 2.99 -3.24
CA TYR A 84 7.08 1.74 -3.47
C TYR A 84 6.14 0.80 -4.18
N ILE A 85 5.03 0.44 -3.56
CA ILE A 85 4.14 -0.58 -4.08
C ILE A 85 3.48 -0.02 -5.30
N ALA A 86 2.91 1.17 -5.23
CA ALA A 86 2.27 1.86 -6.33
C ALA A 86 3.30 2.46 -7.24
N GLU A 87 4.27 1.66 -7.64
CA GLU A 87 5.34 2.05 -8.52
C GLU A 87 6.20 0.86 -8.91
N ASP A 88 6.55 0.01 -7.95
CA ASP A 88 7.39 -1.16 -8.19
C ASP A 88 6.58 -2.14 -9.02
N GLN A 89 5.31 -2.32 -8.66
CA GLN A 89 4.45 -3.19 -9.39
C GLN A 89 4.20 -2.60 -10.75
N ILE A 90 4.34 -1.30 -10.99
CA ILE A 90 4.08 -0.65 -12.25
C ILE A 90 5.09 -1.14 -13.29
N GLN A 91 6.35 -1.19 -12.88
CA GLN A 91 7.37 -1.71 -13.74
C GLN A 91 7.38 -3.23 -13.76
N GLN A 92 6.96 -3.87 -12.67
CA GLN A 92 6.92 -5.31 -12.60
C GLN A 92 5.75 -5.84 -13.42
N GLY A 93 4.55 -5.37 -13.13
CA GLY A 93 3.35 -5.73 -13.83
C GLY A 93 3.33 -5.19 -15.26
N GLN A 94 2.21 -5.38 -15.93
CA GLN A 94 2.01 -4.87 -17.28
C GLN A 94 1.49 -3.44 -17.27
N LEU A 95 2.00 -2.62 -16.37
CA LEU A 95 1.58 -1.24 -16.26
C LEU A 95 2.46 -0.36 -17.16
N HIS A 96 3.16 -0.98 -18.11
CA HIS A 96 3.99 -0.28 -19.05
C HIS A 96 3.16 0.34 -20.18
N GLY A 97 3.82 1.09 -21.05
CA GLY A 97 3.17 1.73 -22.18
C GLY A 97 2.62 3.07 -21.77
N GLU A 98 1.46 3.08 -21.13
CA GLU A 98 0.80 4.31 -20.68
C GLU A 98 -0.42 3.96 -19.83
N GLU A 99 -0.36 2.85 -19.10
CA GLU A 99 -1.46 2.41 -18.26
C GLU A 99 -0.97 2.30 -16.82
N SER A 100 0.08 3.05 -16.47
CA SER A 100 0.60 3.07 -15.10
C SER A 100 -0.18 4.04 -14.24
N GLU A 101 -0.64 5.14 -14.83
CA GLU A 101 -1.41 6.13 -14.10
C GLU A 101 -2.79 5.58 -13.74
N ARG A 102 -3.29 4.64 -14.56
CA ARG A 102 -4.60 4.06 -14.35
C ARG A 102 -4.52 3.14 -13.13
N VAL A 103 -3.33 2.65 -12.81
CA VAL A 103 -3.16 1.77 -11.68
C VAL A 103 -3.03 2.61 -10.44
N ALA A 104 -2.61 3.86 -10.56
CA ALA A 104 -2.49 4.76 -9.43
C ALA A 104 -3.88 5.07 -8.87
N GLN A 105 -4.87 5.19 -9.76
CA GLN A 105 -6.24 5.44 -9.33
C GLN A 105 -6.84 4.21 -8.67
N ARG A 106 -6.36 3.01 -9.05
CA ARG A 106 -6.88 1.77 -8.55
C ARG A 106 -6.58 1.68 -7.09
N ALA A 107 -5.33 1.83 -6.69
CA ALA A 107 -4.95 1.74 -5.31
C ALA A 107 -5.71 2.74 -4.48
N GLY A 108 -5.99 3.93 -5.03
CA GLY A 108 -6.87 4.92 -4.45
C GLY A 108 -8.15 4.34 -3.84
N GLU A 109 -8.66 3.28 -4.44
CA GLU A 109 -9.80 2.53 -3.94
C GLU A 109 -9.57 2.06 -2.51
N ILE A 110 -8.46 1.35 -2.28
CA ILE A 110 -8.13 0.80 -0.99
C ILE A 110 -7.61 1.92 -0.11
N VAL A 111 -7.05 2.95 -0.73
CA VAL A 111 -6.59 4.11 -0.02
C VAL A 111 -7.74 4.73 0.73
N SER A 112 -8.78 5.17 0.05
CA SER A 112 -9.94 5.73 0.72
C SER A 112 -10.53 4.76 1.74
N SER A 113 -10.39 3.46 1.50
CA SER A 113 -10.87 2.44 2.40
C SER A 113 -10.11 2.51 3.71
N CYS A 114 -8.84 2.14 3.70
CA CYS A 114 -8.00 2.16 4.88
C CYS A 114 -6.53 2.27 4.46
N GLY A 115 -6.25 3.03 3.43
CA GLY A 115 -4.94 3.25 2.89
C GLY A 115 -4.74 4.70 2.56
N VAL A 116 -5.32 5.62 3.33
CA VAL A 116 -5.19 7.07 3.14
C VAL A 116 -3.77 7.53 3.52
N ARG A 117 -2.76 7.07 2.81
CA ARG A 117 -1.38 7.30 3.19
C ARG A 117 -0.92 8.46 2.41
N CYS A 118 -0.28 8.27 1.26
CA CYS A 118 0.14 9.32 0.37
C CYS A 118 -0.76 9.36 -0.86
N MET A 119 -1.70 8.44 -0.95
CA MET A 119 -2.64 8.37 -2.05
C MET A 119 -3.94 9.11 -1.75
N ARG A 120 -3.97 9.86 -0.66
CA ARG A 120 -5.12 10.63 -0.24
C ARG A 120 -4.72 11.75 0.68
N GLN A 121 -3.82 11.47 1.61
CA GLN A 121 -3.35 12.44 2.56
C GLN A 121 -1.84 12.42 2.65
N THR A 122 -1.29 13.03 3.67
CA THR A 122 0.13 13.07 3.94
C THR A 122 0.54 11.91 4.82
N ARG A 123 1.76 11.94 5.37
CA ARG A 123 2.33 10.90 6.22
C ARG A 123 1.29 10.35 7.16
N THR A 124 1.12 10.90 8.34
CA THR A 124 0.14 10.48 9.32
C THR A 124 -1.27 10.72 8.82
N ASN A 125 -1.78 9.77 8.02
CA ASN A 125 -3.05 9.97 7.33
C ASN A 125 -3.30 11.46 6.93
N ALA A 1 9.93 5.09 -34.73
CA ALA A 1 9.88 6.56 -34.72
C ALA A 1 11.29 7.09 -34.80
N GLU A 2 12.12 6.76 -33.82
CA GLU A 2 13.53 7.19 -33.79
C GLU A 2 14.29 6.39 -32.77
N PHE A 3 13.84 6.42 -31.51
CA PHE A 3 14.49 5.71 -30.43
C PHE A 3 13.71 5.87 -29.15
N MET A 4 13.89 4.94 -28.21
CA MET A 4 13.25 4.99 -26.91
C MET A 4 13.74 3.84 -26.04
N GLU A 5 14.18 4.15 -24.83
CA GLU A 5 14.64 3.15 -23.89
C GLU A 5 15.08 3.83 -22.61
N SER A 6 15.23 3.04 -21.54
CA SER A 6 15.65 3.54 -20.24
C SER A 6 15.54 2.43 -19.21
N LYS A 7 16.69 1.93 -18.74
CA LYS A 7 16.74 0.89 -17.72
C LYS A 7 18.17 0.76 -17.22
N GLY A 8 18.32 0.73 -15.90
CA GLY A 8 19.63 0.61 -15.27
C GLY A 8 19.53 -0.21 -13.99
N GLU A 9 19.70 0.46 -12.86
CA GLU A 9 19.62 -0.20 -11.56
C GLU A 9 19.58 0.84 -10.45
N ARG A 10 18.82 0.54 -9.40
CA ARG A 10 18.73 1.43 -8.24
C ARG A 10 20.04 1.46 -7.47
N GLU A 11 20.10 2.36 -6.50
CA GLU A 11 21.26 2.48 -5.62
C GLU A 11 20.85 2.88 -4.20
N GLY A 12 19.64 2.47 -3.79
CA GLY A 12 19.11 2.81 -2.49
C GLY A 12 18.40 4.17 -2.54
N SER A 13 17.25 4.23 -1.89
CA SER A 13 16.45 5.46 -1.84
C SER A 13 15.24 5.25 -0.94
N SER A 14 15.49 5.14 0.35
CA SER A 14 14.43 4.96 1.34
C SER A 14 14.95 5.22 2.73
N SER A 15 14.06 5.10 3.73
CA SER A 15 14.43 5.27 5.14
C SER A 15 15.54 4.28 5.52
N GLN A 16 15.83 4.18 6.81
CA GLN A 16 16.88 3.28 7.29
C GLN A 16 16.84 1.95 6.57
N GLN A 17 15.67 1.28 6.60
CA GLN A 17 15.46 0.03 5.91
C GLN A 17 14.01 -0.41 6.05
N CYS A 18 13.11 0.56 5.94
CA CYS A 18 11.70 0.26 6.02
C CYS A 18 11.33 -0.53 4.82
N ARG A 19 11.91 -0.32 3.63
CA ARG A 19 11.63 -1.08 2.42
C ARG A 19 11.45 -2.57 2.70
N GLN A 20 12.14 -3.11 3.69
CA GLN A 20 11.99 -4.45 4.14
C GLN A 20 10.69 -4.64 4.90
N GLU A 21 10.57 -4.17 6.12
CA GLU A 21 9.36 -4.31 6.91
C GLU A 21 8.14 -3.73 6.21
N VAL A 22 8.35 -2.84 5.27
CA VAL A 22 7.37 -2.21 4.45
C VAL A 22 6.66 -3.26 3.63
N GLN A 23 7.43 -4.15 3.00
CA GLN A 23 6.81 -5.23 2.23
C GLN A 23 6.27 -6.35 3.11
N ARG A 24 5.85 -6.01 4.33
CA ARG A 24 5.37 -6.98 5.30
C ARG A 24 4.20 -6.41 6.06
N LYS A 25 4.35 -5.17 6.53
CA LYS A 25 3.32 -4.49 7.30
C LYS A 25 2.75 -3.34 6.52
N ASP A 26 3.62 -2.47 5.99
CA ASP A 26 3.23 -1.30 5.24
C ASP A 26 2.46 -1.73 4.03
N LEU A 27 2.08 -0.84 3.14
CA LEU A 27 1.36 -1.19 1.93
C LEU A 27 1.87 -2.48 1.28
N SER A 28 1.23 -3.59 1.65
CA SER A 28 1.73 -4.93 1.32
C SER A 28 0.52 -5.79 1.08
N SER A 29 -0.54 -5.17 0.57
CA SER A 29 -1.78 -5.85 0.30
C SER A 29 -2.72 -4.88 -0.34
N CYS A 30 -2.71 -3.60 -0.02
CA CYS A 30 -3.61 -2.63 -0.65
C CYS A 30 -3.36 -2.56 -2.15
N GLU A 31 -2.15 -2.15 -2.53
CA GLU A 31 -1.82 -2.07 -3.94
C GLU A 31 -1.54 -3.47 -4.48
N ARG A 32 -1.04 -4.36 -3.63
CA ARG A 32 -0.76 -5.72 -4.04
C ARG A 32 -2.03 -6.45 -4.40
N TYR A 33 -3.11 -6.21 -3.67
CA TYR A 33 -4.43 -6.78 -3.91
C TYR A 33 -4.87 -6.54 -5.33
N LEU A 34 -4.65 -5.32 -5.83
CA LEU A 34 -4.99 -4.99 -7.18
C LEU A 34 -3.99 -5.62 -8.16
N ARG A 35 -2.76 -5.85 -7.69
CA ARG A 35 -1.72 -6.48 -8.48
C ARG A 35 -2.08 -7.94 -8.73
N GLN A 36 -2.55 -8.62 -7.69
CA GLN A 36 -2.92 -10.02 -7.78
C GLN A 36 -4.31 -10.17 -8.39
N SER A 37 -4.89 -11.36 -8.25
CA SER A 37 -6.20 -11.64 -8.77
C SER A 37 -7.24 -11.19 -7.76
N SER A 38 -7.21 -11.78 -6.56
CA SER A 38 -8.19 -11.54 -5.49
C SER A 38 -8.19 -12.69 -4.48
N SER A 39 -7.00 -13.06 -4.01
CA SER A 39 -6.88 -14.14 -3.02
C SER A 39 -7.05 -13.58 -1.62
N ARG A 40 -7.65 -14.38 -0.73
CA ARG A 40 -7.85 -13.99 0.66
C ARG A 40 -8.32 -15.19 1.45
N ARG A 41 -7.62 -15.50 2.53
CA ARG A 41 -8.00 -16.59 3.42
C ARG A 41 -7.05 -16.68 4.57
N SER A 42 -7.53 -16.76 5.79
CA SER A 42 -6.67 -16.85 6.97
C SER A 42 -7.48 -17.37 8.12
N THR A 43 -7.29 -18.64 8.43
CA THR A 43 -8.04 -19.30 9.52
C THR A 43 -7.15 -20.31 10.24
N GLY A 44 -5.84 -20.29 9.94
CA GLY A 44 -4.84 -21.08 10.65
C GLY A 44 -3.58 -20.31 11.04
N GLU A 45 -2.44 -20.75 10.54
CA GLU A 45 -1.17 -20.07 10.80
C GLU A 45 -0.92 -18.94 9.80
N GLU A 46 -1.98 -18.42 9.20
CA GLU A 46 -1.86 -17.35 8.24
C GLU A 46 -1.64 -16.00 8.94
N VAL A 47 -2.04 -14.92 8.27
CA VAL A 47 -2.02 -13.56 8.78
C VAL A 47 -3.15 -13.34 9.79
N LEU A 48 -3.27 -14.23 10.75
CA LEU A 48 -4.29 -14.13 11.80
C LEU A 48 -3.61 -14.28 13.17
N ARG A 49 -2.36 -13.87 13.27
CA ARG A 49 -1.63 -13.97 14.52
C ARG A 49 -1.54 -12.66 15.26
N MET A 50 -2.52 -11.78 15.04
CA MET A 50 -2.50 -10.41 15.56
C MET A 50 -3.61 -9.58 14.90
N PRO A 51 -3.62 -9.51 13.56
CA PRO A 51 -4.61 -8.74 12.81
C PRO A 51 -5.97 -9.44 12.82
N GLY A 52 -6.71 -9.28 13.91
CA GLY A 52 -8.01 -9.90 14.06
C GLY A 52 -8.65 -9.53 15.38
N ASP A 53 -9.33 -8.38 15.40
CA ASP A 53 -10.03 -7.91 16.59
C ASP A 53 -10.76 -6.59 16.26
N GLU A 54 -9.98 -5.56 15.92
CA GLU A 54 -10.50 -4.24 15.62
C GLU A 54 -10.46 -4.02 14.12
N ASN A 55 -11.42 -4.65 13.44
CA ASN A 55 -11.54 -4.53 12.01
C ASN A 55 -12.98 -4.18 11.64
N GLN A 56 -13.16 -3.23 10.74
CA GLN A 56 -14.49 -2.89 10.28
C GLN A 56 -14.91 -3.79 9.14
N GLN A 57 -16.21 -4.09 9.07
CA GLN A 57 -16.77 -4.93 8.03
C GLN A 57 -17.91 -4.20 7.34
N GLN A 58 -17.72 -3.86 6.07
CA GLN A 58 -18.74 -3.17 5.30
C GLN A 58 -19.15 -4.02 4.11
N GLU A 59 -18.34 -4.01 3.06
CA GLU A 59 -18.63 -4.76 1.84
C GLU A 59 -17.36 -5.04 1.06
N SER A 60 -16.29 -5.39 1.77
CA SER A 60 -15.00 -5.67 1.14
C SER A 60 -14.07 -6.27 2.18
N GLN A 61 -14.14 -7.59 2.36
CA GLN A 61 -13.26 -8.27 3.30
C GLN A 61 -11.79 -8.22 2.80
N GLN A 62 -11.59 -7.96 1.52
CA GLN A 62 -10.25 -7.87 0.95
C GLN A 62 -9.57 -6.59 1.41
N LEU A 63 -10.34 -5.50 1.47
CA LEU A 63 -9.82 -4.22 1.92
C LEU A 63 -9.52 -4.28 3.41
N GLN A 64 -10.23 -5.12 4.17
CA GLN A 64 -9.96 -5.31 5.58
C GLN A 64 -8.51 -5.73 5.79
N GLN A 65 -7.95 -6.47 4.83
CA GLN A 65 -6.58 -6.88 4.91
C GLN A 65 -5.66 -5.69 4.71
N CYS A 66 -6.05 -4.69 3.92
CA CYS A 66 -5.28 -3.49 3.72
C CYS A 66 -5.38 -2.63 4.96
N CYS A 67 -6.55 -2.40 5.53
CA CYS A 67 -6.68 -1.60 6.74
C CYS A 67 -5.87 -2.21 7.86
N ASN A 68 -6.07 -3.51 8.11
CA ASN A 68 -5.28 -4.24 9.09
C ASN A 68 -3.79 -4.22 8.75
N GLN A 69 -3.46 -4.06 7.48
CA GLN A 69 -2.09 -3.99 7.01
C GLN A 69 -1.50 -2.61 7.27
N VAL A 70 -2.22 -1.55 6.93
CA VAL A 70 -1.81 -0.18 7.13
C VAL A 70 -1.87 0.14 8.62
N LYS A 71 -2.58 -0.67 9.41
CA LYS A 71 -2.63 -0.52 10.85
C LYS A 71 -1.33 -0.99 11.47
N GLN A 72 -0.60 -1.86 10.77
CA GLN A 72 0.69 -2.33 11.22
C GLN A 72 1.79 -1.52 10.58
N VAL A 73 1.51 -0.42 9.90
CA VAL A 73 2.51 0.40 9.27
C VAL A 73 3.35 1.07 10.32
N ARG A 74 4.66 1.20 10.05
CA ARG A 74 5.60 1.82 10.95
C ARG A 74 4.99 3.01 11.63
N ASP A 75 4.71 4.04 10.84
CA ASP A 75 4.09 5.27 11.29
C ASP A 75 4.30 6.32 10.26
N GLU A 76 5.44 6.29 9.54
CA GLU A 76 5.87 7.26 8.54
C GLU A 76 6.44 6.56 7.31
N CYS A 77 6.32 5.24 7.27
CA CYS A 77 6.75 4.46 6.13
C CYS A 77 5.54 4.11 5.28
N GLN A 78 4.33 4.46 5.71
CA GLN A 78 3.12 4.19 4.98
C GLN A 78 3.15 4.96 3.66
N CYS A 79 3.67 6.17 3.62
CA CYS A 79 3.73 6.94 2.41
C CYS A 79 4.79 6.38 1.50
N GLU A 80 6.06 6.39 1.93
CA GLU A 80 7.16 5.82 1.16
C GLU A 80 6.85 4.39 0.70
N ALA A 81 6.00 3.69 1.45
CA ALA A 81 5.52 2.38 1.10
C ALA A 81 4.70 2.39 -0.16
N ILE A 82 3.87 3.41 -0.38
CA ILE A 82 3.08 3.60 -1.59
C ILE A 82 4.01 3.77 -2.77
N LYS A 83 5.00 4.64 -2.70
CA LYS A 83 5.96 4.78 -3.80
C LYS A 83 6.83 3.53 -3.92
N TYR A 84 6.75 2.62 -2.96
CA TYR A 84 7.42 1.33 -2.94
C TYR A 84 6.49 0.18 -3.35
N ILE A 85 5.34 0.50 -3.92
CA ILE A 85 4.39 -0.51 -4.31
C ILE A 85 3.52 0.03 -5.42
N ALA A 86 2.83 1.14 -5.23
CA ALA A 86 2.01 1.80 -6.21
C ALA A 86 2.90 2.19 -7.37
N GLU A 87 3.89 3.03 -7.17
CA GLU A 87 4.77 3.44 -8.24
C GLU A 87 5.69 2.29 -8.63
N ASP A 88 6.14 1.50 -7.65
CA ASP A 88 7.02 0.37 -7.92
C ASP A 88 6.36 -0.56 -8.88
N GLN A 89 5.18 -1.09 -8.55
CA GLN A 89 4.43 -1.98 -9.38
C GLN A 89 4.11 -1.26 -10.66
N ILE A 90 3.81 0.03 -10.67
CA ILE A 90 3.48 0.78 -11.86
C ILE A 90 4.67 0.75 -12.81
N GLN A 91 5.88 0.90 -12.28
CA GLN A 91 7.09 0.86 -13.07
C GLN A 91 7.46 -0.57 -13.43
N GLN A 92 7.37 -1.48 -12.48
CA GLN A 92 7.71 -2.87 -12.63
C GLN A 92 6.73 -3.55 -13.57
N GLY A 93 5.46 -3.58 -13.19
CA GLY A 93 4.38 -4.09 -13.99
C GLY A 93 4.27 -3.38 -15.34
N GLN A 94 3.32 -3.83 -16.14
CA GLN A 94 3.08 -3.23 -17.45
C GLN A 94 2.16 -2.04 -17.32
N LEU A 95 2.33 -1.19 -16.33
CA LEU A 95 1.49 -0.03 -16.14
C LEU A 95 2.10 1.13 -16.90
N HIS A 96 3.09 0.89 -17.76
CA HIS A 96 3.71 1.92 -18.57
C HIS A 96 3.03 2.05 -19.92
N GLY A 97 3.55 2.92 -20.78
CA GLY A 97 3.00 3.13 -22.12
C GLY A 97 1.74 3.96 -22.04
N GLU A 98 0.65 3.34 -21.56
CA GLU A 98 -0.64 4.03 -21.42
C GLU A 98 -1.60 3.21 -20.54
N GLU A 99 -1.15 2.88 -19.34
CA GLU A 99 -1.90 2.04 -18.43
C GLU A 99 -1.41 2.25 -17.00
N SER A 100 -0.83 3.42 -16.76
CA SER A 100 -0.34 3.79 -15.43
C SER A 100 -1.45 4.50 -14.67
N GLU A 101 -2.27 5.27 -15.37
CA GLU A 101 -3.32 6.02 -14.73
C GLU A 101 -4.44 5.06 -14.32
N ARG A 102 -4.65 3.99 -15.10
CA ARG A 102 -5.63 2.98 -14.75
C ARG A 102 -5.26 2.33 -13.44
N VAL A 103 -3.98 2.30 -13.08
CA VAL A 103 -3.50 1.68 -11.86
C VAL A 103 -3.74 2.63 -10.71
N ALA A 104 -3.76 3.93 -10.96
CA ALA A 104 -4.04 4.91 -9.94
C ALA A 104 -5.41 4.66 -9.36
N GLN A 105 -6.40 4.30 -10.17
CA GLN A 105 -7.74 4.01 -9.68
C GLN A 105 -7.69 2.77 -8.84
N ARG A 106 -7.02 1.72 -9.28
CA ARG A 106 -6.92 0.48 -8.52
C ARG A 106 -6.27 0.71 -7.15
N ALA A 107 -5.17 1.45 -7.14
CA ALA A 107 -4.45 1.74 -5.93
C ALA A 107 -5.22 2.72 -5.07
N GLY A 108 -5.45 3.92 -5.61
CA GLY A 108 -6.27 4.97 -5.04
C GLY A 108 -7.59 4.44 -4.49
N GLU A 109 -8.14 3.41 -5.10
CA GLU A 109 -9.35 2.75 -4.62
C GLU A 109 -9.18 2.29 -3.18
N ILE A 110 -8.10 1.55 -2.90
CA ILE A 110 -7.84 1.08 -1.56
C ILE A 110 -7.35 2.21 -0.70
N VAL A 111 -6.71 3.19 -1.31
CA VAL A 111 -6.25 4.36 -0.61
C VAL A 111 -7.40 5.06 0.07
N SER A 112 -8.45 5.37 -0.70
CA SER A 112 -9.65 5.98 -0.15
C SER A 112 -10.27 5.11 0.93
N SER A 113 -10.03 3.81 0.88
CA SER A 113 -10.53 2.88 1.87
C SER A 113 -9.72 2.96 3.16
N CYS A 114 -8.53 2.37 3.16
CA CYS A 114 -7.64 2.41 4.29
C CYS A 114 -6.22 2.42 3.80
N GLY A 115 -5.90 3.25 2.83
CA GLY A 115 -4.57 3.33 2.24
C GLY A 115 -4.21 4.77 1.95
N VAL A 116 -4.87 5.72 2.60
CA VAL A 116 -4.66 7.16 2.48
C VAL A 116 -3.32 7.55 3.08
N ARG A 117 -2.25 7.01 2.51
CA ARG A 117 -0.92 7.21 3.04
C ARG A 117 -0.26 8.32 2.29
N CYS A 118 0.08 8.06 1.04
CA CYS A 118 0.66 9.03 0.13
C CYS A 118 -0.19 9.16 -1.11
N MET A 119 -1.26 8.37 -1.20
CA MET A 119 -2.18 8.44 -2.32
C MET A 119 -3.40 9.30 -2.01
N ARG A 120 -3.51 9.76 -0.77
CA ARG A 120 -4.59 10.63 -0.33
C ARG A 120 -4.18 11.47 0.87
N GLN A 121 -2.90 11.63 1.09
CA GLN A 121 -2.41 12.35 2.25
C GLN A 121 -1.02 12.84 1.93
N THR A 122 -0.22 13.06 2.98
CA THR A 122 1.12 13.57 2.85
C THR A 122 1.97 13.11 4.01
N ARG A 123 3.27 13.39 4.02
CA ARG A 123 4.20 13.01 5.08
C ARG A 123 3.69 13.44 6.45
N THR A 124 2.98 12.55 7.11
CA THR A 124 2.30 12.83 8.35
C THR A 124 3.34 12.84 9.42
N ASN A 125 4.05 11.71 9.61
CA ASN A 125 5.03 11.45 10.68
C ASN A 125 5.10 9.99 11.02
N ALA A 1 3.11 28.43 -19.84
CA ALA A 1 3.93 27.21 -20.00
C ALA A 1 5.11 27.31 -19.05
N GLU A 2 5.33 26.28 -18.26
CA GLU A 2 6.42 26.23 -17.27
C GLU A 2 6.74 24.77 -16.92
N PHE A 3 7.36 24.07 -17.87
CA PHE A 3 7.75 22.68 -17.70
C PHE A 3 8.69 22.50 -16.50
N MET A 4 8.15 22.07 -15.36
CA MET A 4 8.93 21.95 -14.13
C MET A 4 8.19 21.05 -13.15
N GLU A 5 8.62 19.80 -13.06
CA GLU A 5 8.04 18.84 -12.14
C GLU A 5 9.17 18.07 -11.47
N SER A 6 8.96 17.70 -10.21
CA SER A 6 9.88 16.91 -9.40
C SER A 6 9.41 16.87 -7.96
N LYS A 7 9.98 15.95 -7.20
CA LYS A 7 9.66 15.81 -5.79
C LYS A 7 10.87 15.25 -5.04
N GLY A 8 11.64 16.14 -4.40
CA GLY A 8 12.84 15.77 -3.69
C GLY A 8 13.32 16.92 -2.83
N GLU A 9 12.84 16.95 -1.58
CA GLU A 9 13.24 17.98 -0.62
C GLU A 9 13.40 17.41 0.78
N ARG A 10 12.28 16.96 1.37
CA ARG A 10 12.26 16.35 2.68
C ARG A 10 12.77 14.92 2.64
N GLU A 11 11.97 14.06 2.03
CA GLU A 11 12.29 12.65 1.87
C GLU A 11 13.16 12.45 0.64
N GLY A 12 14.24 11.69 0.82
CA GLY A 12 15.15 11.38 -0.27
C GLY A 12 14.59 10.31 -1.19
N SER A 13 13.98 9.28 -0.61
CA SER A 13 13.36 8.15 -1.31
C SER A 13 12.81 7.11 -0.34
N SER A 14 13.49 6.93 0.78
CA SER A 14 13.13 6.01 1.84
C SER A 14 13.89 6.37 3.10
N SER A 15 13.26 6.14 4.26
CA SER A 15 13.89 6.32 5.57
C SER A 15 15.13 5.45 5.71
N GLN A 16 15.63 5.28 6.93
CA GLN A 16 16.79 4.42 7.20
C GLN A 16 16.81 3.16 6.35
N GLN A 17 15.71 2.40 6.39
CA GLN A 17 15.51 1.22 5.57
C GLN A 17 14.08 0.70 5.73
N CYS A 18 13.10 1.62 5.68
CA CYS A 18 11.73 1.23 5.81
C CYS A 18 11.30 0.49 4.54
N ARG A 19 11.67 0.93 3.34
CA ARG A 19 11.30 0.34 2.07
C ARG A 19 11.49 -1.16 2.05
N GLN A 20 12.49 -1.62 2.77
CA GLN A 20 12.73 -3.00 3.02
C GLN A 20 11.62 -3.71 3.84
N GLU A 21 11.25 -3.22 4.99
CA GLU A 21 10.14 -3.73 5.75
C GLU A 21 8.78 -3.34 5.16
N VAL A 22 8.61 -2.15 4.62
CA VAL A 22 7.42 -1.67 3.96
C VAL A 22 7.05 -2.58 2.81
N GLN A 23 8.01 -3.19 2.14
CA GLN A 23 7.71 -4.17 1.12
C GLN A 23 7.07 -5.47 1.63
N ARG A 24 7.00 -5.61 2.94
CA ARG A 24 6.52 -6.75 3.70
C ARG A 24 5.75 -6.35 4.98
N LYS A 25 5.35 -5.09 5.08
CA LYS A 25 4.74 -4.52 6.26
C LYS A 25 3.75 -3.44 5.88
N ASP A 26 4.21 -2.21 5.72
CA ASP A 26 3.38 -1.13 5.31
C ASP A 26 2.80 -1.44 3.95
N LEU A 27 1.78 -0.70 3.47
CA LEU A 27 1.12 -0.83 2.15
C LEU A 27 1.71 -1.93 1.27
N SER A 28 1.35 -3.16 1.58
CA SER A 28 2.00 -4.37 1.04
C SER A 28 0.91 -5.36 0.65
N SER A 29 -0.24 -4.81 0.28
CA SER A 29 -1.40 -5.58 -0.08
C SER A 29 -2.51 -4.71 -0.64
N CYS A 30 -2.63 -3.46 -0.18
CA CYS A 30 -3.60 -2.53 -0.70
C CYS A 30 -3.50 -2.37 -2.21
N GLU A 31 -2.28 -2.11 -2.69
CA GLU A 31 -2.07 -2.03 -4.12
C GLU A 31 -2.03 -3.42 -4.75
N ARG A 32 -1.59 -4.42 -4.00
CA ARG A 32 -1.60 -5.79 -4.48
C ARG A 32 -3.01 -6.31 -4.77
N TYR A 33 -4.00 -5.86 -4.00
CA TYR A 33 -5.39 -6.20 -4.12
C TYR A 33 -5.90 -5.88 -5.51
N LEU A 34 -5.57 -4.66 -5.97
CA LEU A 34 -5.92 -4.24 -7.32
C LEU A 34 -5.05 -4.93 -8.38
N ARG A 35 -3.86 -5.36 -7.99
CA ARG A 35 -2.95 -6.09 -8.86
C ARG A 35 -3.52 -7.46 -9.19
N GLN A 36 -4.12 -8.10 -8.19
CA GLN A 36 -4.75 -9.39 -8.35
C GLN A 36 -6.13 -9.28 -9.02
N SER A 37 -6.90 -10.35 -8.93
CA SER A 37 -8.26 -10.38 -9.42
C SER A 37 -9.16 -11.24 -8.53
N SER A 38 -8.68 -12.41 -8.13
CA SER A 38 -9.42 -13.34 -7.30
C SER A 38 -8.48 -14.31 -6.62
N SER A 39 -8.28 -14.12 -5.32
CA SER A 39 -7.41 -14.97 -4.52
C SER A 39 -7.66 -14.71 -3.05
N ARG A 40 -7.11 -15.59 -2.21
CA ARG A 40 -7.24 -15.49 -0.77
C ARG A 40 -6.25 -16.42 -0.09
N ARG A 41 -6.50 -17.71 -0.21
CA ARG A 41 -5.73 -18.80 0.36
C ARG A 41 -6.29 -20.16 -0.04
N SER A 42 -5.71 -21.21 0.52
CA SER A 42 -6.16 -22.57 0.33
C SER A 42 -7.35 -22.90 1.23
N THR A 43 -7.52 -24.17 1.53
CA THR A 43 -8.55 -24.71 2.40
C THR A 43 -8.32 -24.33 3.86
N GLY A 44 -9.15 -23.42 4.38
CA GLY A 44 -9.02 -22.90 5.73
C GLY A 44 -8.24 -21.60 5.77
N GLU A 45 -8.88 -20.52 6.21
CA GLU A 45 -8.26 -19.21 6.33
C GLU A 45 -8.99 -18.35 7.36
N GLU A 46 -8.88 -18.72 8.62
CA GLU A 46 -9.55 -18.01 9.70
C GLU A 46 -8.80 -16.72 10.03
N VAL A 47 -9.14 -15.65 9.33
CA VAL A 47 -8.46 -14.35 9.46
C VAL A 47 -9.06 -13.59 10.65
N LEU A 48 -9.20 -14.29 11.77
CA LEU A 48 -9.79 -13.78 12.98
C LEU A 48 -9.33 -14.57 14.21
N ARG A 49 -8.20 -15.26 14.09
CA ARG A 49 -7.65 -16.09 15.17
C ARG A 49 -6.94 -15.29 16.27
N MET A 50 -7.27 -14.02 16.41
CA MET A 50 -6.61 -13.05 17.26
C MET A 50 -7.13 -11.64 17.03
N PRO A 51 -7.10 -11.12 15.77
CA PRO A 51 -7.56 -9.80 15.43
C PRO A 51 -9.09 -9.81 15.49
N GLY A 52 -9.76 -10.08 14.35
CA GLY A 52 -11.21 -10.02 14.21
C GLY A 52 -11.77 -8.61 14.35
N ASP A 53 -11.52 -7.94 15.47
CA ASP A 53 -11.90 -6.55 15.74
C ASP A 53 -11.36 -5.58 14.70
N GLU A 54 -10.11 -5.79 14.29
CA GLU A 54 -9.46 -5.03 13.23
C GLU A 54 -10.35 -4.93 12.00
N ASN A 55 -10.14 -3.90 11.17
CA ASN A 55 -11.08 -3.57 10.11
C ASN A 55 -12.47 -3.32 10.70
N GLN A 56 -12.77 -2.06 11.00
CA GLN A 56 -14.12 -1.71 11.46
C GLN A 56 -15.20 -2.29 10.56
N GLN A 57 -16.43 -2.36 11.04
CA GLN A 57 -17.56 -2.89 10.31
C GLN A 57 -17.55 -2.46 8.84
N GLN A 58 -17.33 -3.43 7.96
CA GLN A 58 -17.25 -3.18 6.55
C GLN A 58 -17.51 -4.47 5.78
N GLU A 59 -18.06 -4.33 4.58
CA GLU A 59 -18.38 -5.46 3.71
C GLU A 59 -17.26 -5.72 2.71
N SER A 60 -16.11 -6.20 3.18
CA SER A 60 -15.01 -6.46 2.28
C SER A 60 -13.91 -7.18 3.04
N GLN A 61 -13.88 -8.50 2.92
CA GLN A 61 -12.85 -9.30 3.55
C GLN A 61 -11.45 -8.97 3.00
N GLN A 62 -11.37 -8.48 1.77
CA GLN A 62 -10.12 -8.16 1.14
C GLN A 62 -9.59 -6.81 1.59
N LEU A 63 -10.43 -5.79 1.60
CA LEU A 63 -10.04 -4.52 2.18
C LEU A 63 -9.65 -4.62 3.64
N GLN A 64 -10.21 -5.60 4.36
CA GLN A 64 -9.78 -5.93 5.68
C GLN A 64 -8.30 -6.29 5.70
N GLN A 65 -7.78 -6.95 4.68
CA GLN A 65 -6.39 -7.27 4.61
C GLN A 65 -5.55 -6.01 4.50
N CYS A 66 -5.97 -5.00 3.74
CA CYS A 66 -5.26 -3.76 3.64
C CYS A 66 -5.39 -2.96 4.94
N CYS A 67 -6.56 -2.81 5.51
CA CYS A 67 -6.73 -2.13 6.78
C CYS A 67 -5.92 -2.80 7.89
N ASN A 68 -5.88 -4.15 7.90
CA ASN A 68 -5.10 -4.96 8.82
C ASN A 68 -3.60 -4.86 8.50
N GLN A 69 -3.26 -4.65 7.24
CA GLN A 69 -1.89 -4.54 6.76
C GLN A 69 -1.29 -3.18 7.08
N VAL A 70 -2.00 -2.12 6.72
CA VAL A 70 -1.66 -0.77 7.08
C VAL A 70 -1.63 -0.60 8.60
N LYS A 71 -2.32 -1.45 9.33
CA LYS A 71 -2.22 -1.45 10.77
C LYS A 71 -0.84 -1.87 11.31
N GLN A 72 -0.03 -2.48 10.47
CA GLN A 72 1.33 -2.85 10.72
C GLN A 72 2.31 -1.78 10.24
N VAL A 73 1.82 -0.68 9.67
CA VAL A 73 2.67 0.40 9.20
C VAL A 73 3.42 1.02 10.36
N ARG A 74 4.67 1.39 10.09
CA ARG A 74 5.51 2.08 11.05
C ARG A 74 4.85 3.33 11.55
N ASP A 75 4.77 4.36 10.70
CA ASP A 75 4.25 5.70 10.97
C ASP A 75 4.46 6.56 9.73
N GLU A 76 5.65 7.16 9.59
CA GLU A 76 6.05 8.00 8.46
C GLU A 76 6.41 7.21 7.21
N CYS A 77 6.37 5.89 7.35
CA CYS A 77 6.57 5.00 6.26
C CYS A 77 5.29 4.80 5.45
N GLN A 78 4.16 5.38 5.87
CA GLN A 78 2.89 5.32 5.17
C GLN A 78 3.06 5.78 3.71
N CYS A 79 3.38 7.04 3.51
CA CYS A 79 3.58 7.55 2.18
C CYS A 79 4.69 6.81 1.47
N GLU A 80 5.90 6.77 2.05
CA GLU A 80 7.05 6.01 1.53
C GLU A 80 6.63 4.64 0.99
N ALA A 81 5.68 3.99 1.65
CA ALA A 81 5.13 2.76 1.21
C ALA A 81 4.43 2.88 -0.13
N ILE A 82 3.47 3.77 -0.28
CA ILE A 82 2.87 4.06 -1.56
C ILE A 82 3.93 4.47 -2.58
N LYS A 83 5.00 5.11 -2.16
CA LYS A 83 6.06 5.49 -3.08
C LYS A 83 6.84 4.29 -3.62
N TYR A 84 6.64 3.15 -2.98
CA TYR A 84 7.24 1.87 -3.21
C TYR A 84 6.22 0.96 -3.85
N ILE A 85 5.21 0.52 -3.12
CA ILE A 85 4.20 -0.40 -3.59
C ILE A 85 3.49 0.14 -4.81
N ALA A 86 2.99 1.37 -4.77
CA ALA A 86 2.30 2.08 -5.84
C ALA A 86 3.30 2.64 -6.85
N GLU A 87 4.24 1.80 -7.24
CA GLU A 87 5.32 2.12 -8.15
C GLU A 87 6.10 0.86 -8.59
N ASP A 88 6.47 0.01 -7.66
CA ASP A 88 7.20 -1.21 -7.93
C ASP A 88 6.39 -2.06 -8.90
N GLN A 89 5.11 -2.30 -8.61
CA GLN A 89 4.22 -3.01 -9.50
C GLN A 89 4.04 -2.33 -10.86
N ILE A 90 4.32 -1.03 -10.94
CA ILE A 90 4.25 -0.23 -12.14
C ILE A 90 5.45 -0.54 -13.04
N GLN A 91 6.63 -0.58 -12.43
CA GLN A 91 7.82 -0.97 -13.13
C GLN A 91 7.89 -2.48 -13.39
N GLN A 92 7.43 -3.30 -12.46
CA GLN A 92 7.44 -4.75 -12.51
C GLN A 92 6.37 -5.28 -13.44
N GLY A 93 5.14 -4.90 -13.18
CA GLY A 93 4.01 -5.20 -14.03
C GLY A 93 4.16 -4.61 -15.43
N GLN A 94 3.17 -4.86 -16.29
CA GLN A 94 3.16 -4.32 -17.63
C GLN A 94 2.73 -2.85 -17.72
N LEU A 95 2.95 -2.06 -16.67
CA LEU A 95 2.40 -0.74 -16.56
C LEU A 95 3.37 0.30 -17.09
N HIS A 96 3.28 0.58 -18.37
CA HIS A 96 4.21 1.49 -19.04
C HIS A 96 3.53 2.20 -20.21
N GLY A 97 4.15 3.22 -20.77
CA GLY A 97 3.57 3.99 -21.86
C GLY A 97 2.56 5.00 -21.33
N GLU A 98 1.34 4.55 -21.03
CA GLU A 98 0.25 5.39 -20.52
C GLU A 98 -0.86 4.54 -19.89
N GLU A 99 -0.45 3.44 -19.28
CA GLU A 99 -1.38 2.55 -18.63
C GLU A 99 -1.00 2.41 -17.16
N SER A 100 0.08 3.01 -16.71
CA SER A 100 0.46 3.00 -15.31
C SER A 100 -0.41 3.87 -14.44
N GLU A 101 -0.99 4.92 -15.02
CA GLU A 101 -1.87 5.82 -14.30
C GLU A 101 -3.22 5.16 -13.96
N ARG A 102 -3.63 4.20 -14.80
CA ARG A 102 -4.83 3.43 -14.56
C ARG A 102 -4.69 2.55 -13.32
N VAL A 103 -3.47 2.17 -12.96
CA VAL A 103 -3.21 1.37 -11.79
C VAL A 103 -3.18 2.26 -10.55
N ALA A 104 -2.80 3.51 -10.71
CA ALA A 104 -2.78 4.47 -9.63
C ALA A 104 -4.20 4.76 -9.12
N GLN A 105 -5.16 4.91 -10.03
CA GLN A 105 -6.55 5.10 -9.64
C GLN A 105 -7.12 3.90 -8.90
N ARG A 106 -6.74 2.69 -9.34
CA ARG A 106 -7.16 1.46 -8.70
C ARG A 106 -6.63 1.38 -7.27
N ALA A 107 -5.48 1.98 -7.01
CA ALA A 107 -4.91 2.04 -5.69
C ALA A 107 -5.74 2.94 -4.80
N GLY A 108 -6.06 4.14 -5.30
CA GLY A 108 -6.90 5.11 -4.64
C GLY A 108 -8.17 4.52 -4.04
N GLU A 109 -8.76 3.52 -4.68
CA GLU A 109 -9.87 2.76 -4.13
C GLU A 109 -9.58 2.23 -2.72
N ILE A 110 -8.51 1.47 -2.59
CA ILE A 110 -8.10 0.94 -1.30
C ILE A 110 -7.61 2.03 -0.39
N VAL A 111 -7.06 3.07 -0.97
CA VAL A 111 -6.58 4.20 -0.25
C VAL A 111 -7.69 4.89 0.53
N SER A 112 -8.72 5.34 -0.17
CA SER A 112 -9.91 5.89 0.42
C SER A 112 -10.57 4.94 1.41
N SER A 113 -10.37 3.63 1.25
CA SER A 113 -10.85 2.63 2.17
C SER A 113 -10.04 2.62 3.47
N CYS A 114 -8.85 2.04 3.44
CA CYS A 114 -7.96 1.96 4.58
C CYS A 114 -6.48 1.97 4.15
N GLY A 115 -6.19 2.64 3.05
CA GLY A 115 -4.88 2.72 2.45
C GLY A 115 -4.45 4.16 2.25
N VAL A 116 -4.95 5.08 3.07
CA VAL A 116 -4.67 6.53 3.06
C VAL A 116 -3.26 6.90 3.50
N ARG A 117 -2.38 7.17 2.54
CA ARG A 117 -0.96 7.36 2.84
C ARG A 117 -0.37 8.45 1.99
N CYS A 118 -0.18 8.17 0.71
CA CYS A 118 0.28 9.12 -0.27
C CYS A 118 -0.68 9.23 -1.45
N MET A 119 -1.76 8.46 -1.40
CA MET A 119 -2.81 8.48 -2.41
C MET A 119 -3.99 9.37 -2.00
N ARG A 120 -3.90 10.00 -0.82
CA ARG A 120 -4.91 10.90 -0.29
C ARG A 120 -4.28 11.84 0.75
N GLN A 121 -4.39 11.47 2.01
CA GLN A 121 -3.98 12.25 3.15
C GLN A 121 -2.75 11.62 3.74
N THR A 122 -1.73 12.44 3.80
CA THR A 122 -0.41 12.04 4.26
C THR A 122 -0.30 12.33 5.73
N ARG A 123 0.39 11.45 6.45
CA ARG A 123 0.59 11.60 7.88
C ARG A 123 1.49 10.49 8.36
N THR A 124 1.85 10.59 9.63
CA THR A 124 2.80 9.68 10.26
C THR A 124 2.29 9.57 11.69
N ASN A 125 1.71 8.43 12.02
CA ASN A 125 1.30 8.04 13.39
C ASN A 125 2.31 8.31 14.50
N ALA A 1 -7.68 12.40 -9.97
CA ALA A 1 -7.02 11.98 -8.72
C ALA A 1 -5.54 12.35 -8.78
N GLU A 2 -5.22 13.62 -9.02
CA GLU A 2 -3.84 14.07 -9.16
C GLU A 2 -3.83 15.58 -8.96
N PHE A 3 -3.13 16.01 -7.91
CA PHE A 3 -2.95 17.43 -7.59
C PHE A 3 -1.94 18.06 -8.56
N MET A 4 -2.15 19.30 -8.96
CA MET A 4 -1.22 20.08 -9.80
C MET A 4 0.04 20.58 -9.06
N GLU A 5 0.79 19.67 -8.47
CA GLU A 5 2.00 19.97 -7.70
C GLU A 5 3.01 18.87 -7.93
N SER A 6 4.29 19.24 -7.85
CA SER A 6 5.45 18.37 -8.09
C SER A 6 6.71 19.22 -8.19
N LYS A 7 7.61 19.08 -7.22
CA LYS A 7 8.91 19.78 -7.19
C LYS A 7 9.75 19.23 -6.04
N GLY A 8 10.84 18.56 -6.39
CA GLY A 8 11.78 17.97 -5.42
C GLY A 8 13.16 17.94 -6.03
N GLU A 9 13.65 16.74 -6.34
CA GLU A 9 14.98 16.54 -6.93
C GLU A 9 15.11 15.16 -7.57
N ARG A 10 14.85 14.12 -6.78
CA ARG A 10 14.88 12.72 -7.20
C ARG A 10 14.15 11.85 -6.19
N GLU A 11 14.03 10.57 -6.51
CA GLU A 11 13.35 9.57 -5.69
C GLU A 11 14.12 8.25 -5.74
N GLY A 12 14.72 7.89 -4.60
CA GLY A 12 15.52 6.67 -4.48
C GLY A 12 16.40 6.65 -3.24
N SER A 13 15.85 7.13 -2.12
CA SER A 13 16.55 7.20 -0.85
C SER A 13 15.56 6.87 0.25
N SER A 14 15.29 5.57 0.46
CA SER A 14 14.48 5.16 1.58
C SER A 14 15.04 5.70 2.91
N SER A 15 14.19 5.69 3.95
CA SER A 15 14.59 6.03 5.32
C SER A 15 15.70 5.09 5.80
N GLN A 16 16.14 5.25 7.05
CA GLN A 16 17.23 4.45 7.64
C GLN A 16 17.24 2.99 7.16
N GLN A 17 16.09 2.35 7.26
CA GLN A 17 15.82 1.03 6.71
C GLN A 17 14.31 0.71 6.77
N CYS A 18 13.47 1.72 6.52
CA CYS A 18 12.02 1.48 6.56
C CYS A 18 11.65 0.46 5.51
N ARG A 19 11.98 0.70 4.22
CA ARG A 19 11.73 -0.18 3.05
C ARG A 19 11.79 -1.66 3.37
N GLN A 20 12.78 -2.03 4.17
CA GLN A 20 12.93 -3.37 4.73
C GLN A 20 11.67 -3.85 5.45
N GLU A 21 11.32 -3.31 6.61
CA GLU A 21 10.14 -3.70 7.41
C GLU A 21 8.84 -3.16 6.84
N VAL A 22 8.94 -2.08 6.08
CA VAL A 22 7.91 -1.51 5.23
C VAL A 22 7.40 -2.62 4.37
N GLN A 23 8.19 -3.22 3.47
CA GLN A 23 7.78 -4.20 2.42
C GLN A 23 7.25 -5.58 2.89
N ARG A 24 6.54 -5.57 4.00
CA ARG A 24 6.16 -6.69 4.86
C ARG A 24 4.80 -6.42 5.44
N LYS A 25 4.68 -5.25 6.09
CA LYS A 25 3.50 -4.75 6.80
C LYS A 25 2.95 -3.43 6.27
N ASP A 26 3.73 -2.70 5.48
CA ASP A 26 3.25 -1.58 4.68
C ASP A 26 2.07 -1.90 3.75
N LEU A 27 1.98 -1.11 2.68
CA LEU A 27 1.05 -1.31 1.60
C LEU A 27 1.49 -2.49 0.71
N SER A 28 1.68 -3.65 1.33
CA SER A 28 2.02 -4.94 0.71
C SER A 28 0.79 -5.83 0.54
N SER A 29 -0.38 -5.19 0.61
CA SER A 29 -1.68 -5.83 0.48
C SER A 29 -2.71 -4.91 -0.16
N CYS A 30 -2.74 -3.62 0.21
CA CYS A 30 -3.66 -2.66 -0.40
C CYS A 30 -3.48 -2.55 -1.91
N GLU A 31 -2.27 -2.21 -2.33
CA GLU A 31 -2.00 -2.19 -3.76
C GLU A 31 -1.81 -3.58 -4.32
N ARG A 32 -1.30 -4.51 -3.53
CA ARG A 32 -1.18 -5.90 -3.99
C ARG A 32 -2.54 -6.54 -4.32
N TYR A 33 -3.60 -6.14 -3.64
CA TYR A 33 -4.98 -6.57 -3.81
C TYR A 33 -5.44 -6.29 -5.24
N LEU A 34 -5.19 -5.07 -5.71
CA LEU A 34 -5.49 -4.68 -7.08
C LEU A 34 -4.55 -5.35 -8.10
N ARG A 35 -3.34 -5.71 -7.64
CA ARG A 35 -2.34 -6.42 -8.45
C ARG A 35 -2.76 -7.85 -8.72
N GLN A 36 -3.33 -8.50 -7.71
CA GLN A 36 -3.88 -9.84 -7.79
C GLN A 36 -5.27 -9.82 -8.45
N SER A 37 -6.00 -10.91 -8.30
CA SER A 37 -7.37 -11.09 -8.78
C SER A 37 -8.17 -11.98 -7.83
N SER A 38 -7.57 -13.09 -7.39
CA SER A 38 -8.23 -14.05 -6.49
C SER A 38 -7.19 -14.96 -5.86
N SER A 39 -6.91 -14.78 -4.57
CA SER A 39 -5.98 -15.60 -3.82
C SER A 39 -6.43 -15.62 -2.36
N ARG A 40 -5.73 -16.41 -1.56
CA ARG A 40 -5.93 -16.49 -0.13
C ARG A 40 -4.65 -17.06 0.47
N ARG A 41 -4.11 -16.39 1.49
CA ARG A 41 -2.94 -16.87 2.27
C ARG A 41 -3.11 -18.36 2.55
N SER A 42 -2.03 -19.10 2.33
CA SER A 42 -1.96 -20.53 2.66
C SER A 42 -1.89 -20.70 4.19
N THR A 43 -1.53 -21.91 4.59
CA THR A 43 -1.35 -22.35 5.97
C THR A 43 -0.39 -21.43 6.73
N GLY A 44 -0.93 -20.45 7.45
CA GLY A 44 -0.13 -19.47 8.19
C GLY A 44 -1.01 -18.42 8.82
N GLU A 45 -0.87 -17.18 8.38
CA GLU A 45 -1.70 -16.07 8.86
C GLU A 45 -3.05 -16.02 8.12
N GLU A 46 -3.58 -17.15 7.64
CA GLU A 46 -4.86 -17.26 6.92
C GLU A 46 -5.94 -16.32 7.49
N VAL A 47 -6.04 -15.14 6.86
CA VAL A 47 -6.90 -14.04 7.32
C VAL A 47 -8.32 -14.28 6.82
N LEU A 48 -8.78 -15.50 7.05
CA LEU A 48 -10.11 -16.00 6.70
C LEU A 48 -10.98 -16.10 7.96
N ARG A 49 -10.34 -16.21 9.13
CA ARG A 49 -10.98 -16.37 10.44
C ARG A 49 -10.57 -15.28 11.43
N MET A 50 -10.17 -14.12 10.92
CA MET A 50 -9.69 -12.98 11.71
C MET A 50 -10.74 -11.86 11.66
N PRO A 51 -11.74 -11.87 12.55
CA PRO A 51 -12.75 -10.83 12.62
C PRO A 51 -12.09 -9.57 13.15
N GLY A 52 -12.33 -8.45 12.49
CA GLY A 52 -11.85 -7.14 12.91
C GLY A 52 -13.01 -6.18 12.85
N ASP A 53 -13.77 -6.01 13.93
CA ASP A 53 -14.85 -5.00 14.04
C ASP A 53 -14.39 -3.58 13.64
N GLU A 54 -13.11 -3.29 13.89
CA GLU A 54 -12.40 -2.06 13.50
C GLU A 54 -11.94 -2.05 12.04
N ASN A 55 -12.73 -2.64 11.15
CA ASN A 55 -12.52 -2.72 9.71
C ASN A 55 -13.76 -3.28 9.04
N GLN A 56 -13.90 -3.02 7.74
CA GLN A 56 -14.99 -3.55 6.92
C GLN A 56 -15.21 -5.07 7.10
N GLN A 57 -16.14 -5.43 7.98
CA GLN A 57 -16.42 -6.80 8.40
C GLN A 57 -17.86 -7.11 8.01
N GLN A 58 -18.11 -7.06 6.72
CA GLN A 58 -19.45 -7.39 6.22
C GLN A 58 -19.35 -7.94 4.81
N GLU A 59 -18.96 -7.09 3.86
CA GLU A 59 -18.86 -7.38 2.43
C GLU A 59 -17.63 -6.71 1.81
N SER A 60 -16.52 -6.76 2.55
CA SER A 60 -15.25 -6.17 2.13
C SER A 60 -14.10 -6.60 3.04
N GLN A 61 -14.15 -7.86 3.48
CA GLN A 61 -13.06 -8.46 4.29
C GLN A 61 -11.69 -8.40 3.58
N GLN A 62 -11.69 -8.11 2.28
CA GLN A 62 -10.49 -7.91 1.50
C GLN A 62 -9.72 -6.64 1.86
N LEU A 63 -10.39 -5.49 1.76
CA LEU A 63 -9.83 -4.20 2.17
C LEU A 63 -9.54 -4.15 3.66
N GLN A 64 -10.27 -4.91 4.47
CA GLN A 64 -9.92 -5.13 5.87
C GLN A 64 -8.48 -5.63 6.03
N GLN A 65 -8.00 -6.48 5.11
CA GLN A 65 -6.62 -6.93 5.13
C GLN A 65 -5.67 -5.77 4.91
N CYS A 66 -5.99 -4.83 4.01
CA CYS A 66 -5.22 -3.61 3.79
C CYS A 66 -5.27 -2.67 4.99
N CYS A 67 -6.44 -2.43 5.54
CA CYS A 67 -6.51 -1.57 6.71
C CYS A 67 -5.75 -2.19 7.89
N ASN A 68 -5.96 -3.45 8.24
CA ASN A 68 -5.12 -4.18 9.21
C ASN A 68 -3.63 -4.12 8.82
N GLN A 69 -3.29 -4.30 7.54
CA GLN A 69 -1.92 -4.25 7.03
C GLN A 69 -1.32 -2.88 7.31
N VAL A 70 -2.02 -1.83 6.93
CA VAL A 70 -1.55 -0.48 7.21
C VAL A 70 -1.54 -0.23 8.71
N LYS A 71 -2.45 -0.81 9.46
CA LYS A 71 -2.46 -0.61 10.91
C LYS A 71 -1.24 -1.23 11.60
N GLN A 72 -0.62 -2.23 10.98
CA GLN A 72 0.64 -2.82 11.39
C GLN A 72 1.85 -2.17 10.73
N VAL A 73 1.66 -1.16 9.87
CA VAL A 73 2.76 -0.47 9.18
C VAL A 73 3.71 0.16 10.20
N ARG A 74 4.80 0.75 9.72
CA ARG A 74 5.75 1.51 10.55
C ARG A 74 5.07 2.48 11.52
N ASP A 75 4.59 3.59 10.97
CA ASP A 75 3.96 4.78 11.61
C ASP A 75 3.93 5.94 10.58
N GLU A 76 5.08 6.11 9.92
CA GLU A 76 5.34 7.28 9.07
C GLU A 76 6.01 6.96 7.74
N CYS A 77 6.12 5.66 7.46
CA CYS A 77 6.71 5.12 6.25
C CYS A 77 5.68 4.43 5.35
N GLN A 78 4.42 4.36 5.80
CA GLN A 78 3.27 3.98 4.97
C GLN A 78 3.16 4.81 3.67
N CYS A 79 3.68 6.04 3.68
CA CYS A 79 3.59 6.95 2.55
C CYS A 79 4.52 6.50 1.43
N GLU A 80 5.83 6.54 1.72
CA GLU A 80 6.82 6.03 0.78
C GLU A 80 6.56 4.57 0.38
N ALA A 81 6.00 3.78 1.29
CA ALA A 81 5.53 2.44 1.00
C ALA A 81 4.58 2.35 -0.21
N ILE A 82 3.65 3.31 -0.37
CA ILE A 82 2.86 3.48 -1.59
C ILE A 82 3.72 3.72 -2.82
N LYS A 83 4.66 4.65 -2.76
CA LYS A 83 5.63 4.84 -3.87
C LYS A 83 6.58 3.66 -4.10
N TYR A 84 6.56 2.67 -3.21
CA TYR A 84 7.29 1.40 -3.22
C TYR A 84 6.39 0.22 -3.65
N ILE A 85 5.19 0.53 -4.14
CA ILE A 85 4.24 -0.50 -4.55
C ILE A 85 3.30 -0.03 -5.63
N ALA A 86 2.55 1.03 -5.40
CA ALA A 86 1.71 1.69 -6.39
C ALA A 86 2.57 2.11 -7.57
N GLU A 87 3.45 3.07 -7.37
CA GLU A 87 4.35 3.51 -8.44
C GLU A 87 5.40 2.46 -8.82
N ASP A 88 5.86 1.65 -7.85
CA ASP A 88 6.83 0.59 -8.06
C ASP A 88 6.31 -0.44 -9.05
N GLN A 89 5.18 -1.07 -8.70
CA GLN A 89 4.49 -2.00 -9.57
C GLN A 89 4.18 -1.34 -10.89
N ILE A 90 3.80 -0.04 -10.91
CA ILE A 90 3.51 0.70 -12.15
C ILE A 90 4.71 0.67 -13.09
N GLN A 91 5.89 0.93 -12.56
CA GLN A 91 7.13 0.84 -13.33
C GLN A 91 7.55 -0.57 -13.66
N GLN A 92 7.53 -1.47 -12.67
CA GLN A 92 7.96 -2.86 -12.77
C GLN A 92 7.09 -3.68 -13.73
N GLY A 93 5.81 -3.70 -13.40
CA GLY A 93 4.74 -4.28 -14.21
C GLY A 93 4.58 -3.53 -15.53
N GLN A 94 3.73 -4.08 -16.39
CA GLN A 94 3.42 -3.49 -17.69
C GLN A 94 2.48 -2.30 -17.58
N LEU A 95 2.57 -1.46 -16.55
CA LEU A 95 1.67 -0.32 -16.44
C LEU A 95 2.27 0.86 -17.20
N HIS A 96 3.24 0.65 -18.09
CA HIS A 96 3.80 1.72 -18.92
C HIS A 96 3.11 1.81 -20.27
N GLY A 97 3.55 2.73 -21.13
CA GLY A 97 2.94 2.93 -22.44
C GLY A 97 1.71 3.84 -22.32
N GLU A 98 0.65 3.35 -21.67
CA GLU A 98 -0.64 4.05 -21.44
C GLU A 98 -1.56 3.32 -20.43
N GLU A 99 -0.95 2.71 -19.42
CA GLU A 99 -1.65 1.88 -18.42
C GLU A 99 -1.10 2.14 -17.01
N SER A 100 -0.47 3.29 -16.80
CA SER A 100 0.14 3.72 -15.53
C SER A 100 -0.90 4.47 -14.73
N GLU A 101 -1.63 5.33 -15.40
CA GLU A 101 -2.69 6.10 -14.78
C GLU A 101 -3.89 5.23 -14.38
N ARG A 102 -4.15 4.18 -15.16
CA ARG A 102 -5.19 3.20 -14.80
C ARG A 102 -4.88 2.47 -13.49
N VAL A 103 -3.61 2.27 -13.19
CA VAL A 103 -3.15 1.59 -11.96
C VAL A 103 -3.21 2.53 -10.77
N ALA A 104 -2.97 3.82 -11.01
CA ALA A 104 -3.13 4.84 -9.99
C ALA A 104 -4.58 4.88 -9.46
N GLN A 105 -5.56 4.72 -10.36
CA GLN A 105 -6.97 4.62 -9.94
C GLN A 105 -7.19 3.40 -9.06
N ARG A 106 -6.75 2.22 -9.53
CA ARG A 106 -6.92 0.96 -8.80
C ARG A 106 -6.40 1.04 -7.38
N ALA A 107 -5.20 1.59 -7.22
CA ALA A 107 -4.64 1.78 -5.90
C ALA A 107 -5.49 2.74 -5.07
N GLY A 108 -5.70 3.93 -5.62
CA GLY A 108 -6.58 4.99 -5.13
C GLY A 108 -7.90 4.49 -4.52
N GLU A 109 -8.46 3.39 -5.04
CA GLU A 109 -9.61 2.68 -4.46
C GLU A 109 -9.36 2.28 -3.00
N ILE A 110 -8.35 1.45 -2.79
CA ILE A 110 -7.99 0.98 -1.46
C ILE A 110 -7.39 2.10 -0.65
N VAL A 111 -6.82 3.06 -1.34
CA VAL A 111 -6.28 4.25 -0.70
C VAL A 111 -7.39 4.98 0.03
N SER A 112 -8.35 5.55 -0.70
CA SER A 112 -9.53 6.21 -0.12
C SER A 112 -10.28 5.33 0.88
N SER A 113 -10.20 4.01 0.75
CA SER A 113 -10.75 3.08 1.75
C SER A 113 -9.94 3.06 3.06
N CYS A 114 -8.78 2.42 3.05
CA CYS A 114 -7.89 2.22 4.21
C CYS A 114 -6.40 2.23 3.82
N GLY A 115 -6.07 2.98 2.78
CA GLY A 115 -4.74 3.07 2.18
C GLY A 115 -4.35 4.53 1.92
N VAL A 116 -4.94 5.49 2.65
CA VAL A 116 -4.67 6.95 2.59
C VAL A 116 -3.27 7.26 3.13
N ARG A 117 -2.25 6.79 2.44
CA ARG A 117 -0.86 6.85 2.89
C ARG A 117 -0.15 7.98 2.21
N CYS A 118 0.16 7.77 0.93
CA CYS A 118 0.72 8.76 0.04
C CYS A 118 -0.04 8.87 -1.28
N MET A 119 -1.12 8.09 -1.42
CA MET A 119 -1.98 8.07 -2.61
C MET A 119 -3.19 9.01 -2.45
N ARG A 120 -3.25 9.73 -1.32
CA ARG A 120 -4.32 10.68 -1.02
C ARG A 120 -3.81 11.79 -0.11
N GLN A 121 -3.41 11.42 1.11
CA GLN A 121 -2.96 12.34 2.15
C GLN A 121 -1.89 11.72 3.01
N THR A 122 -0.77 12.43 3.06
CA THR A 122 0.44 12.06 3.76
C THR A 122 0.29 12.38 5.24
N ARG A 123 0.62 11.42 6.09
CA ARG A 123 0.55 11.59 7.55
C ARG A 123 1.71 10.88 8.20
N THR A 124 2.90 11.20 7.72
CA THR A 124 4.16 10.70 8.20
C THR A 124 4.35 11.06 9.69
N ASN A 125 3.76 10.28 10.61
CA ASN A 125 3.81 10.46 12.07
C ASN A 125 3.60 9.16 12.83
N ALA A 1 7.20 12.77 23.78
CA ALA A 1 8.38 12.68 24.64
C ALA A 1 8.12 13.42 25.94
N GLU A 2 9.12 13.44 26.81
CA GLU A 2 9.00 14.12 28.10
C GLU A 2 10.38 14.44 28.65
N PHE A 3 11.31 13.48 28.52
CA PHE A 3 12.66 13.63 29.03
C PHE A 3 13.59 12.59 28.44
N MET A 4 13.63 12.54 27.11
CA MET A 4 14.49 11.59 26.42
C MET A 4 14.78 12.07 25.01
N GLU A 5 15.79 11.47 24.40
CA GLU A 5 16.17 11.79 23.03
C GLU A 5 16.79 10.58 22.35
N SER A 6 17.03 10.70 21.05
CA SER A 6 17.61 9.62 20.27
C SER A 6 17.59 9.99 18.80
N LYS A 7 18.71 9.74 18.12
CA LYS A 7 18.82 10.01 16.70
C LYS A 7 18.22 8.85 15.89
N GLY A 8 18.46 8.86 14.58
CA GLY A 8 17.97 7.82 13.70
C GLY A 8 17.64 8.39 12.33
N GLU A 9 18.54 8.15 11.39
CA GLU A 9 18.35 8.61 10.02
C GLU A 9 19.35 7.93 9.09
N ARG A 10 19.09 8.04 7.79
CA ARG A 10 19.97 7.48 6.77
C ARG A 10 19.72 8.14 5.43
N GLU A 11 20.65 7.91 4.51
CA GLU A 11 20.52 8.44 3.17
C GLU A 11 19.64 7.55 2.29
N GLY A 12 19.62 7.84 1.00
CA GLY A 12 18.82 7.08 0.06
C GLY A 12 17.53 7.80 -0.27
N SER A 13 16.78 7.24 -1.22
CA SER A 13 15.50 7.81 -1.62
C SER A 13 14.36 7.27 -0.74
N SER A 14 14.65 7.08 0.53
CA SER A 14 13.68 6.57 1.48
C SER A 14 14.18 6.78 2.89
N SER A 15 13.32 6.46 3.87
CA SER A 15 13.66 6.60 5.27
C SER A 15 14.96 5.83 5.57
N GLN A 16 15.32 5.76 6.86
CA GLN A 16 16.51 5.07 7.26
C GLN A 16 16.70 3.77 6.47
N GLN A 17 15.66 2.93 6.49
CA GLN A 17 15.66 1.68 5.77
C GLN A 17 14.32 0.98 5.94
N CYS A 18 13.24 1.76 5.92
CA CYS A 18 11.92 1.21 6.08
C CYS A 18 11.60 0.42 4.86
N ARG A 19 11.97 0.89 3.65
CA ARG A 19 11.73 0.18 2.40
C ARG A 19 12.03 -1.31 2.56
N GLN A 20 12.97 -1.65 3.44
CA GLN A 20 13.28 -3.02 3.76
C GLN A 20 12.04 -3.77 4.21
N GLU A 21 11.50 -3.43 5.36
CA GLU A 21 10.34 -4.09 5.92
C GLU A 21 9.10 -3.55 5.27
N VAL A 22 9.08 -2.32 4.80
CA VAL A 22 7.98 -1.68 4.13
C VAL A 22 7.65 -2.47 2.88
N GLN A 23 8.66 -3.12 2.29
CA GLN A 23 8.43 -3.94 1.12
C GLN A 23 7.74 -5.26 1.48
N ARG A 24 7.48 -5.46 2.76
CA ARG A 24 6.84 -6.65 3.29
C ARG A 24 6.08 -6.36 4.57
N LYS A 25 5.70 -5.10 4.78
CA LYS A 25 5.04 -4.68 6.00
C LYS A 25 4.00 -3.65 5.65
N ASP A 26 4.40 -2.38 5.68
CA ASP A 26 3.51 -1.28 5.38
C ASP A 26 2.85 -1.53 4.06
N LEU A 27 1.86 -0.72 3.68
CA LEU A 27 1.13 -0.84 2.42
C LEU A 27 1.71 -1.92 1.52
N SER A 28 1.29 -3.16 1.80
CA SER A 28 1.89 -4.35 1.16
C SER A 28 0.75 -5.28 0.78
N SER A 29 -0.33 -4.70 0.28
CA SER A 29 -1.49 -5.49 -0.11
C SER A 29 -2.52 -4.60 -0.73
N CYS A 30 -2.63 -3.35 -0.27
CA CYS A 30 -3.58 -2.41 -0.83
C CYS A 30 -3.36 -2.29 -2.33
N GLU A 31 -2.13 -2.01 -2.72
CA GLU A 31 -1.81 -1.90 -4.12
C GLU A 31 -1.81 -3.28 -4.77
N ARG A 32 -1.42 -4.31 -4.00
CA ARG A 32 -1.41 -5.66 -4.48
C ARG A 32 -2.81 -6.11 -4.85
N TYR A 33 -3.81 -5.74 -4.07
CA TYR A 33 -5.19 -6.09 -4.28
C TYR A 33 -5.61 -5.75 -5.71
N LEU A 34 -5.20 -4.57 -6.17
CA LEU A 34 -5.51 -4.16 -7.53
C LEU A 34 -4.63 -4.93 -8.51
N ARG A 35 -3.41 -5.29 -8.08
CA ARG A 35 -2.50 -6.04 -8.89
C ARG A 35 -3.06 -7.44 -9.13
N GLN A 36 -3.51 -8.09 -8.08
CA GLN A 36 -4.05 -9.43 -8.13
C GLN A 36 -5.48 -9.40 -8.65
N SER A 37 -6.16 -10.53 -8.51
CA SER A 37 -7.54 -10.65 -8.94
C SER A 37 -8.49 -10.16 -7.85
N SER A 38 -9.70 -10.72 -7.84
CA SER A 38 -10.70 -10.39 -6.85
C SER A 38 -11.34 -11.65 -6.31
N SER A 39 -11.01 -11.98 -5.07
CA SER A 39 -11.57 -13.15 -4.40
C SER A 39 -11.70 -12.90 -2.92
N ARG A 40 -12.18 -13.90 -2.19
CA ARG A 40 -12.34 -13.82 -0.74
C ARG A 40 -11.06 -14.26 -0.06
N ARG A 41 -11.14 -14.44 1.26
CA ARG A 41 -10.03 -14.91 2.06
C ARG A 41 -10.43 -15.01 3.51
N SER A 42 -9.88 -16.01 4.20
CA SER A 42 -10.19 -16.24 5.60
C SER A 42 -9.23 -17.24 6.21
N THR A 43 -7.93 -16.93 6.13
CA THR A 43 -6.89 -17.82 6.65
C THR A 43 -5.74 -17.02 7.22
N GLY A 44 -5.97 -15.73 7.46
CA GLY A 44 -4.97 -14.84 8.02
C GLY A 44 -4.98 -14.90 9.54
N GLU A 45 -5.15 -13.73 10.15
CA GLU A 45 -5.18 -13.63 11.60
C GLU A 45 -6.59 -13.85 12.13
N GLU A 46 -7.57 -13.17 11.54
CA GLU A 46 -8.94 -13.25 11.98
C GLU A 46 -9.88 -12.95 10.83
N VAL A 47 -10.68 -13.96 10.47
CA VAL A 47 -11.60 -13.84 9.35
C VAL A 47 -12.81 -14.71 9.60
N LEU A 48 -13.55 -14.40 10.66
CA LEU A 48 -14.74 -15.14 11.04
C LEU A 48 -15.66 -14.26 11.87
N ARG A 49 -15.63 -12.96 11.61
CA ARG A 49 -16.45 -12.00 12.32
C ARG A 49 -17.08 -11.01 11.37
N MET A 50 -18.14 -10.35 11.85
CA MET A 50 -18.82 -9.35 11.06
C MET A 50 -18.01 -8.05 10.92
N PRO A 51 -18.45 -7.18 10.02
CA PRO A 51 -17.80 -5.90 9.80
C PRO A 51 -18.10 -4.91 10.93
N GLY A 52 -17.03 -4.33 11.48
CA GLY A 52 -17.16 -3.38 12.56
C GLY A 52 -15.84 -2.70 12.85
N ASP A 53 -15.19 -3.16 13.93
CA ASP A 53 -13.90 -2.60 14.33
C ASP A 53 -12.91 -2.68 13.18
N GLU A 54 -12.89 -3.84 12.50
CA GLU A 54 -12.01 -4.08 11.38
C GLU A 54 -12.21 -3.02 10.32
N ASN A 55 -11.58 -3.19 9.16
CA ASN A 55 -11.73 -2.26 8.06
C ASN A 55 -13.16 -1.75 7.95
N GLN A 56 -13.39 -0.52 8.42
CA GLN A 56 -14.71 0.04 8.46
C GLN A 56 -15.23 0.14 7.05
N GLN A 57 -16.21 -0.69 6.72
CA GLN A 57 -16.81 -0.68 5.40
C GLN A 57 -18.03 -1.56 5.40
N GLN A 58 -19.03 -1.16 4.61
CA GLN A 58 -20.27 -1.90 4.51
C GLN A 58 -20.01 -3.40 4.45
N GLU A 59 -18.96 -3.78 3.72
CA GLU A 59 -18.57 -5.17 3.59
C GLU A 59 -17.57 -5.34 2.45
N SER A 60 -16.34 -5.70 2.82
CA SER A 60 -15.28 -5.88 1.86
C SER A 60 -14.12 -6.59 2.54
N GLN A 61 -14.25 -7.92 2.68
CA GLN A 61 -13.20 -8.71 3.30
C GLN A 61 -11.90 -8.60 2.48
N GLN A 62 -12.00 -8.09 1.25
CA GLN A 62 -10.86 -7.92 0.39
C GLN A 62 -9.98 -6.79 0.90
N LEU A 63 -10.52 -5.57 0.92
CA LEU A 63 -9.79 -4.41 1.38
C LEU A 63 -9.40 -4.61 2.82
N GLN A 64 -10.14 -5.44 3.57
CA GLN A 64 -9.82 -5.76 4.94
C GLN A 64 -8.36 -6.21 5.05
N GLN A 65 -7.83 -6.82 3.99
CA GLN A 65 -6.46 -7.25 3.97
C GLN A 65 -5.54 -6.06 3.92
N CYS A 66 -5.92 -4.96 3.29
CA CYS A 66 -5.16 -3.75 3.23
C CYS A 66 -5.22 -3.07 4.58
N CYS A 67 -6.40 -2.90 5.18
CA CYS A 67 -6.52 -2.27 6.48
C CYS A 67 -5.69 -3.02 7.50
N ASN A 68 -5.88 -4.34 7.54
CA ASN A 68 -5.11 -5.18 8.44
C ASN A 68 -3.63 -5.11 8.08
N GLN A 69 -3.34 -4.85 6.81
CA GLN A 69 -1.97 -4.72 6.34
C GLN A 69 -1.35 -3.43 6.80
N VAL A 70 -2.06 -2.32 6.60
CA VAL A 70 -1.62 -1.01 7.03
C VAL A 70 -1.54 -0.96 8.54
N LYS A 71 -2.12 -1.95 9.21
CA LYS A 71 -2.05 -2.05 10.65
C LYS A 71 -0.65 -2.45 11.09
N GLN A 72 0.16 -2.96 10.15
CA GLN A 72 1.52 -3.32 10.42
C GLN A 72 2.47 -2.23 9.97
N VAL A 73 1.94 -1.08 9.58
CA VAL A 73 2.74 0.04 9.15
C VAL A 73 3.44 0.66 10.34
N ARG A 74 4.68 1.11 10.12
CA ARG A 74 5.49 1.73 11.15
C ARG A 74 4.74 2.88 11.76
N ASP A 75 4.44 3.87 10.92
CA ASP A 75 3.75 5.08 11.35
C ASP A 75 4.00 6.21 10.37
N GLU A 76 5.26 6.45 10.04
CA GLU A 76 5.67 7.51 9.14
C GLU A 76 6.22 6.90 7.87
N CYS A 77 6.18 5.57 7.78
CA CYS A 77 6.61 4.85 6.62
C CYS A 77 5.40 4.50 5.78
N GLN A 78 4.20 4.88 6.24
CA GLN A 78 2.98 4.61 5.52
C GLN A 78 3.02 5.35 4.19
N CYS A 79 3.64 6.53 4.15
CA CYS A 79 3.70 7.33 2.96
C CYS A 79 4.63 6.67 1.99
N GLU A 80 5.94 6.71 2.26
CA GLU A 80 6.94 6.08 1.40
C GLU A 80 6.52 4.66 1.02
N ALA A 81 5.74 4.01 1.88
CA ALA A 81 5.19 2.71 1.62
C ALA A 81 4.37 2.72 0.35
N ILE A 82 3.49 3.69 0.19
CA ILE A 82 2.70 3.86 -1.00
C ILE A 82 3.62 4.16 -2.17
N LYS A 83 4.67 4.93 -1.99
CA LYS A 83 5.62 5.21 -3.07
C LYS A 83 6.23 3.92 -3.61
N TYR A 84 6.10 2.84 -2.84
CA TYR A 84 6.58 1.53 -3.23
C TYR A 84 5.46 0.65 -3.80
N ILE A 85 4.46 1.28 -4.40
CA ILE A 85 3.31 0.56 -4.89
C ILE A 85 2.50 1.48 -5.78
N ALA A 86 2.39 2.75 -5.46
CA ALA A 86 1.69 3.73 -6.25
C ALA A 86 2.54 4.12 -7.44
N GLU A 87 3.66 3.42 -7.62
CA GLU A 87 4.55 3.66 -8.72
C GLU A 87 5.48 2.47 -8.94
N ASP A 88 5.97 1.91 -7.83
CA ASP A 88 6.87 0.76 -7.89
C ASP A 88 6.12 -0.42 -8.48
N GLN A 89 4.81 -0.50 -8.19
CA GLN A 89 3.98 -1.56 -8.68
C GLN A 89 3.89 -1.45 -10.18
N ILE A 90 3.70 -0.26 -10.74
CA ILE A 90 3.58 -0.04 -12.17
C ILE A 90 4.74 -0.74 -12.89
N GLN A 91 5.90 -0.77 -12.24
CA GLN A 91 7.04 -1.46 -12.77
C GLN A 91 7.12 -2.90 -12.29
N GLN A 92 6.54 -3.18 -11.11
CA GLN A 92 6.52 -4.49 -10.53
C GLN A 92 5.55 -5.39 -11.30
N GLY A 93 4.28 -5.01 -11.34
CA GLY A 93 3.27 -5.74 -12.05
C GLY A 93 3.37 -5.52 -13.56
N GLN A 94 2.38 -6.04 -14.28
CA GLN A 94 2.32 -5.90 -15.72
C GLN A 94 1.60 -4.63 -16.09
N LEU A 95 1.95 -3.51 -15.47
CA LEU A 95 1.33 -2.24 -15.76
C LEU A 95 2.00 -1.59 -16.97
N HIS A 96 3.00 -2.30 -17.54
CA HIS A 96 3.69 -1.83 -18.70
C HIS A 96 2.75 -1.78 -19.91
N GLY A 97 3.27 -1.29 -21.03
CA GLY A 97 2.50 -1.19 -22.25
C GLY A 97 1.72 0.11 -22.28
N GLU A 98 0.60 0.14 -21.54
CA GLU A 98 -0.24 1.33 -21.49
C GLU A 98 -1.38 1.12 -20.48
N GLU A 99 -1.02 0.65 -19.30
CA GLU A 99 -1.99 0.36 -18.26
C GLU A 99 -1.42 0.77 -16.90
N SER A 100 -0.58 1.81 -16.90
CA SER A 100 0.02 2.29 -15.67
C SER A 100 -0.88 3.31 -15.00
N GLU A 101 -1.47 4.20 -15.81
CA GLU A 101 -2.34 5.23 -15.29
C GLU A 101 -3.58 4.59 -14.67
N ARG A 102 -3.96 3.41 -15.18
CA ARG A 102 -5.09 2.69 -14.65
C ARG A 102 -4.77 2.16 -13.27
N VAL A 103 -3.49 1.98 -12.96
CA VAL A 103 -3.03 1.46 -11.70
C VAL A 103 -3.02 2.58 -10.67
N ALA A 104 -2.99 3.83 -11.15
CA ALA A 104 -3.00 4.99 -10.27
C ALA A 104 -4.24 4.96 -9.40
N GLN A 105 -5.38 5.33 -9.98
CA GLN A 105 -6.64 5.34 -9.26
C GLN A 105 -6.87 4.00 -8.60
N ARG A 106 -6.53 2.91 -9.29
CA ARG A 106 -6.69 1.57 -8.76
C ARG A 106 -6.18 1.51 -7.34
N ALA A 107 -4.97 2.03 -7.13
CA ALA A 107 -4.37 2.04 -5.82
C ALA A 107 -5.11 3.02 -4.91
N GLY A 108 -5.41 4.21 -5.44
CA GLY A 108 -6.17 5.21 -4.73
C GLY A 108 -7.51 4.67 -4.22
N GLU A 109 -8.08 3.70 -4.92
CA GLU A 109 -9.34 3.10 -4.56
C GLU A 109 -9.24 2.51 -3.16
N ILE A 110 -8.13 1.80 -2.90
CA ILE A 110 -7.92 1.17 -1.61
C ILE A 110 -7.45 2.23 -0.64
N VAL A 111 -6.77 3.25 -1.13
CA VAL A 111 -6.30 4.34 -0.32
C VAL A 111 -7.46 4.97 0.41
N SER A 112 -8.48 5.38 -0.33
CA SER A 112 -9.67 5.99 0.26
C SER A 112 -10.30 5.03 1.27
N SER A 113 -10.08 3.74 1.08
CA SER A 113 -10.60 2.73 1.98
C SER A 113 -9.77 2.67 3.25
N CYS A 114 -8.61 2.04 3.18
CA CYS A 114 -7.71 1.93 4.30
C CYS A 114 -6.28 1.90 3.77
N GLY A 115 -5.95 2.80 2.87
CA GLY A 115 -4.62 2.87 2.28
C GLY A 115 -4.18 4.31 2.15
N VAL A 116 -4.79 5.20 2.93
CA VAL A 116 -4.47 6.62 2.94
C VAL A 116 -3.14 6.89 3.61
N ARG A 117 -2.13 7.21 2.82
CA ARG A 117 -0.79 7.39 3.34
C ARG A 117 -0.05 8.43 2.54
N CYS A 118 0.33 8.07 1.31
CA CYS A 118 1.01 8.98 0.40
C CYS A 118 0.15 9.14 -0.85
N MET A 119 -0.97 8.42 -0.90
CA MET A 119 -1.88 8.50 -2.02
C MET A 119 -3.04 9.43 -1.73
N ARG A 120 -3.07 9.98 -0.52
CA ARG A 120 -4.10 10.90 -0.10
C ARG A 120 -3.63 11.71 1.09
N GLN A 121 -3.04 11.01 2.06
CA GLN A 121 -2.55 11.66 3.26
C GLN A 121 -1.22 12.33 2.99
N THR A 122 -0.48 12.61 4.07
CA THR A 122 0.81 13.27 3.97
C THR A 122 1.70 12.88 5.14
N ARG A 123 2.92 13.38 5.15
CA ARG A 123 3.88 13.11 6.21
C ARG A 123 3.34 13.55 7.56
N THR A 124 2.80 12.61 8.31
CA THR A 124 2.22 12.88 9.61
C THR A 124 3.28 12.70 10.69
N ASN A 125 3.62 11.46 11.00
CA ASN A 125 4.62 11.16 11.96
C ASN A 125 6.01 11.23 11.33
N ALA A 1 53.67 15.95 -6.74
CA ALA A 1 54.00 17.13 -7.56
C ALA A 1 53.34 16.99 -8.93
N GLU A 2 52.10 16.47 -8.93
CA GLU A 2 51.36 16.29 -10.16
C GLU A 2 49.90 16.64 -9.95
N PHE A 3 49.16 15.74 -9.31
CA PHE A 3 47.75 15.90 -9.07
C PHE A 3 47.19 14.76 -8.24
N MET A 4 45.87 14.62 -8.24
CA MET A 4 45.19 13.57 -7.55
C MET A 4 43.69 13.63 -7.78
N GLU A 5 43.01 12.56 -7.42
CA GLU A 5 41.57 12.47 -7.55
C GLU A 5 40.99 11.52 -6.53
N SER A 6 39.67 11.39 -6.53
CA SER A 6 38.97 10.51 -5.61
C SER A 6 37.48 10.76 -5.71
N LYS A 7 36.69 9.70 -5.50
CA LYS A 7 35.25 9.77 -5.53
C LYS A 7 34.67 8.88 -4.46
N GLY A 8 33.34 8.92 -4.33
CA GLY A 8 32.64 8.09 -3.36
C GLY A 8 31.46 7.38 -4.00
N GLU A 9 30.27 7.74 -3.55
CA GLU A 9 29.05 7.17 -4.07
C GLU A 9 27.84 7.96 -3.59
N ARG A 10 26.82 8.06 -4.45
CA ARG A 10 25.60 8.76 -4.13
C ARG A 10 24.66 7.87 -3.32
N GLU A 11 23.63 8.50 -2.76
CA GLU A 11 22.64 7.77 -1.99
C GLU A 11 21.28 8.42 -2.13
N GLY A 12 20.28 7.88 -1.44
CA GLY A 12 18.93 8.38 -1.47
C GLY A 12 18.04 7.46 -2.25
N SER A 13 16.74 7.51 -1.94
CA SER A 13 15.73 6.67 -2.58
C SER A 13 14.49 6.59 -1.72
N SER A 14 14.67 6.66 -0.41
CA SER A 14 13.58 6.62 0.53
C SER A 14 14.05 7.03 1.91
N SER A 15 13.18 6.87 2.92
CA SER A 15 13.47 7.23 4.28
C SER A 15 14.74 6.52 4.72
N GLN A 16 15.03 6.60 6.02
CA GLN A 16 16.21 5.97 6.58
C GLN A 16 16.43 4.60 5.95
N GLN A 17 15.45 3.70 6.14
CA GLN A 17 15.52 2.37 5.59
C GLN A 17 14.26 1.60 5.93
N CYS A 18 13.10 2.28 5.85
CA CYS A 18 11.83 1.66 6.14
C CYS A 18 11.42 0.86 4.95
N ARG A 19 11.83 1.25 3.73
CA ARG A 19 11.51 0.54 2.51
C ARG A 19 11.61 -0.98 2.72
N GLN A 20 12.52 -1.40 3.62
CA GLN A 20 12.67 -2.76 3.98
C GLN A 20 11.43 -3.29 4.68
N GLU A 21 11.27 -2.94 5.96
CA GLU A 21 10.11 -3.36 6.72
C GLU A 21 8.82 -2.89 6.08
N VAL A 22 8.88 -1.88 5.24
CA VAL A 22 7.77 -1.31 4.57
C VAL A 22 7.22 -2.33 3.60
N GLN A 23 8.11 -2.99 2.85
CA GLN A 23 7.71 -4.00 1.90
C GLN A 23 7.43 -5.32 2.59
N ARG A 24 6.70 -5.28 3.71
CA ARG A 24 6.36 -6.46 4.47
C ARG A 24 5.08 -6.23 5.25
N LYS A 25 4.98 -5.06 5.89
CA LYS A 25 3.82 -4.72 6.67
C LYS A 25 3.11 -3.54 6.03
N ASP A 26 3.84 -2.45 5.80
CA ASP A 26 3.31 -1.26 5.22
C ASP A 26 2.69 -1.61 3.92
N LEU A 27 1.77 -0.77 3.40
CA LEU A 27 1.11 -0.96 2.13
C LEU A 27 1.64 -2.17 1.37
N SER A 28 1.17 -3.37 1.78
CA SER A 28 1.69 -4.62 1.28
C SER A 28 0.53 -5.51 0.95
N SER A 29 -0.55 -4.91 0.42
CA SER A 29 -1.73 -5.65 0.04
C SER A 29 -2.72 -4.72 -0.60
N CYS A 30 -2.80 -3.47 -0.14
CA CYS A 30 -3.70 -2.49 -0.70
C CYS A 30 -3.49 -2.40 -2.19
N GLU A 31 -2.24 -2.14 -2.59
CA GLU A 31 -1.90 -2.03 -4.00
C GLU A 31 -1.91 -3.39 -4.64
N ARG A 32 -1.54 -4.42 -3.85
CA ARG A 32 -1.53 -5.78 -4.33
C ARG A 32 -2.93 -6.23 -4.71
N TYR A 33 -3.93 -5.82 -3.96
CA TYR A 33 -5.30 -6.16 -4.18
C TYR A 33 -5.70 -5.81 -5.60
N LEU A 34 -5.29 -4.62 -6.06
CA LEU A 34 -5.59 -4.18 -7.40
C LEU A 34 -4.71 -4.93 -8.39
N ARG A 35 -3.53 -5.38 -7.93
CA ARG A 35 -2.61 -6.12 -8.75
C ARG A 35 -3.19 -7.48 -9.07
N GLN A 36 -3.78 -8.13 -8.06
CA GLN A 36 -4.37 -9.43 -8.22
C GLN A 36 -5.75 -9.32 -8.86
N SER A 37 -6.53 -10.40 -8.74
CA SER A 37 -7.87 -10.42 -9.26
C SER A 37 -8.73 -11.38 -8.47
N SER A 38 -8.18 -12.57 -8.16
CA SER A 38 -8.89 -13.57 -7.39
C SER A 38 -7.89 -14.44 -6.65
N SER A 39 -8.07 -14.53 -5.33
CA SER A 39 -7.22 -15.34 -4.49
C SER A 39 -8.01 -15.88 -3.31
N ARG A 40 -7.30 -16.36 -2.28
CA ARG A 40 -7.91 -16.88 -1.09
C ARG A 40 -6.98 -16.73 0.09
N ARG A 41 -7.49 -16.09 1.15
CA ARG A 41 -6.72 -15.89 2.36
C ARG A 41 -6.01 -17.18 2.78
N SER A 42 -4.89 -17.04 3.43
CA SER A 42 -4.12 -18.18 3.90
C SER A 42 -3.24 -17.78 5.07
N THR A 43 -3.64 -16.74 5.78
CA THR A 43 -2.90 -16.22 6.90
C THR A 43 -3.77 -15.32 7.77
N GLY A 44 -3.59 -15.39 9.08
CA GLY A 44 -4.34 -14.60 10.02
C GLY A 44 -5.51 -15.40 10.58
N GLU A 45 -5.53 -15.53 11.90
CA GLU A 45 -6.59 -16.25 12.57
C GLU A 45 -7.86 -15.42 12.62
N GLU A 46 -7.78 -14.16 12.13
CA GLU A 46 -8.89 -13.26 12.11
C GLU A 46 -9.38 -13.09 10.69
N VAL A 47 -9.96 -14.15 10.12
CA VAL A 47 -10.48 -14.13 8.78
C VAL A 47 -11.76 -14.94 8.73
N LEU A 48 -12.75 -14.51 9.51
CA LEU A 48 -14.03 -15.17 9.56
C LEU A 48 -15.12 -14.21 9.14
N ARG A 49 -14.93 -13.57 7.98
CA ARG A 49 -15.89 -12.63 7.44
C ARG A 49 -16.07 -12.83 5.95
N MET A 50 -17.17 -12.32 5.42
CA MET A 50 -17.47 -12.41 4.02
C MET A 50 -17.09 -11.15 3.26
N PRO A 51 -16.94 -11.28 1.94
CA PRO A 51 -16.61 -10.17 1.09
C PRO A 51 -17.76 -9.21 0.91
N GLY A 52 -17.48 -7.90 1.07
CA GLY A 52 -18.50 -6.89 0.92
C GLY A 52 -18.08 -5.82 -0.07
N ASP A 53 -17.29 -4.86 0.42
CA ASP A 53 -16.80 -3.78 -0.42
C ASP A 53 -15.69 -3.04 0.30
N GLU A 54 -16.06 -2.18 1.26
CA GLU A 54 -15.14 -1.39 2.01
C GLU A 54 -15.10 -1.89 3.45
N ASN A 55 -13.92 -2.35 3.89
CA ASN A 55 -13.73 -2.84 5.23
C ASN A 55 -13.71 -1.67 6.21
N GLN A 56 -14.79 -0.92 6.28
CA GLN A 56 -14.89 0.22 7.15
C GLN A 56 -15.83 -0.11 8.30
N GLN A 57 -17.14 -0.10 8.01
CA GLN A 57 -18.15 -0.34 9.00
C GLN A 57 -18.84 -1.67 8.71
N GLN A 58 -18.51 -2.26 7.56
CA GLN A 58 -19.07 -3.52 7.16
C GLN A 58 -17.99 -4.59 7.06
N GLU A 59 -18.26 -5.62 6.27
CA GLU A 59 -17.32 -6.69 6.05
C GLU A 59 -16.67 -6.58 4.68
N SER A 60 -15.36 -6.84 4.62
CA SER A 60 -14.62 -6.77 3.39
C SER A 60 -13.30 -7.42 3.60
N GLN A 61 -13.25 -8.74 3.67
CA GLN A 61 -12.01 -9.49 3.85
C GLN A 61 -10.97 -9.05 2.81
N GLN A 62 -11.44 -8.47 1.70
CA GLN A 62 -10.57 -7.97 0.67
C GLN A 62 -9.82 -6.75 1.14
N LEU A 63 -10.54 -5.64 1.32
CA LEU A 63 -9.93 -4.41 1.76
C LEU A 63 -9.47 -4.55 3.18
N GLN A 64 -10.14 -5.34 3.99
CA GLN A 64 -9.80 -5.61 5.35
C GLN A 64 -8.35 -6.02 5.45
N GLN A 65 -7.82 -6.62 4.37
CA GLN A 65 -6.45 -7.02 4.32
C GLN A 65 -5.55 -5.82 4.21
N CYS A 66 -5.99 -4.75 3.55
CA CYS A 66 -5.26 -3.53 3.40
C CYS A 66 -5.27 -2.79 4.72
N CYS A 67 -6.44 -2.61 5.32
CA CYS A 67 -6.56 -1.92 6.59
C CYS A 67 -5.77 -2.68 7.63
N ASN A 68 -5.90 -4.02 7.64
CA ASN A 68 -5.18 -4.85 8.56
C ASN A 68 -3.69 -4.84 8.22
N GLN A 69 -3.38 -4.56 6.95
CA GLN A 69 -2.02 -4.51 6.48
C GLN A 69 -1.37 -3.21 6.89
N VAL A 70 -2.07 -2.09 6.70
CA VAL A 70 -1.58 -0.77 7.05
C VAL A 70 -1.62 -0.63 8.56
N LYS A 71 -2.24 -1.59 9.25
CA LYS A 71 -2.31 -1.58 10.69
C LYS A 71 -0.96 -1.99 11.27
N GLN A 72 -0.12 -2.60 10.44
CA GLN A 72 1.20 -3.00 10.86
C GLN A 72 2.23 -1.99 10.40
N VAL A 73 1.79 -0.88 9.81
CA VAL A 73 2.66 0.16 9.35
C VAL A 73 3.25 0.90 10.54
N ARG A 74 4.32 1.68 10.27
CA ARG A 74 4.97 2.44 11.29
C ARG A 74 4.10 3.60 11.70
N ASP A 75 3.98 4.58 10.81
CA ASP A 75 3.19 5.78 11.05
C ASP A 75 3.63 6.89 10.13
N GLU A 76 4.90 6.84 9.70
CA GLU A 76 5.46 7.83 8.81
C GLU A 76 6.02 7.15 7.56
N CYS A 77 5.92 5.82 7.52
CA CYS A 77 6.38 5.05 6.39
C CYS A 77 5.21 4.80 5.45
N GLN A 78 4.15 5.62 5.58
CA GLN A 78 2.97 5.48 4.77
C GLN A 78 3.32 5.76 3.35
N CYS A 79 3.43 7.05 2.97
CA CYS A 79 3.74 7.44 1.63
C CYS A 79 4.91 6.63 1.15
N GLU A 80 6.04 6.70 1.84
CA GLU A 80 7.22 5.95 1.48
C GLU A 80 6.87 4.55 0.98
N ALA A 81 5.83 3.94 1.56
CA ALA A 81 5.32 2.69 1.15
C ALA A 81 4.70 2.79 -0.22
N ILE A 82 3.72 3.66 -0.42
CA ILE A 82 3.10 3.91 -1.69
C ILE A 82 4.14 4.26 -2.74
N LYS A 83 5.22 4.92 -2.34
CA LYS A 83 6.29 5.31 -3.22
C LYS A 83 7.04 4.07 -3.65
N TYR A 84 6.75 2.94 -3.05
CA TYR A 84 7.36 1.68 -3.33
C TYR A 84 6.38 0.72 -3.96
N ILE A 85 5.35 0.33 -3.20
CA ILE A 85 4.35 -0.59 -3.66
C ILE A 85 3.68 -0.03 -4.90
N ALA A 86 3.19 1.21 -4.82
CA ALA A 86 2.52 1.87 -5.90
C ALA A 86 3.59 2.34 -6.88
N GLU A 87 4.44 1.42 -7.34
CA GLU A 87 5.47 1.69 -8.28
C GLU A 87 6.16 0.43 -8.73
N ASP A 88 6.68 -0.36 -7.79
CA ASP A 88 7.36 -1.60 -8.08
C ASP A 88 6.51 -2.42 -9.02
N GLN A 89 5.21 -2.57 -8.69
CA GLN A 89 4.29 -3.30 -9.49
C GLN A 89 4.01 -2.54 -10.77
N ILE A 90 3.83 -1.22 -10.70
CA ILE A 90 3.56 -0.40 -11.83
C ILE A 90 4.70 -0.54 -12.83
N GLN A 91 5.92 -0.80 -12.35
CA GLN A 91 7.07 -0.96 -13.16
C GLN A 91 7.18 -2.40 -13.64
N GLN A 92 6.82 -3.35 -12.76
CA GLN A 92 6.89 -4.75 -13.08
C GLN A 92 5.77 -5.12 -14.02
N GLY A 93 4.52 -4.95 -13.57
CA GLY A 93 3.35 -5.22 -14.35
C GLY A 93 3.35 -4.42 -15.64
N GLN A 94 2.26 -4.56 -16.41
CA GLN A 94 2.11 -3.86 -17.66
C GLN A 94 1.49 -2.50 -17.43
N LEU A 95 1.92 -1.80 -16.39
CA LEU A 95 1.41 -0.49 -16.06
C LEU A 95 2.26 0.57 -16.74
N HIS A 96 3.05 0.16 -17.74
CA HIS A 96 3.90 1.05 -18.48
C HIS A 96 3.27 1.37 -19.82
N GLY A 97 3.98 2.16 -20.64
CA GLY A 97 3.51 2.55 -21.95
C GLY A 97 2.51 3.68 -21.84
N GLU A 98 1.37 3.41 -21.20
CA GLU A 98 0.32 4.38 -21.02
C GLU A 98 -0.83 3.79 -20.22
N GLU A 99 -0.49 2.96 -19.24
CA GLU A 99 -1.47 2.29 -18.40
C GLU A 99 -1.03 2.32 -16.96
N SER A 100 -0.27 3.36 -16.59
CA SER A 100 0.23 3.52 -15.24
C SER A 100 -0.74 4.36 -14.44
N GLU A 101 -1.15 5.50 -15.01
CA GLU A 101 -2.06 6.40 -14.33
C GLU A 101 -3.36 5.67 -14.00
N ARG A 102 -3.69 4.63 -14.80
CA ARG A 102 -4.87 3.85 -14.57
C ARG A 102 -4.71 3.03 -13.32
N VAL A 103 -3.48 2.72 -12.94
CA VAL A 103 -3.19 1.95 -11.77
C VAL A 103 -3.26 2.82 -10.53
N ALA A 104 -2.92 4.10 -10.68
CA ALA A 104 -2.97 5.05 -9.59
C ALA A 104 -4.41 5.16 -9.10
N GLN A 105 -5.37 5.01 -10.01
CA GLN A 105 -6.77 5.08 -9.66
C GLN A 105 -7.17 3.85 -8.87
N ARG A 106 -6.61 2.69 -9.23
CA ARG A 106 -6.90 1.45 -8.57
C ARG A 106 -6.55 1.54 -7.10
N ALA A 107 -5.27 1.75 -6.79
CA ALA A 107 -4.80 1.83 -5.43
C ALA A 107 -5.66 2.80 -4.67
N GLY A 108 -5.84 4.01 -5.20
CA GLY A 108 -6.67 5.03 -4.59
C GLY A 108 -7.95 4.44 -4.01
N GLU A 109 -8.50 3.43 -4.67
CA GLU A 109 -9.66 2.73 -4.20
C GLU A 109 -9.47 2.23 -2.79
N ILE A 110 -8.46 1.40 -2.56
CA ILE A 110 -8.17 0.84 -1.26
C ILE A 110 -7.65 1.95 -0.38
N VAL A 111 -6.99 2.94 -0.95
CA VAL A 111 -6.45 4.07 -0.24
C VAL A 111 -7.57 4.73 0.53
N SER A 112 -8.56 5.28 -0.18
CA SER A 112 -9.70 5.92 0.44
C SER A 112 -10.39 4.97 1.41
N SER A 113 -10.14 3.67 1.25
CA SER A 113 -10.70 2.67 2.10
C SER A 113 -9.98 2.65 3.43
N CYS A 114 -8.74 2.14 3.44
CA CYS A 114 -7.93 2.05 4.62
C CYS A 114 -6.47 1.98 4.19
N GLY A 115 -6.12 2.63 3.07
CA GLY A 115 -4.79 2.63 2.54
C GLY A 115 -4.36 4.05 2.24
N VAL A 116 -4.76 5.01 3.07
CA VAL A 116 -4.42 6.40 2.93
C VAL A 116 -2.98 6.63 3.28
N ARG A 117 -2.15 7.00 2.31
CA ARG A 117 -0.73 7.21 2.52
C ARG A 117 -0.24 8.31 1.64
N CYS A 118 -0.12 8.05 0.34
CA CYS A 118 0.32 9.01 -0.63
C CYS A 118 -0.71 9.10 -1.75
N MET A 119 -1.76 8.28 -1.64
CA MET A 119 -2.81 8.25 -2.62
C MET A 119 -4.00 9.08 -2.17
N ARG A 120 -3.82 9.85 -1.09
CA ARG A 120 -4.85 10.69 -0.55
C ARG A 120 -4.25 11.77 0.33
N GLN A 121 -3.37 11.35 1.24
CA GLN A 121 -2.72 12.26 2.14
C GLN A 121 -1.23 11.98 2.19
N THR A 122 -0.62 12.24 3.36
CA THR A 122 0.79 12.04 3.55
C THR A 122 1.10 11.79 5.00
N ARG A 123 2.36 12.02 5.40
CA ARG A 123 2.78 11.82 6.77
C ARG A 123 1.83 12.50 7.74
N THR A 124 1.22 11.71 8.60
CA THR A 124 0.28 12.20 9.57
C THR A 124 0.84 12.13 10.97
N ASN A 125 1.55 11.03 11.27
CA ASN A 125 2.18 10.83 12.56
C ASN A 125 1.20 11.24 13.68
N ALA A 1 -10.47 1.07 11.98
CA ALA A 1 -11.34 2.10 11.40
C ALA A 1 -11.66 3.12 12.46
N GLU A 2 -10.62 3.68 13.08
CA GLU A 2 -10.80 4.71 14.09
C GLU A 2 -9.58 5.62 14.14
N PHE A 3 -9.74 6.77 14.81
CA PHE A 3 -8.67 7.72 14.99
C PHE A 3 -7.47 7.10 15.70
N MET A 4 -6.33 7.78 15.63
CA MET A 4 -5.12 7.33 16.28
C MET A 4 -4.00 8.35 16.12
N GLU A 5 -2.98 8.23 16.95
CA GLU A 5 -1.83 9.10 16.88
C GLU A 5 -0.82 8.58 15.87
N SER A 6 -0.06 9.49 15.25
CA SER A 6 0.95 9.14 14.25
C SER A 6 1.41 10.39 13.52
N LYS A 7 2.66 10.78 13.76
CA LYS A 7 3.26 11.96 13.14
C LYS A 7 4.72 11.68 12.78
N GLY A 8 5.15 12.20 11.64
CA GLY A 8 6.49 11.95 11.14
C GLY A 8 7.46 12.90 11.81
N GLU A 9 7.91 13.89 11.04
CA GLU A 9 8.81 14.90 11.56
C GLU A 9 8.57 16.23 10.87
N ARG A 10 8.71 16.26 9.54
CA ARG A 10 8.49 17.45 8.75
C ARG A 10 8.24 17.10 7.30
N GLU A 11 9.26 16.54 6.65
CA GLU A 11 9.18 16.15 5.26
C GLU A 11 10.03 14.93 4.98
N GLY A 12 10.04 14.47 3.74
CA GLY A 12 10.82 13.30 3.35
C GLY A 12 10.03 12.47 2.36
N SER A 13 10.74 11.86 1.42
CA SER A 13 10.11 11.01 0.42
C SER A 13 10.13 9.58 0.91
N SER A 14 11.04 9.22 1.80
CA SER A 14 11.14 7.88 2.35
C SER A 14 12.03 7.92 3.57
N SER A 15 11.86 6.93 4.46
CA SER A 15 12.66 6.82 5.67
C SER A 15 14.15 6.63 5.33
N GLN A 16 14.89 6.02 6.24
CA GLN A 16 16.29 5.74 5.99
C GLN A 16 16.47 4.32 5.49
N GLN A 17 15.53 3.43 5.78
CA GLN A 17 15.58 2.04 5.39
C GLN A 17 14.29 1.38 5.83
N CYS A 18 13.17 2.08 5.79
CA CYS A 18 11.92 1.48 6.18
C CYS A 18 11.47 0.64 5.01
N ARG A 19 11.88 0.91 3.77
CA ARG A 19 11.49 0.15 2.58
C ARG A 19 11.41 -1.36 2.85
N GLN A 20 12.42 -1.89 3.52
CA GLN A 20 12.43 -3.27 3.96
C GLN A 20 11.17 -3.61 4.76
N GLU A 21 11.05 -3.18 6.01
CA GLU A 21 9.86 -3.43 6.79
C GLU A 21 8.58 -2.97 6.09
N VAL A 22 8.69 -1.95 5.23
CA VAL A 22 7.61 -1.37 4.49
C VAL A 22 7.06 -2.44 3.59
N GLN A 23 7.90 -3.11 2.83
CA GLN A 23 7.45 -4.16 1.95
C GLN A 23 7.16 -5.45 2.71
N ARG A 24 6.52 -5.38 3.86
CA ARG A 24 6.24 -6.54 4.67
C ARG A 24 4.97 -6.31 5.47
N LYS A 25 4.86 -5.12 6.06
CA LYS A 25 3.71 -4.75 6.86
C LYS A 25 2.98 -3.58 6.22
N ASP A 26 3.74 -2.53 5.89
CA ASP A 26 3.22 -1.34 5.26
C ASP A 26 2.64 -1.71 3.94
N LEU A 27 1.76 -0.89 3.36
CA LEU A 27 1.11 -1.11 2.06
C LEU A 27 1.70 -2.30 1.35
N SER A 28 1.16 -3.48 1.67
CA SER A 28 1.74 -4.76 1.23
C SER A 28 0.61 -5.68 0.83
N SER A 29 -0.47 -5.08 0.33
CA SER A 29 -1.63 -5.83 -0.06
C SER A 29 -2.64 -4.89 -0.66
N CYS A 30 -2.73 -3.63 -0.23
CA CYS A 30 -3.65 -2.66 -0.80
C CYS A 30 -3.42 -2.53 -2.30
N GLU A 31 -2.18 -2.21 -2.69
CA GLU A 31 -1.85 -2.10 -4.10
C GLU A 31 -1.80 -3.48 -4.70
N ARG A 32 -1.41 -4.49 -3.94
CA ARG A 32 -1.38 -5.85 -4.41
C ARG A 32 -2.76 -6.32 -4.82
N TYR A 33 -3.80 -6.09 -4.06
CA TYR A 33 -5.17 -6.46 -4.32
C TYR A 33 -5.55 -6.09 -5.73
N LEU A 34 -5.15 -4.89 -6.16
CA LEU A 34 -5.44 -4.43 -7.49
C LEU A 34 -4.52 -5.12 -8.49
N ARG A 35 -3.29 -5.45 -8.06
CA ARG A 35 -2.34 -6.16 -8.87
C ARG A 35 -2.81 -7.58 -9.13
N GLN A 36 -3.20 -8.30 -8.08
CA GLN A 36 -3.67 -9.66 -8.14
C GLN A 36 -5.12 -9.70 -8.59
N SER A 37 -5.72 -10.87 -8.45
CA SER A 37 -7.12 -11.04 -8.80
C SER A 37 -8.02 -10.61 -7.66
N SER A 38 -7.69 -11.07 -6.44
CA SER A 38 -8.47 -10.75 -5.26
C SER A 38 -7.55 -10.54 -4.06
N SER A 39 -8.00 -10.90 -2.87
CA SER A 39 -7.28 -10.70 -1.63
C SER A 39 -8.09 -11.24 -0.48
N ARG A 40 -7.86 -12.50 -0.14
CA ARG A 40 -8.55 -13.13 0.98
C ARG A 40 -7.91 -14.46 1.28
N ARG A 41 -7.25 -14.57 2.43
CA ARG A 41 -6.62 -15.80 2.88
C ARG A 41 -6.02 -15.61 4.26
N SER A 42 -5.58 -16.70 4.87
CA SER A 42 -4.90 -16.68 6.15
C SER A 42 -3.41 -16.43 5.99
N THR A 43 -3.05 -15.49 5.13
CA THR A 43 -1.65 -15.13 4.93
C THR A 43 -1.07 -14.38 6.14
N GLY A 44 -1.90 -14.13 7.15
CA GLY A 44 -1.47 -13.47 8.36
C GLY A 44 -1.08 -14.47 9.44
N GLU A 45 -1.79 -14.40 10.56
CA GLU A 45 -1.56 -15.30 11.68
C GLU A 45 -2.75 -15.29 12.62
N GLU A 46 -3.33 -14.12 12.85
CA GLU A 46 -4.45 -13.97 13.76
C GLU A 46 -5.60 -13.26 13.10
N VAL A 47 -6.62 -14.01 12.70
CA VAL A 47 -7.76 -13.45 11.98
C VAL A 47 -8.99 -14.30 12.22
N LEU A 48 -9.73 -13.98 13.28
CA LEU A 48 -10.95 -14.67 13.68
C LEU A 48 -11.48 -14.08 14.98
N ARG A 49 -10.56 -13.65 15.85
CA ARG A 49 -10.91 -13.05 17.13
C ARG A 49 -10.24 -11.70 17.30
N MET A 50 -9.50 -11.27 16.28
CA MET A 50 -8.81 -10.01 16.30
C MET A 50 -9.68 -8.87 15.79
N PRO A 51 -9.27 -7.62 16.07
CA PRO A 51 -9.97 -6.44 15.60
C PRO A 51 -9.72 -6.18 14.10
N GLY A 52 -9.97 -7.19 13.29
CA GLY A 52 -9.80 -7.13 11.87
C GLY A 52 -11.10 -7.38 11.17
N ASP A 53 -11.92 -8.33 11.65
CA ASP A 53 -13.21 -8.68 11.08
C ASP A 53 -14.06 -7.43 10.89
N GLU A 54 -14.40 -6.75 11.98
CA GLU A 54 -15.18 -5.53 11.96
C GLU A 54 -14.35 -4.37 11.34
N ASN A 55 -14.04 -4.48 10.06
CA ASN A 55 -13.28 -3.49 9.35
C ASN A 55 -14.23 -2.42 8.84
N GLN A 56 -13.71 -1.55 7.95
CA GLN A 56 -14.49 -0.52 7.32
C GLN A 56 -15.89 -1.00 6.93
N GLN A 57 -15.96 -1.86 5.92
CA GLN A 57 -17.21 -2.43 5.48
C GLN A 57 -17.22 -3.93 5.69
N GLN A 58 -18.27 -4.44 6.32
CA GLN A 58 -18.36 -5.87 6.57
C GLN A 58 -18.16 -6.67 5.28
N GLU A 59 -18.96 -6.34 4.26
CA GLU A 59 -18.86 -7.00 2.96
C GLU A 59 -17.68 -6.42 2.15
N SER A 60 -16.48 -6.53 2.70
CA SER A 60 -15.29 -6.00 2.05
C SER A 60 -14.07 -6.58 2.75
N GLN A 61 -14.14 -7.87 3.10
CA GLN A 61 -13.00 -8.54 3.74
C GLN A 61 -11.72 -8.39 2.90
N GLN A 62 -11.89 -8.11 1.61
CA GLN A 62 -10.78 -7.87 0.72
C GLN A 62 -9.95 -6.68 1.17
N LEU A 63 -10.57 -5.52 1.31
CA LEU A 63 -9.88 -4.33 1.73
C LEU A 63 -9.53 -4.44 3.20
N GLN A 64 -10.28 -5.22 3.98
CA GLN A 64 -9.96 -5.47 5.37
C GLN A 64 -8.51 -5.93 5.52
N GLN A 65 -7.99 -6.64 4.52
CA GLN A 65 -6.63 -7.07 4.53
C GLN A 65 -5.69 -5.91 4.36
N CYS A 66 -6.06 -4.89 3.61
CA CYS A 66 -5.30 -3.68 3.44
C CYS A 66 -5.35 -2.89 4.72
N CYS A 67 -6.50 -2.63 5.34
CA CYS A 67 -6.57 -1.89 6.58
C CYS A 67 -5.75 -2.58 7.65
N ASN A 68 -5.98 -3.88 7.86
CA ASN A 68 -5.18 -4.66 8.78
C ASN A 68 -3.71 -4.67 8.40
N GLN A 69 -3.41 -4.37 7.14
CA GLN A 69 -2.06 -4.30 6.63
C GLN A 69 -1.43 -2.94 6.90
N VAL A 70 -2.14 -1.87 6.58
CA VAL A 70 -1.72 -0.53 6.81
C VAL A 70 -1.78 -0.21 8.29
N LYS A 71 -2.41 -1.08 9.08
CA LYS A 71 -2.45 -0.92 10.52
C LYS A 71 -1.11 -1.29 11.13
N GLN A 72 -0.26 -1.96 10.36
CA GLN A 72 1.07 -2.32 10.79
C GLN A 72 2.09 -1.33 10.26
N VAL A 73 1.65 -0.24 9.64
CA VAL A 73 2.55 0.78 9.15
C VAL A 73 3.21 1.52 10.31
N ARG A 74 4.30 2.23 10.00
CA ARG A 74 5.00 3.05 10.98
C ARG A 74 4.37 4.40 11.11
N ASP A 75 4.47 5.22 10.06
CA ASP A 75 3.98 6.59 10.04
C ASP A 75 4.72 7.41 8.98
N GLU A 76 6.04 7.22 8.90
CA GLU A 76 6.87 7.93 7.94
C GLU A 76 7.18 7.05 6.75
N CYS A 77 6.74 5.80 6.80
CA CYS A 77 6.89 4.86 5.76
C CYS A 77 5.56 4.58 5.15
N GLN A 78 4.46 5.14 5.66
CA GLN A 78 3.14 4.94 5.13
C GLN A 78 3.08 5.49 3.71
N CYS A 79 3.69 6.65 3.48
CA CYS A 79 3.62 7.32 2.20
C CYS A 79 4.53 6.59 1.26
N GLU A 80 5.85 6.60 1.53
CA GLU A 80 6.80 5.89 0.69
C GLU A 80 6.37 4.45 0.45
N ALA A 81 5.64 3.87 1.40
CA ALA A 81 5.06 2.58 1.23
C ALA A 81 4.23 2.47 -0.02
N ILE A 82 3.40 3.46 -0.33
CA ILE A 82 2.65 3.56 -1.55
C ILE A 82 3.55 3.88 -2.72
N LYS A 83 4.52 4.77 -2.57
CA LYS A 83 5.46 5.06 -3.63
C LYS A 83 6.37 3.88 -3.90
N TYR A 84 6.22 2.80 -3.16
CA TYR A 84 7.01 1.61 -3.25
C TYR A 84 6.13 0.52 -3.76
N ILE A 85 5.10 0.10 -3.04
CA ILE A 85 4.23 -0.99 -3.45
C ILE A 85 3.55 -0.64 -4.76
N ALA A 86 3.16 0.62 -4.93
CA ALA A 86 2.56 1.09 -6.15
C ALA A 86 3.61 1.13 -7.20
N GLU A 87 4.58 2.04 -7.10
CA GLU A 87 5.65 2.16 -8.08
C GLU A 87 6.32 0.82 -8.37
N ASP A 88 6.22 -0.14 -7.43
CA ASP A 88 6.76 -1.47 -7.55
C ASP A 88 6.06 -2.19 -8.70
N GLN A 89 4.85 -2.69 -8.40
CA GLN A 89 4.09 -3.42 -9.37
C GLN A 89 3.83 -2.53 -10.56
N ILE A 90 3.67 -1.22 -10.38
CA ILE A 90 3.49 -0.29 -11.47
C ILE A 90 4.60 -0.47 -12.50
N GLN A 91 5.84 -0.52 -12.05
CA GLN A 91 6.96 -0.71 -12.94
C GLN A 91 6.98 -2.12 -13.49
N GLN A 92 6.95 -3.12 -12.60
CA GLN A 92 6.98 -4.52 -13.00
C GLN A 92 5.88 -4.81 -14.03
N GLY A 93 4.65 -4.53 -13.68
CA GLY A 93 3.50 -4.66 -14.53
C GLY A 93 3.57 -3.72 -15.74
N GLN A 94 2.53 -3.77 -16.55
CA GLN A 94 2.44 -2.90 -17.71
C GLN A 94 1.84 -1.55 -17.34
N LEU A 95 2.11 -1.06 -16.15
CA LEU A 95 1.57 0.21 -15.71
C LEU A 95 2.60 1.28 -16.03
N HIS A 96 3.75 0.93 -16.59
CA HIS A 96 4.75 1.87 -17.00
C HIS A 96 4.46 2.45 -18.38
N GLY A 97 5.30 3.35 -18.86
CA GLY A 97 5.13 3.96 -20.15
C GLY A 97 4.18 5.13 -20.06
N GLU A 98 2.90 4.85 -19.78
CA GLU A 98 1.88 5.90 -19.66
C GLU A 98 0.53 5.29 -19.27
N GLU A 99 0.57 4.34 -18.36
CA GLU A 99 -0.61 3.60 -17.93
C GLU A 99 -0.58 3.44 -16.42
N SER A 100 0.33 4.14 -15.76
CA SER A 100 0.51 4.03 -14.32
C SER A 100 -0.63 4.78 -13.66
N GLU A 101 -1.03 5.90 -14.25
CA GLU A 101 -2.09 6.72 -13.71
C GLU A 101 -3.39 5.92 -13.70
N ARG A 102 -3.49 4.92 -14.60
CA ARG A 102 -4.65 4.06 -14.65
C ARG A 102 -4.67 3.13 -13.46
N VAL A 103 -3.52 2.84 -12.87
CA VAL A 103 -3.46 2.01 -11.68
C VAL A 103 -3.72 2.84 -10.45
N ALA A 104 -3.38 4.12 -10.44
CA ALA A 104 -3.67 4.99 -9.33
C ALA A 104 -5.17 4.98 -9.00
N GLN A 105 -6.01 4.79 -10.03
CA GLN A 105 -7.43 4.69 -9.82
C GLN A 105 -7.79 3.38 -9.15
N ARG A 106 -6.97 2.34 -9.32
CA ARG A 106 -7.17 1.03 -8.75
C ARG A 106 -6.72 1.04 -7.30
N ALA A 107 -5.49 1.44 -7.05
CA ALA A 107 -4.96 1.45 -5.71
C ALA A 107 -5.71 2.43 -4.86
N GLY A 108 -5.99 3.62 -5.42
CA GLY A 108 -6.79 4.65 -4.79
C GLY A 108 -8.05 4.08 -4.14
N GLU A 109 -8.64 3.06 -4.75
CA GLU A 109 -9.81 2.38 -4.20
C GLU A 109 -9.54 1.90 -2.79
N ILE A 110 -8.47 1.15 -2.59
CA ILE A 110 -8.13 0.59 -1.30
C ILE A 110 -7.60 1.71 -0.43
N VAL A 111 -6.98 2.71 -1.05
CA VAL A 111 -6.49 3.85 -0.36
C VAL A 111 -7.60 4.54 0.39
N SER A 112 -8.68 4.87 -0.32
CA SER A 112 -9.86 5.47 0.27
C SER A 112 -10.42 4.60 1.39
N SER A 113 -10.23 3.28 1.29
CA SER A 113 -10.69 2.35 2.29
C SER A 113 -9.86 2.49 3.55
N CYS A 114 -8.64 1.95 3.53
CA CYS A 114 -7.72 2.05 4.65
C CYS A 114 -6.29 2.02 4.13
N GLY A 115 -6.03 2.73 3.03
CA GLY A 115 -4.72 2.79 2.42
C GLY A 115 -4.35 4.21 2.09
N VAL A 116 -4.92 5.19 2.81
CA VAL A 116 -4.68 6.61 2.62
C VAL A 116 -3.31 7.00 3.10
N ARG A 117 -2.35 7.14 2.19
CA ARG A 117 -0.99 7.46 2.57
C ARG A 117 -0.37 8.39 1.58
N CYS A 118 0.30 7.87 0.54
CA CYS A 118 0.85 8.68 -0.53
C CYS A 118 -0.05 8.64 -1.75
N MET A 119 -1.15 7.89 -1.65
CA MET A 119 -2.12 7.79 -2.72
C MET A 119 -3.29 8.75 -2.51
N ARG A 120 -3.22 9.57 -1.47
CA ARG A 120 -4.24 10.55 -1.18
C ARG A 120 -3.65 11.67 -0.36
N GLN A 121 -3.35 11.37 0.90
CA GLN A 121 -2.81 12.36 1.82
C GLN A 121 -1.28 12.42 1.67
N THR A 122 -0.65 13.08 2.61
CA THR A 122 0.78 13.27 2.63
C THR A 122 1.43 12.18 3.46
N ARG A 123 2.61 12.47 4.02
CA ARG A 123 3.32 11.54 4.87
C ARG A 123 2.43 10.98 5.95
N THR A 124 1.53 11.79 6.49
CA THR A 124 0.62 11.39 7.53
C THR A 124 -0.76 11.71 7.08
N ASN A 125 -1.67 10.86 7.54
CA ASN A 125 -3.08 10.95 7.24
C ASN A 125 -3.41 10.37 5.81
N ALA A 1 2.79 40.54 1.75
CA ALA A 1 2.56 39.09 1.66
C ALA A 1 1.70 38.80 0.44
N GLU A 2 1.92 37.64 -0.16
CA GLU A 2 1.16 37.24 -1.33
C GLU A 2 1.03 35.72 -1.39
N PHE A 3 2.17 35.02 -1.33
CA PHE A 3 2.19 33.57 -1.40
C PHE A 3 3.56 33.04 -0.99
N MET A 4 3.58 32.22 0.05
CA MET A 4 4.81 31.62 0.53
C MET A 4 4.78 30.13 0.36
N GLU A 5 5.85 29.56 -0.17
CA GLU A 5 5.96 28.13 -0.34
C GLU A 5 7.31 27.78 -0.93
N SER A 6 7.63 26.49 -0.96
CA SER A 6 8.89 26.01 -1.50
C SER A 6 9.03 24.53 -1.22
N LYS A 7 9.52 23.78 -2.22
CA LYS A 7 9.73 22.35 -2.08
C LYS A 7 10.58 21.85 -3.24
N GLY A 8 11.62 21.09 -2.93
CA GLY A 8 12.53 20.56 -3.92
C GLY A 8 13.24 19.34 -3.39
N GLU A 9 12.60 18.19 -3.54
CA GLU A 9 13.19 16.93 -3.11
C GLU A 9 12.83 15.81 -4.07
N ARG A 10 13.74 14.83 -4.20
CA ARG A 10 13.52 13.69 -5.07
C ARG A 10 12.14 13.07 -4.81
N GLU A 11 11.69 12.28 -5.77
CA GLU A 11 10.40 11.62 -5.64
C GLU A 11 10.55 10.34 -4.82
N GLY A 12 9.85 10.29 -3.67
CA GLY A 12 9.91 9.15 -2.79
C GLY A 12 11.17 9.20 -1.95
N SER A 13 11.02 9.64 -0.70
CA SER A 13 12.15 9.73 0.23
C SER A 13 12.02 8.66 1.30
N SER A 14 12.26 7.40 0.92
CA SER A 14 12.19 6.30 1.87
C SER A 14 13.22 6.46 2.94
N SER A 15 12.86 6.05 4.17
CA SER A 15 13.77 6.13 5.30
C SER A 15 15.03 5.30 5.05
N GLN A 16 15.68 4.84 6.11
CA GLN A 16 16.86 4.02 6.00
C GLN A 16 16.61 2.85 5.06
N GLN A 17 15.47 2.17 5.23
CA GLN A 17 15.10 1.06 4.39
C GLN A 17 13.72 0.54 4.79
N CYS A 18 12.78 1.47 5.00
CA CYS A 18 11.43 1.12 5.37
C CYS A 18 10.83 0.33 4.28
N ARG A 19 11.12 0.60 2.99
CA ARG A 19 10.67 -0.16 1.83
C ARG A 19 10.53 -1.64 2.12
N GLN A 20 11.60 -2.26 2.62
CA GLN A 20 11.59 -3.64 2.98
C GLN A 20 10.54 -3.90 4.05
N GLU A 21 10.74 -3.37 5.25
CA GLU A 21 9.74 -3.46 6.30
C GLU A 21 8.37 -2.97 5.88
N VAL A 22 8.24 -2.29 4.78
CA VAL A 22 7.04 -1.78 4.22
C VAL A 22 6.40 -2.85 3.41
N GLN A 23 7.20 -3.66 2.71
CA GLN A 23 6.73 -4.73 1.85
C GLN A 23 6.36 -5.95 2.70
N ARG A 24 5.73 -5.74 3.85
CA ARG A 24 5.36 -6.81 4.74
C ARG A 24 4.15 -6.40 5.56
N LYS A 25 4.15 -5.15 6.04
CA LYS A 25 3.09 -4.62 6.87
C LYS A 25 2.51 -3.39 6.21
N ASP A 26 3.33 -2.41 5.91
CA ASP A 26 2.90 -1.18 5.30
C ASP A 26 2.27 -1.50 3.98
N LEU A 27 1.83 -0.50 3.21
CA LEU A 27 1.22 -0.68 1.91
C LEU A 27 1.92 -1.77 1.13
N SER A 28 1.43 -3.00 1.22
CA SER A 28 2.15 -4.16 0.69
C SER A 28 1.09 -5.16 0.30
N SER A 29 -0.06 -4.64 -0.17
CA SER A 29 -1.15 -5.47 -0.60
C SER A 29 -2.24 -4.61 -1.14
N CYS A 30 -2.45 -3.40 -0.63
CA CYS A 30 -3.48 -2.50 -1.10
C CYS A 30 -3.44 -2.42 -2.62
N GLU A 31 -2.25 -2.11 -3.15
CA GLU A 31 -2.08 -2.07 -4.57
C GLU A 31 -2.08 -3.47 -5.17
N ARG A 32 -1.59 -4.46 -4.42
CA ARG A 32 -1.63 -5.84 -4.83
C ARG A 32 -3.04 -6.29 -5.04
N TYR A 33 -4.03 -5.84 -4.30
CA TYR A 33 -5.41 -6.22 -4.39
C TYR A 33 -5.93 -5.94 -5.78
N LEU A 34 -5.74 -4.71 -6.25
CA LEU A 34 -6.17 -4.34 -7.58
C LEU A 34 -5.22 -4.93 -8.62
N ARG A 35 -3.98 -5.23 -8.21
CA ARG A 35 -3.00 -5.83 -9.09
C ARG A 35 -3.38 -7.27 -9.36
N GLN A 36 -3.76 -7.99 -8.32
CA GLN A 36 -4.13 -9.39 -8.40
C GLN A 36 -5.55 -9.53 -8.95
N SER A 37 -6.10 -10.73 -8.79
CA SER A 37 -7.45 -11.01 -9.25
C SER A 37 -8.45 -10.61 -8.19
N SER A 38 -8.50 -11.37 -7.09
CA SER A 38 -9.46 -11.15 -6.01
C SER A 38 -9.64 -12.42 -5.19
N SER A 39 -8.81 -12.58 -4.17
CA SER A 39 -8.92 -13.73 -3.29
C SER A 39 -8.16 -13.46 -2.00
N ARG A 40 -8.08 -14.47 -1.14
CA ARG A 40 -7.36 -14.38 0.13
C ARG A 40 -7.00 -15.74 0.63
N ARG A 41 -5.84 -16.25 0.21
CA ARG A 41 -5.36 -17.57 0.63
C ARG A 41 -5.67 -17.84 2.11
N SER A 42 -6.61 -18.75 2.35
CA SER A 42 -7.04 -19.06 3.70
C SER A 42 -6.12 -20.13 4.26
N THR A 43 -5.05 -19.71 4.90
CA THR A 43 -4.08 -20.61 5.51
C THR A 43 -4.40 -20.87 6.98
N GLY A 44 -3.37 -20.92 7.83
CA GLY A 44 -3.55 -21.12 9.25
C GLY A 44 -3.65 -19.81 10.00
N GLU A 45 -2.69 -19.54 10.86
CA GLU A 45 -2.67 -18.30 11.63
C GLU A 45 -1.98 -17.17 10.85
N GLU A 46 -1.99 -17.28 9.52
CA GLU A 46 -1.37 -16.29 8.66
C GLU A 46 -2.23 -15.02 8.58
N VAL A 47 -2.18 -14.35 7.43
CA VAL A 47 -2.95 -13.17 7.16
C VAL A 47 -4.38 -13.58 6.80
N LEU A 48 -5.03 -14.32 7.69
CA LEU A 48 -6.39 -14.77 7.50
C LEU A 48 -7.14 -14.67 8.82
N ARG A 49 -6.85 -13.61 9.59
CA ARG A 49 -7.49 -13.40 10.88
C ARG A 49 -9.00 -13.35 10.70
N MET A 50 -9.72 -13.36 11.81
CA MET A 50 -11.17 -13.28 11.79
C MET A 50 -11.74 -13.19 13.19
N PRO A 51 -11.82 -11.95 13.70
CA PRO A 51 -12.38 -11.72 15.03
C PRO A 51 -13.89 -11.92 15.08
N GLY A 52 -14.53 -11.87 13.92
CA GLY A 52 -15.96 -12.05 13.80
C GLY A 52 -16.29 -12.93 12.64
N ASP A 53 -16.25 -12.38 11.43
CA ASP A 53 -16.57 -13.13 10.23
C ASP A 53 -16.15 -12.33 9.00
N GLU A 54 -16.99 -11.37 8.59
CA GLU A 54 -16.78 -10.53 7.44
C GLU A 54 -15.74 -9.52 7.80
N ASN A 55 -14.50 -9.95 8.14
CA ASN A 55 -13.42 -9.10 8.56
C ASN A 55 -13.94 -7.94 9.44
N GLN A 56 -13.13 -6.89 9.50
CA GLN A 56 -13.55 -5.66 10.14
C GLN A 56 -13.76 -4.51 9.15
N GLN A 57 -14.76 -4.62 8.30
CA GLN A 57 -15.03 -3.62 7.30
C GLN A 57 -16.46 -3.75 6.84
N GLN A 58 -16.97 -2.71 6.18
CA GLN A 58 -18.33 -2.70 5.68
C GLN A 58 -18.65 -4.00 4.94
N GLU A 59 -17.85 -4.30 3.91
CA GLU A 59 -18.07 -5.49 3.12
C GLU A 59 -16.89 -5.72 2.19
N SER A 60 -15.84 -6.35 2.71
CA SER A 60 -14.65 -6.63 1.93
C SER A 60 -13.60 -7.28 2.82
N GLN A 61 -13.57 -8.61 2.80
CA GLN A 61 -12.60 -9.36 3.59
C GLN A 61 -11.19 -9.13 3.08
N GLN A 62 -11.07 -8.88 1.78
CA GLN A 62 -9.78 -8.65 1.16
C GLN A 62 -9.27 -7.29 1.53
N LEU A 63 -10.02 -6.22 1.31
CA LEU A 63 -9.62 -4.87 1.66
C LEU A 63 -9.18 -4.82 3.13
N GLN A 64 -9.74 -5.71 3.96
CA GLN A 64 -9.35 -5.83 5.34
C GLN A 64 -7.84 -6.05 5.41
N GLN A 65 -7.27 -6.86 4.53
CA GLN A 65 -5.88 -7.18 4.51
C GLN A 65 -5.10 -5.90 4.38
N CYS A 66 -5.56 -4.93 3.60
CA CYS A 66 -4.89 -3.66 3.44
C CYS A 66 -5.05 -2.90 4.72
N CYS A 67 -6.23 -2.75 5.30
CA CYS A 67 -6.42 -2.04 6.56
C CYS A 67 -5.56 -2.65 7.63
N ASN A 68 -5.65 -3.98 7.82
CA ASN A 68 -4.83 -4.69 8.78
C ASN A 68 -3.36 -4.52 8.44
N GLN A 69 -3.05 -4.34 7.16
CA GLN A 69 -1.69 -4.14 6.70
C GLN A 69 -1.20 -2.74 7.04
N VAL A 70 -2.00 -1.74 6.76
CA VAL A 70 -1.68 -0.34 7.01
C VAL A 70 -1.76 -0.11 8.51
N LYS A 71 -2.41 -1.01 9.25
CA LYS A 71 -2.49 -0.93 10.69
C LYS A 71 -1.16 -1.31 11.30
N GLN A 72 -0.35 -2.09 10.57
CA GLN A 72 0.96 -2.47 11.01
C GLN A 72 2.02 -1.58 10.39
N VAL A 73 1.64 -0.43 9.86
CA VAL A 73 2.58 0.50 9.27
C VAL A 73 3.45 1.13 10.34
N ARG A 74 4.53 1.77 9.91
CA ARG A 74 5.45 2.45 10.82
C ARG A 74 4.79 3.67 11.40
N ASP A 75 4.78 4.74 10.63
CA ASP A 75 4.18 6.00 11.03
C ASP A 75 4.58 7.12 10.05
N GLU A 76 5.71 6.92 9.38
CA GLU A 76 6.27 7.91 8.48
C GLU A 76 6.55 7.22 7.15
N CYS A 77 6.32 5.90 7.09
CA CYS A 77 6.49 5.14 5.90
C CYS A 77 5.13 5.04 5.28
N GLN A 78 4.07 5.63 5.79
CA GLN A 78 2.75 5.56 5.23
C GLN A 78 2.81 5.96 3.76
N CYS A 79 3.45 7.07 3.44
CA CYS A 79 3.55 7.52 2.08
C CYS A 79 4.49 6.63 1.33
N GLU A 80 5.80 6.67 1.64
CA GLU A 80 6.80 5.83 1.01
C GLU A 80 6.30 4.39 0.83
N ALA A 81 5.48 3.90 1.73
CA ALA A 81 4.85 2.61 1.66
C ALA A 81 4.15 2.45 0.34
N ILE A 82 3.27 3.39 -0.01
CA ILE A 82 2.58 3.39 -1.28
C ILE A 82 3.55 3.76 -2.39
N LYS A 83 4.52 4.63 -2.11
CA LYS A 83 5.50 5.02 -3.10
C LYS A 83 6.40 3.84 -3.43
N TYR A 84 6.26 2.74 -2.70
CA TYR A 84 7.04 1.55 -2.89
C TYR A 84 6.22 0.52 -3.63
N ILE A 85 5.10 0.11 -3.04
CA ILE A 85 4.27 -0.92 -3.61
C ILE A 85 3.67 -0.33 -4.86
N ALA A 86 3.01 0.82 -4.78
CA ALA A 86 2.35 1.45 -5.88
C ALA A 86 3.42 2.08 -6.75
N GLU A 87 4.42 1.30 -7.14
CA GLU A 87 5.48 1.72 -8.02
C GLU A 87 6.35 0.54 -8.45
N ASP A 88 6.85 -0.22 -7.48
CA ASP A 88 7.71 -1.36 -7.76
C ASP A 88 6.98 -2.31 -8.70
N GLN A 89 5.72 -2.62 -8.36
CA GLN A 89 4.91 -3.48 -9.17
C GLN A 89 4.51 -2.74 -10.43
N ILE A 90 4.46 -1.42 -10.44
CA ILE A 90 4.12 -0.63 -11.60
C ILE A 90 5.18 -0.82 -12.69
N GLN A 91 6.46 -0.70 -12.31
CA GLN A 91 7.55 -0.88 -13.24
C GLN A 91 7.72 -2.35 -13.57
N GLN A 92 7.45 -3.24 -12.60
CA GLN A 92 7.58 -4.66 -12.80
C GLN A 92 6.44 -5.16 -13.69
N GLY A 93 5.21 -4.89 -13.28
CA GLY A 93 4.02 -5.28 -13.99
C GLY A 93 3.87 -4.48 -15.27
N GLN A 94 2.79 -4.73 -16.00
CA GLN A 94 2.47 -4.02 -17.21
C GLN A 94 1.70 -2.75 -16.92
N LEU A 95 2.08 -2.02 -15.89
CA LEU A 95 1.41 -0.80 -15.48
C LEU A 95 2.10 0.37 -16.14
N HIS A 96 2.54 0.20 -17.38
CA HIS A 96 3.22 1.22 -18.14
C HIS A 96 2.79 1.15 -19.59
N GLY A 97 2.97 2.26 -20.29
CA GLY A 97 2.59 2.37 -21.69
C GLY A 97 1.36 3.22 -21.88
N GLU A 98 0.49 3.27 -20.86
CA GLU A 98 -0.71 4.08 -20.90
C GLU A 98 -1.61 3.72 -19.71
N GLU A 99 -1.55 2.45 -19.28
CA GLU A 99 -2.35 1.98 -18.17
C GLU A 99 -1.60 2.22 -16.85
N SER A 100 -0.72 3.21 -16.83
CA SER A 100 0.05 3.55 -15.65
C SER A 100 -0.72 4.50 -14.76
N GLU A 101 -1.48 5.43 -15.38
CA GLU A 101 -2.26 6.40 -14.63
C GLU A 101 -3.49 5.72 -14.04
N ARG A 102 -3.97 4.64 -14.70
CA ARG A 102 -5.10 3.89 -14.21
C ARG A 102 -4.73 3.16 -12.94
N VAL A 103 -3.45 2.83 -12.77
CA VAL A 103 -2.97 2.11 -11.60
C VAL A 103 -2.79 3.11 -10.46
N ALA A 104 -2.60 4.38 -10.78
CA ALA A 104 -2.44 5.40 -9.77
C ALA A 104 -3.77 5.62 -9.05
N GLN A 105 -4.85 5.79 -9.83
CA GLN A 105 -6.16 5.99 -9.26
C GLN A 105 -6.66 4.68 -8.64
N ARG A 106 -6.23 3.54 -9.19
CA ARG A 106 -6.65 2.24 -8.72
C ARG A 106 -6.36 2.14 -7.26
N ALA A 107 -5.11 2.35 -6.86
CA ALA A 107 -4.72 2.22 -5.47
C ALA A 107 -5.60 3.12 -4.63
N GLY A 108 -6.01 4.27 -5.17
CA GLY A 108 -6.92 5.18 -4.54
C GLY A 108 -8.13 4.46 -3.95
N GLU A 109 -8.66 3.46 -4.63
CA GLU A 109 -9.77 2.67 -4.14
C GLU A 109 -9.49 2.14 -2.74
N ILE A 110 -8.44 1.33 -2.61
CA ILE A 110 -8.09 0.74 -1.33
C ILE A 110 -7.63 1.84 -0.41
N VAL A 111 -7.01 2.88 -0.96
CA VAL A 111 -6.55 4.01 -0.21
C VAL A 111 -7.70 4.61 0.55
N SER A 112 -8.75 5.05 -0.16
CA SER A 112 -9.93 5.61 0.45
C SER A 112 -10.53 4.65 1.46
N SER A 113 -10.21 3.35 1.33
CA SER A 113 -10.67 2.36 2.26
C SER A 113 -9.88 2.40 3.55
N CYS A 114 -8.61 1.98 3.52
CA CYS A 114 -7.74 2.00 4.66
C CYS A 114 -6.31 2.07 4.18
N GLY A 115 -6.03 2.83 3.12
CA GLY A 115 -4.71 2.97 2.56
C GLY A 115 -4.43 4.43 2.26
N VAL A 116 -5.02 5.35 3.04
CA VAL A 116 -4.82 6.77 2.87
C VAL A 116 -3.45 7.17 3.31
N ARG A 117 -2.52 7.39 2.38
CA ARG A 117 -1.16 7.76 2.70
C ARG A 117 -0.61 8.70 1.67
N CYS A 118 0.04 8.20 0.63
CA CYS A 118 0.55 9.01 -0.46
C CYS A 118 -0.44 9.02 -1.61
N MET A 119 -1.53 8.27 -1.46
CA MET A 119 -2.56 8.19 -2.47
C MET A 119 -3.71 9.13 -2.16
N ARG A 120 -3.60 9.87 -1.05
CA ARG A 120 -4.61 10.83 -0.65
C ARG A 120 -3.96 11.92 0.20
N GLN A 121 -3.69 11.59 1.46
CA GLN A 121 -3.11 12.54 2.38
C GLN A 121 -1.60 12.65 2.15
N THR A 122 -0.90 13.12 3.17
CA THR A 122 0.54 13.29 3.12
C THR A 122 1.21 12.07 3.72
N ARG A 123 2.42 12.25 4.23
CA ARG A 123 3.17 11.17 4.86
C ARG A 123 2.49 10.72 6.15
N THR A 124 1.79 11.62 6.82
CA THR A 124 1.14 11.33 8.08
C THR A 124 -0.21 12.01 8.11
N ASN A 125 -1.26 11.20 8.30
CA ASN A 125 -2.61 11.73 8.40
C ASN A 125 -2.66 13.04 9.23
N ALA A 1 6.71 16.08 -12.42
CA ALA A 1 6.34 17.41 -11.90
C ALA A 1 5.11 17.25 -11.04
N GLU A 2 5.04 18.00 -9.96
CA GLU A 2 3.88 17.98 -9.07
C GLU A 2 3.86 19.26 -8.22
N PHE A 3 4.99 19.56 -7.58
CA PHE A 3 5.09 20.72 -6.72
C PHE A 3 6.54 21.11 -6.58
N MET A 4 6.78 22.15 -5.78
CA MET A 4 8.12 22.65 -5.44
C MET A 4 9.08 21.51 -5.21
N GLU A 5 9.93 21.25 -6.19
CA GLU A 5 10.90 20.16 -6.16
C GLU A 5 11.64 20.08 -7.49
N SER A 6 12.81 19.45 -7.47
CA SER A 6 13.67 19.31 -8.63
C SER A 6 15.00 18.68 -8.23
N LYS A 7 15.24 17.46 -8.66
CA LYS A 7 16.46 16.73 -8.36
C LYS A 7 16.86 15.93 -9.59
N GLY A 8 18.04 16.21 -10.13
CA GLY A 8 18.57 15.53 -11.30
C GLY A 8 18.69 14.02 -11.04
N GLU A 9 19.87 13.62 -10.59
CA GLU A 9 20.13 12.22 -10.26
C GLU A 9 19.31 11.80 -9.06
N ARG A 10 18.65 10.65 -9.18
CA ARG A 10 17.86 10.11 -8.07
C ARG A 10 18.76 9.84 -6.87
N GLU A 11 18.14 9.68 -5.71
CA GLU A 11 18.85 9.37 -4.48
C GLU A 11 18.01 8.45 -3.61
N GLY A 12 18.56 8.06 -2.45
CA GLY A 12 17.87 7.23 -1.47
C GLY A 12 16.53 7.84 -1.05
N SER A 13 15.46 7.46 -1.73
CA SER A 13 14.13 7.99 -1.46
C SER A 13 13.43 7.12 -0.43
N SER A 14 14.07 6.93 0.71
CA SER A 14 13.52 6.10 1.77
C SER A 14 14.26 6.42 3.04
N SER A 15 13.57 6.30 4.19
CA SER A 15 14.17 6.51 5.51
C SER A 15 15.31 5.54 5.74
N GLN A 16 15.76 5.38 6.98
CA GLN A 16 16.85 4.48 7.31
C GLN A 16 16.77 3.17 6.52
N GLN A 17 15.58 2.57 6.49
CA GLN A 17 15.30 1.37 5.71
C GLN A 17 13.82 1.01 5.80
N CYS A 18 12.97 2.02 5.65
CA CYS A 18 11.54 1.80 5.71
C CYS A 18 11.18 1.03 4.48
N ARG A 19 11.52 1.53 3.28
CA ARG A 19 11.15 0.92 1.99
C ARG A 19 11.30 -0.59 1.99
N GLN A 20 12.28 -1.03 2.78
CA GLN A 20 12.53 -2.42 3.03
C GLN A 20 11.40 -3.07 3.81
N GLU A 21 11.34 -2.87 5.14
CA GLU A 21 10.26 -3.46 5.93
C GLU A 21 8.89 -3.06 5.44
N VAL A 22 8.77 -1.89 4.81
CA VAL A 22 7.56 -1.39 4.17
C VAL A 22 7.06 -2.36 3.10
N GLN A 23 7.96 -2.97 2.35
CA GLN A 23 7.56 -3.98 1.38
C GLN A 23 7.02 -5.25 2.02
N ARG A 24 7.06 -5.33 3.34
CA ARG A 24 6.59 -6.47 4.13
C ARG A 24 5.87 -6.01 5.39
N LYS A 25 5.47 -4.74 5.45
CA LYS A 25 4.84 -4.14 6.61
C LYS A 25 3.72 -3.23 6.16
N ASP A 26 4.09 -2.14 5.49
CA ASP A 26 3.11 -1.23 4.95
C ASP A 26 2.50 -1.83 3.70
N LEU A 27 1.50 -1.15 3.12
CA LEU A 27 0.79 -1.53 1.89
C LEU A 27 1.46 -2.72 1.25
N SER A 28 1.06 -3.92 1.70
CA SER A 28 1.73 -5.17 1.29
C SER A 28 0.68 -6.15 0.82
N SER A 29 -0.42 -5.59 0.35
CA SER A 29 -1.55 -6.34 -0.12
C SER A 29 -2.59 -5.44 -0.73
N CYS A 30 -2.70 -4.18 -0.26
CA CYS A 30 -3.66 -3.24 -0.77
C CYS A 30 -3.51 -3.05 -2.28
N GLU A 31 -2.37 -2.48 -2.70
CA GLU A 31 -2.12 -2.40 -4.14
C GLU A 31 -2.19 -3.79 -4.78
N ARG A 32 -1.58 -4.79 -4.12
CA ARG A 32 -1.67 -6.16 -4.64
C ARG A 32 -3.09 -6.63 -4.89
N TYR A 33 -4.06 -6.13 -4.14
CA TYR A 33 -5.47 -6.44 -4.24
C TYR A 33 -5.97 -6.17 -5.63
N LEU A 34 -5.81 -4.92 -6.09
CA LEU A 34 -6.21 -4.58 -7.44
C LEU A 34 -5.22 -5.14 -8.46
N ARG A 35 -4.00 -5.45 -8.01
CA ARG A 35 -2.97 -6.06 -8.86
C ARG A 35 -3.12 -7.58 -8.93
N GLN A 36 -4.09 -8.14 -8.24
CA GLN A 36 -4.33 -9.57 -8.16
C GLN A 36 -5.79 -9.86 -7.84
N SER A 37 -6.07 -11.08 -7.40
CA SER A 37 -7.41 -11.46 -7.00
C SER A 37 -7.66 -11.10 -5.53
N SER A 38 -8.86 -11.41 -5.07
CA SER A 38 -9.28 -11.16 -3.69
C SER A 38 -9.76 -12.44 -3.05
N SER A 39 -9.05 -12.89 -2.02
CA SER A 39 -9.43 -14.08 -1.29
C SER A 39 -8.66 -14.12 0.01
N ARG A 40 -9.37 -14.39 1.11
CA ARG A 40 -8.75 -14.54 2.42
C ARG A 40 -7.78 -15.70 2.38
N ARG A 41 -6.66 -15.57 3.11
CA ARG A 41 -5.66 -16.62 3.27
C ARG A 41 -6.26 -17.92 3.80
N SER A 42 -5.42 -18.90 4.12
CA SER A 42 -5.87 -20.15 4.74
C SER A 42 -6.57 -19.96 6.10
N THR A 43 -7.81 -19.51 6.08
CA THR A 43 -8.55 -19.14 7.27
C THR A 43 -9.99 -19.56 7.06
N GLY A 44 -10.60 -20.06 8.14
CA GLY A 44 -11.98 -20.54 8.11
C GLY A 44 -12.94 -19.37 8.02
N GLU A 45 -13.73 -19.19 9.07
CA GLU A 45 -14.70 -18.09 9.12
C GLU A 45 -14.91 -17.64 10.56
N GLU A 46 -13.81 -17.41 11.27
CA GLU A 46 -13.87 -16.97 12.66
C GLU A 46 -12.81 -15.91 12.92
N VAL A 47 -12.55 -15.07 11.92
CA VAL A 47 -11.57 -13.99 12.05
C VAL A 47 -12.25 -12.75 12.62
N LEU A 48 -13.29 -12.93 13.42
CA LEU A 48 -13.99 -11.81 14.04
C LEU A 48 -13.04 -10.99 14.92
N ARG A 49 -11.88 -11.58 15.27
CA ARG A 49 -10.83 -10.92 16.02
C ARG A 49 -10.04 -9.98 15.13
N MET A 50 -9.75 -8.80 15.65
CA MET A 50 -8.95 -7.82 14.94
C MET A 50 -8.26 -6.85 15.89
N PRO A 51 -7.36 -5.99 15.39
CA PRO A 51 -6.70 -4.96 16.17
C PRO A 51 -7.62 -3.79 16.52
N GLY A 52 -8.75 -4.10 17.12
CA GLY A 52 -9.73 -3.10 17.53
C GLY A 52 -11.09 -3.75 17.66
N ASP A 53 -11.87 -3.72 16.57
CA ASP A 53 -13.23 -4.27 16.55
C ASP A 53 -13.78 -4.16 15.14
N GLU A 54 -13.78 -2.95 14.60
CA GLU A 54 -14.28 -2.64 13.27
C GLU A 54 -13.07 -2.40 12.36
N ASN A 55 -12.82 -3.36 11.49
CA ASN A 55 -11.76 -3.27 10.48
C ASN A 55 -12.35 -3.23 9.07
N GLN A 56 -13.56 -2.73 8.96
CA GLN A 56 -14.29 -2.64 7.70
C GLN A 56 -14.33 -1.20 7.23
N GLN A 57 -15.00 -0.95 6.11
CA GLN A 57 -15.19 0.38 5.58
C GLN A 57 -16.27 0.39 4.51
N GLN A 58 -15.95 -0.22 3.37
CA GLN A 58 -16.86 -0.33 2.24
C GLN A 58 -17.07 -1.79 1.87
N GLU A 59 -17.93 -2.02 0.88
CA GLU A 59 -18.23 -3.36 0.37
C GLU A 59 -16.99 -4.07 -0.14
N SER A 60 -16.29 -4.74 0.76
CA SER A 60 -15.02 -5.40 0.49
C SER A 60 -14.43 -5.85 1.82
N GLN A 61 -14.97 -6.93 2.36
CA GLN A 61 -14.41 -7.51 3.59
C GLN A 61 -12.94 -7.84 3.39
N GLN A 62 -12.51 -8.10 2.15
CA GLN A 62 -11.11 -8.39 1.91
C GLN A 62 -10.21 -7.20 2.24
N LEU A 63 -10.64 -5.96 1.89
CA LEU A 63 -9.87 -4.76 2.22
C LEU A 63 -9.47 -4.70 3.68
N GLN A 64 -10.20 -5.41 4.54
CA GLN A 64 -9.81 -5.62 5.92
C GLN A 64 -8.35 -6.06 6.06
N GLN A 65 -7.82 -6.77 5.07
CA GLN A 65 -6.44 -7.23 5.04
C GLN A 65 -5.51 -6.07 4.83
N CYS A 66 -5.92 -5.09 4.01
CA CYS A 66 -5.17 -3.88 3.80
C CYS A 66 -5.26 -3.00 5.04
N CYS A 67 -6.47 -2.77 5.58
CA CYS A 67 -6.59 -1.97 6.80
C CYS A 67 -5.79 -2.57 7.93
N ASN A 68 -5.97 -3.88 8.18
CA ASN A 68 -5.17 -4.61 9.17
C ASN A 68 -3.68 -4.59 8.85
N GLN A 69 -3.33 -4.39 7.57
CA GLN A 69 -1.95 -4.32 7.10
C GLN A 69 -1.36 -2.94 7.35
N VAL A 70 -2.05 -1.90 6.88
CA VAL A 70 -1.68 -0.50 7.10
C VAL A 70 -1.77 -0.15 8.59
N LYS A 71 -2.40 -1.01 9.38
CA LYS A 71 -2.46 -0.83 10.82
C LYS A 71 -1.12 -1.16 11.47
N GLN A 72 -0.32 -2.01 10.80
CA GLN A 72 1.02 -2.35 11.25
C GLN A 72 2.07 -1.50 10.54
N VAL A 73 1.66 -0.40 9.90
CA VAL A 73 2.60 0.50 9.25
C VAL A 73 3.49 1.20 10.28
N ARG A 74 4.47 1.95 9.77
CA ARG A 74 5.34 2.75 10.61
C ARG A 74 4.58 3.92 11.19
N ASP A 75 4.15 4.83 10.33
CA ASP A 75 3.56 6.15 10.67
C ASP A 75 3.69 7.14 9.53
N GLU A 76 4.86 7.18 8.90
CA GLU A 76 5.18 8.09 7.81
C GLU A 76 5.84 7.36 6.66
N CYS A 77 6.00 6.05 6.81
CA CYS A 77 6.52 5.21 5.76
C CYS A 77 5.39 4.68 4.90
N GLN A 78 4.13 4.94 5.29
CA GLN A 78 2.96 4.52 4.54
C GLN A 78 3.01 5.12 3.13
N CYS A 79 3.38 6.40 3.01
CA CYS A 79 3.43 7.06 1.72
C CYS A 79 4.48 6.39 0.86
N GLU A 80 5.76 6.54 1.23
CA GLU A 80 6.89 5.91 0.57
C GLU A 80 6.55 4.50 0.13
N ALA A 81 5.82 3.76 0.95
CA ALA A 81 5.36 2.43 0.62
C ALA A 81 4.71 2.38 -0.72
N ILE A 82 3.63 3.16 -0.95
CA ILE A 82 3.06 3.29 -2.29
C ILE A 82 4.08 3.79 -3.30
N LYS A 83 4.94 4.71 -2.89
CA LYS A 83 5.96 5.25 -3.80
C LYS A 83 6.96 4.17 -4.18
N TYR A 84 6.87 3.00 -3.55
CA TYR A 84 7.73 1.86 -3.69
C TYR A 84 6.94 0.73 -4.29
N ILE A 85 5.91 0.21 -3.60
CA ILE A 85 5.13 -0.95 -4.02
C ILE A 85 4.25 -0.55 -5.20
N ALA A 86 3.51 0.56 -5.03
CA ALA A 86 2.65 1.07 -6.08
C ALA A 86 3.51 1.37 -7.28
N GLU A 87 4.63 2.07 -7.08
CA GLU A 87 5.55 2.36 -8.19
C GLU A 87 6.25 1.08 -8.69
N ASP A 88 6.50 0.14 -7.80
CA ASP A 88 7.23 -1.09 -8.08
C ASP A 88 6.46 -1.86 -9.11
N GLN A 89 5.26 -2.32 -8.71
CA GLN A 89 4.37 -2.98 -9.63
C GLN A 89 4.16 -2.15 -10.86
N ILE A 90 4.20 -0.80 -10.76
CA ILE A 90 4.01 0.06 -11.94
C ILE A 90 5.14 -0.16 -12.94
N GLN A 91 6.37 -0.22 -12.45
CA GLN A 91 7.51 -0.49 -13.30
C GLN A 91 7.63 -1.97 -13.65
N GLN A 92 7.14 -2.83 -12.77
CA GLN A 92 7.21 -4.27 -12.95
C GLN A 92 6.17 -4.71 -13.99
N GLY A 93 4.92 -4.37 -13.73
CA GLY A 93 3.81 -4.67 -14.62
C GLY A 93 3.86 -3.78 -15.86
N GLN A 94 2.83 -3.91 -16.68
CA GLN A 94 2.71 -3.12 -17.90
C GLN A 94 2.05 -1.78 -17.59
N LEU A 95 2.49 -1.11 -16.52
CA LEU A 95 1.90 0.20 -16.19
C LEU A 95 2.76 1.29 -16.80
N HIS A 96 3.60 0.94 -17.77
CA HIS A 96 4.45 1.88 -18.49
C HIS A 96 3.79 2.33 -19.78
N GLY A 97 4.47 3.19 -20.54
CA GLY A 97 3.93 3.70 -21.80
C GLY A 97 2.95 4.83 -21.50
N GLU A 98 1.83 4.51 -20.84
CA GLU A 98 0.76 5.45 -20.49
C GLU A 98 -0.40 4.78 -19.76
N GLU A 99 -0.06 3.96 -18.78
CA GLU A 99 -1.05 3.17 -18.03
C GLU A 99 -0.69 3.18 -16.55
N SER A 100 0.28 4.01 -16.17
CA SER A 100 0.69 4.15 -14.78
C SER A 100 -0.38 4.89 -14.01
N GLU A 101 -0.98 5.91 -14.63
CA GLU A 101 -2.03 6.68 -13.98
C GLU A 101 -3.21 5.79 -13.61
N ARG A 102 -3.38 4.68 -14.35
CA ARG A 102 -4.43 3.72 -14.07
C ARG A 102 -4.18 2.98 -12.79
N VAL A 103 -2.92 2.76 -12.45
CA VAL A 103 -2.53 2.12 -11.19
C VAL A 103 -2.60 3.12 -10.05
N ALA A 104 -2.17 4.36 -10.30
CA ALA A 104 -2.21 5.41 -9.29
C ALA A 104 -3.65 5.60 -8.80
N GLN A 105 -4.59 5.69 -9.73
CA GLN A 105 -6.00 5.83 -9.37
C GLN A 105 -6.54 4.54 -8.76
N ARG A 106 -5.99 3.41 -9.20
CA ARG A 106 -6.41 2.10 -8.73
C ARG A 106 -6.16 1.99 -7.26
N ALA A 107 -4.89 2.15 -6.84
CA ALA A 107 -4.54 2.03 -5.44
C ALA A 107 -5.47 2.89 -4.61
N GLY A 108 -5.86 4.06 -5.17
CA GLY A 108 -6.83 4.99 -4.60
C GLY A 108 -8.09 4.30 -4.08
N GLU A 109 -8.52 3.24 -4.74
CA GLU A 109 -9.67 2.43 -4.30
C GLU A 109 -9.47 1.95 -2.88
N ILE A 110 -8.42 1.14 -2.67
CA ILE A 110 -8.14 0.61 -1.34
C ILE A 110 -7.69 1.72 -0.41
N VAL A 111 -7.11 2.76 -0.99
CA VAL A 111 -6.69 3.92 -0.24
C VAL A 111 -7.86 4.52 0.50
N SER A 112 -8.92 4.83 -0.23
CA SER A 112 -10.13 5.37 0.38
C SER A 112 -10.68 4.46 1.45
N SER A 113 -10.45 3.15 1.30
CA SER A 113 -10.87 2.15 2.26
C SER A 113 -10.08 2.29 3.56
N CYS A 114 -8.81 1.93 3.53
CA CYS A 114 -7.94 2.07 4.70
C CYS A 114 -6.48 2.07 4.25
N GLY A 115 -6.23 2.66 3.08
CA GLY A 115 -4.91 2.78 2.53
C GLY A 115 -4.62 4.24 2.24
N VAL A 116 -5.08 5.16 3.05
CA VAL A 116 -4.78 6.59 2.86
C VAL A 116 -3.33 6.89 3.18
N ARG A 117 -2.45 6.53 2.25
CA ARG A 117 -1.01 6.63 2.46
C ARG A 117 -0.52 7.88 1.82
N CYS A 118 -0.36 7.77 0.50
CA CYS A 118 0.01 8.88 -0.35
C CYS A 118 -1.01 9.08 -1.47
N MET A 119 -2.03 8.21 -1.49
CA MET A 119 -3.09 8.31 -2.48
C MET A 119 -4.32 9.05 -1.93
N ARG A 120 -4.18 9.62 -0.74
CA ARG A 120 -5.23 10.39 -0.09
C ARG A 120 -4.65 11.34 0.96
N GLN A 121 -3.72 10.82 1.77
CA GLN A 121 -3.06 11.60 2.79
C GLN A 121 -1.79 12.18 2.21
N THR A 122 -0.97 12.74 3.06
CA THR A 122 0.25 13.45 2.70
C THR A 122 1.22 13.41 3.87
N ARG A 123 2.40 14.05 3.73
CA ARG A 123 3.43 14.08 4.77
C ARG A 123 2.85 14.35 6.16
N THR A 124 2.69 13.32 6.95
CA THR A 124 1.97 13.39 8.22
C THR A 124 2.95 13.02 9.29
N ASN A 125 3.11 11.73 9.56
CA ASN A 125 3.95 11.17 10.60
C ASN A 125 3.36 11.44 12.00
N ALA A 1 12.75 32.35 -4.05
CA ALA A 1 11.79 31.28 -4.31
C ALA A 1 10.38 31.83 -4.25
N GLU A 2 9.98 32.52 -5.31
CA GLU A 2 8.66 33.12 -5.38
C GLU A 2 7.59 32.04 -5.53
N PHE A 3 7.66 31.32 -6.65
CA PHE A 3 6.73 30.26 -6.94
C PHE A 3 6.80 29.19 -5.86
N MET A 4 5.63 28.78 -5.37
CA MET A 4 5.55 27.75 -4.35
C MET A 4 5.81 26.37 -4.95
N GLU A 5 6.97 26.21 -5.60
CA GLU A 5 7.34 24.97 -6.21
C GLU A 5 8.81 24.68 -5.92
N SER A 6 9.22 23.44 -6.22
CA SER A 6 10.58 23.02 -6.00
C SER A 6 10.69 21.52 -6.21
N LYS A 7 11.26 21.12 -7.34
CA LYS A 7 11.45 19.72 -7.67
C LYS A 7 12.72 19.55 -8.51
N GLY A 8 13.73 20.36 -8.21
CA GLY A 8 14.99 20.31 -8.92
C GLY A 8 15.64 18.94 -8.81
N GLU A 9 16.33 18.72 -7.70
CA GLU A 9 17.00 17.45 -7.47
C GLU A 9 17.00 17.13 -5.98
N ARG A 10 16.58 15.91 -5.64
CA ARG A 10 16.55 15.45 -4.27
C ARG A 10 16.51 13.93 -4.22
N GLU A 11 16.78 13.38 -3.04
CA GLU A 11 16.77 11.96 -2.84
C GLU A 11 15.33 11.47 -2.65
N GLY A 12 14.56 11.48 -3.74
CA GLY A 12 13.17 11.05 -3.72
C GLY A 12 13.03 9.63 -4.25
N SER A 13 13.97 8.76 -3.86
CA SER A 13 13.95 7.38 -4.30
C SER A 13 13.11 6.55 -3.35
N SER A 14 13.50 6.52 -2.08
CA SER A 14 12.80 5.78 -1.07
C SER A 14 13.32 6.16 0.32
N SER A 15 12.59 5.71 1.35
CA SER A 15 12.93 6.04 2.72
C SER A 15 14.35 5.55 2.99
N GLN A 16 14.88 5.90 4.16
CA GLN A 16 16.21 5.49 4.54
C GLN A 16 16.44 4.03 4.21
N GLN A 17 15.49 3.17 4.62
CA GLN A 17 15.57 1.76 4.35
C GLN A 17 14.31 1.10 4.84
N CYS A 18 13.17 1.77 4.75
CA CYS A 18 11.90 1.22 5.18
C CYS A 18 11.44 0.33 4.10
N ARG A 19 11.87 0.46 2.86
CA ARG A 19 11.48 -0.36 1.73
C ARG A 19 11.37 -1.81 2.16
N GLN A 20 12.34 -2.30 2.91
CA GLN A 20 12.35 -3.64 3.44
C GLN A 20 11.05 -3.92 4.19
N GLU A 21 10.93 -3.44 5.41
CA GLU A 21 9.72 -3.63 6.19
C GLU A 21 8.49 -3.12 5.46
N VAL A 22 8.64 -2.14 4.58
CA VAL A 22 7.61 -1.55 3.81
C VAL A 22 7.04 -2.60 2.92
N GLN A 23 7.89 -3.42 2.30
CA GLN A 23 7.49 -4.49 1.43
C GLN A 23 7.03 -5.70 2.21
N ARG A 24 6.37 -5.48 3.35
CA ARG A 24 5.90 -6.54 4.20
C ARG A 24 4.69 -6.08 4.99
N LYS A 25 4.79 -4.88 5.57
CA LYS A 25 3.74 -4.31 6.39
C LYS A 25 3.13 -3.13 5.68
N ASP A 26 3.82 -1.99 5.76
CA ASP A 26 3.41 -0.76 5.13
C ASP A 26 2.80 -1.06 3.81
N LEU A 27 1.81 -0.28 3.36
CA LEU A 27 1.12 -0.47 2.10
C LEU A 27 1.75 -1.56 1.25
N SER A 28 1.42 -2.81 1.54
CA SER A 28 2.09 -3.96 0.95
C SER A 28 1.03 -4.98 0.62
N SER A 29 -0.13 -4.50 0.15
CA SER A 29 -1.23 -5.37 -0.20
C SER A 29 -2.35 -4.55 -0.77
N CYS A 30 -2.55 -3.33 -0.30
CA CYS A 30 -3.59 -2.45 -0.79
C CYS A 30 -3.46 -2.32 -2.30
N GLU A 31 -2.27 -1.96 -2.76
CA GLU A 31 -2.01 -1.82 -4.18
C GLU A 31 -1.96 -3.19 -4.82
N ARG A 32 -1.47 -4.20 -4.09
CA ARG A 32 -1.39 -5.55 -4.57
C ARG A 32 -2.77 -6.08 -4.87
N TYR A 33 -3.76 -5.77 -4.05
CA TYR A 33 -5.12 -6.20 -4.18
C TYR A 33 -5.63 -5.89 -5.58
N LEU A 34 -5.34 -4.68 -6.06
CA LEU A 34 -5.75 -4.26 -7.38
C LEU A 34 -4.87 -4.95 -8.42
N ARG A 35 -3.62 -5.25 -8.04
CA ARG A 35 -2.67 -5.90 -8.92
C ARG A 35 -3.13 -7.33 -9.17
N GLN A 36 -3.52 -8.05 -8.11
CA GLN A 36 -3.96 -9.41 -8.20
C GLN A 36 -5.42 -9.47 -8.66
N SER A 37 -6.02 -10.65 -8.52
CA SER A 37 -7.40 -10.84 -8.90
C SER A 37 -8.32 -10.48 -7.74
N SER A 38 -8.07 -11.07 -6.57
CA SER A 38 -8.88 -10.81 -5.40
C SER A 38 -8.16 -11.35 -4.18
N SER A 39 -7.47 -10.46 -3.46
CA SER A 39 -6.74 -10.82 -2.26
C SER A 39 -7.50 -11.83 -1.44
N ARG A 40 -7.13 -13.09 -1.48
CA ARG A 40 -7.82 -14.15 -0.77
C ARG A 40 -7.01 -15.42 -0.84
N ARG A 41 -6.69 -15.97 0.33
CA ARG A 41 -5.93 -17.20 0.42
C ARG A 41 -5.69 -17.58 1.87
N SER A 42 -5.84 -18.86 2.17
CA SER A 42 -5.65 -19.35 3.52
C SER A 42 -4.19 -19.74 3.74
N THR A 43 -3.42 -18.80 4.27
CA THR A 43 -2.01 -19.01 4.53
C THR A 43 -1.80 -19.47 5.98
N GLY A 44 -0.77 -18.94 6.64
CA GLY A 44 -0.47 -19.28 8.00
C GLY A 44 -1.10 -18.31 8.97
N GLU A 45 -0.27 -17.69 9.81
CA GLU A 45 -0.73 -16.73 10.79
C GLU A 45 -0.82 -15.32 10.18
N GLU A 46 -1.04 -15.27 8.86
CA GLU A 46 -1.14 -14.02 8.15
C GLU A 46 -2.40 -13.26 8.60
N VAL A 47 -2.98 -12.50 7.67
CA VAL A 47 -4.19 -11.74 7.92
C VAL A 47 -5.40 -12.59 7.62
N LEU A 48 -5.33 -13.88 7.93
CA LEU A 48 -6.42 -14.80 7.71
C LEU A 48 -7.00 -15.24 9.04
N ARG A 49 -6.64 -14.52 10.12
CA ARG A 49 -7.12 -14.80 11.45
C ARG A 49 -8.29 -13.88 11.81
N MET A 50 -9.02 -13.44 10.79
CA MET A 50 -10.15 -12.55 11.00
C MET A 50 -11.02 -12.48 9.77
N PRO A 51 -11.89 -13.50 9.60
CA PRO A 51 -12.82 -13.55 8.50
C PRO A 51 -13.95 -12.54 8.63
N GLY A 52 -13.58 -11.27 8.78
CA GLY A 52 -14.55 -10.21 8.95
C GLY A 52 -14.78 -9.90 10.42
N ASP A 53 -14.31 -8.74 10.85
CA ASP A 53 -14.49 -8.31 12.23
C ASP A 53 -14.02 -6.87 12.38
N GLU A 54 -12.72 -6.64 12.17
CA GLU A 54 -12.12 -5.34 12.30
C GLU A 54 -11.73 -4.85 10.92
N ASN A 55 -12.53 -3.93 10.39
CA ASN A 55 -12.28 -3.34 9.09
C ASN A 55 -13.35 -2.30 8.79
N GLN A 56 -13.18 -1.61 7.66
CA GLN A 56 -14.13 -0.61 7.24
C GLN A 56 -15.55 -1.09 7.42
N GLN A 57 -16.43 -0.20 7.91
CA GLN A 57 -17.80 -0.54 8.15
C GLN A 57 -18.51 -0.82 6.83
N GLN A 58 -18.20 -1.96 6.20
CA GLN A 58 -18.76 -2.36 4.96
C GLN A 58 -18.20 -3.70 4.54
N GLU A 59 -19.11 -4.64 4.25
CA GLU A 59 -18.74 -5.97 3.84
C GLU A 59 -17.63 -5.91 2.79
N SER A 60 -16.41 -6.29 3.19
CA SER A 60 -15.27 -6.25 2.32
C SER A 60 -14.08 -6.86 3.04
N GLN A 61 -14.15 -8.18 3.27
CA GLN A 61 -13.08 -8.89 3.93
C GLN A 61 -11.79 -8.79 3.10
N GLN A 62 -11.91 -8.36 1.85
CA GLN A 62 -10.79 -8.21 0.97
C GLN A 62 -9.93 -7.04 1.39
N LEU A 63 -10.51 -5.83 1.33
CA LEU A 63 -9.79 -4.62 1.71
C LEU A 63 -9.35 -4.75 3.16
N GLN A 64 -10.06 -5.54 3.96
CA GLN A 64 -9.73 -5.76 5.34
C GLN A 64 -8.26 -6.18 5.45
N GLN A 65 -7.74 -6.86 4.43
CA GLN A 65 -6.37 -7.28 4.41
C GLN A 65 -5.46 -6.10 4.25
N CYS A 66 -5.90 -5.04 3.57
CA CYS A 66 -5.15 -3.82 3.39
C CYS A 66 -5.15 -3.06 4.70
N CYS A 67 -6.31 -2.84 5.31
CA CYS A 67 -6.39 -2.12 6.56
C CYS A 67 -5.53 -2.81 7.60
N ASN A 68 -5.72 -4.13 7.74
CA ASN A 68 -4.95 -4.92 8.66
C ASN A 68 -3.47 -4.89 8.26
N GLN A 69 -3.21 -4.62 6.99
CA GLN A 69 -1.87 -4.54 6.47
C GLN A 69 -1.23 -3.21 6.84
N VAL A 70 -1.96 -2.11 6.61
CA VAL A 70 -1.49 -0.77 6.91
C VAL A 70 -1.42 -0.62 8.41
N LYS A 71 -2.11 -1.46 9.17
CA LYS A 71 -2.08 -1.45 10.61
C LYS A 71 -0.73 -1.94 11.10
N GLN A 72 0.07 -2.53 10.19
CA GLN A 72 1.39 -3.00 10.52
C GLN A 72 2.44 -1.99 10.07
N VAL A 73 2.01 -0.87 9.51
CA VAL A 73 2.90 0.16 9.06
C VAL A 73 3.49 0.88 10.26
N ARG A 74 4.59 1.59 10.01
CA ARG A 74 5.28 2.33 11.05
C ARG A 74 4.48 3.55 11.44
N ASP A 75 4.43 4.54 10.53
CA ASP A 75 3.72 5.77 10.76
C ASP A 75 4.29 6.85 9.86
N GLU A 76 5.60 6.85 9.66
CA GLU A 76 6.26 7.82 8.81
C GLU A 76 6.73 7.16 7.52
N CYS A 77 6.48 5.85 7.39
CA CYS A 77 6.83 5.10 6.23
C CYS A 77 5.55 4.67 5.53
N GLN A 78 4.39 5.00 6.10
CA GLN A 78 3.12 4.66 5.54
C GLN A 78 2.99 5.24 4.14
N CYS A 79 3.39 6.50 3.97
CA CYS A 79 3.30 7.18 2.72
C CYS A 79 4.38 6.63 1.83
N GLU A 80 5.64 6.77 2.22
CA GLU A 80 6.77 6.31 1.45
C GLU A 80 6.50 4.89 0.94
N ALA A 81 5.63 4.15 1.63
CA ALA A 81 5.21 2.85 1.22
C ALA A 81 4.51 2.91 -0.12
N ILE A 82 3.52 3.77 -0.28
CA ILE A 82 2.82 3.96 -1.52
C ILE A 82 3.79 4.32 -2.63
N LYS A 83 4.83 5.07 -2.28
CA LYS A 83 5.85 5.45 -3.26
C LYS A 83 6.65 4.24 -3.68
N TYR A 84 6.45 3.12 -2.99
CA TYR A 84 7.10 1.87 -3.25
C TYR A 84 6.16 0.89 -3.92
N ILE A 85 5.13 0.47 -3.20
CA ILE A 85 4.18 -0.51 -3.67
C ILE A 85 3.53 0.06 -4.90
N ALA A 86 2.96 1.25 -4.82
CA ALA A 86 2.30 1.89 -5.93
C ALA A 86 3.35 2.44 -6.87
N GLU A 87 4.27 1.58 -7.32
CA GLU A 87 5.32 1.94 -8.21
C GLU A 87 6.09 0.72 -8.67
N ASP A 88 6.60 -0.07 -7.73
CA ASP A 88 7.36 -1.27 -8.02
C ASP A 88 6.49 -2.20 -8.83
N GLN A 89 5.27 -2.47 -8.35
CA GLN A 89 4.34 -3.34 -9.04
C GLN A 89 3.89 -2.68 -10.33
N ILE A 90 3.96 -1.36 -10.43
CA ILE A 90 3.58 -0.64 -11.61
C ILE A 90 4.58 -0.93 -12.72
N GLN A 91 5.88 -0.85 -12.40
CA GLN A 91 6.93 -1.09 -13.36
C GLN A 91 7.03 -2.58 -13.63
N GLN A 92 6.83 -3.40 -12.59
CA GLN A 92 6.90 -4.83 -12.72
C GLN A 92 5.68 -5.36 -13.44
N GLY A 93 4.49 -4.99 -12.96
CA GLY A 93 3.23 -5.39 -13.54
C GLY A 93 3.09 -4.81 -14.94
N GLN A 94 1.91 -5.01 -15.52
CA GLN A 94 1.60 -4.50 -16.85
C GLN A 94 1.12 -3.08 -16.77
N LEU A 95 1.46 -2.35 -15.73
CA LEU A 95 1.06 -0.98 -15.54
C LEU A 95 2.12 -0.11 -16.14
N HIS A 96 3.19 -0.65 -16.68
CA HIS A 96 4.25 0.09 -17.30
C HIS A 96 3.90 0.38 -18.76
N GLY A 97 4.77 1.13 -19.42
CA GLY A 97 4.57 1.49 -20.82
C GLY A 97 3.72 2.74 -20.94
N GLU A 98 2.45 2.62 -20.57
CA GLU A 98 1.52 3.74 -20.64
C GLU A 98 0.21 3.37 -19.97
N GLU A 99 0.29 2.58 -18.90
CA GLU A 99 -0.87 2.12 -18.18
C GLU A 99 -0.60 2.13 -16.68
N SER A 100 0.27 3.05 -16.27
CA SER A 100 0.67 3.15 -14.86
C SER A 100 -0.22 4.16 -14.18
N GLU A 101 -0.68 5.15 -14.95
CA GLU A 101 -1.53 6.18 -14.42
C GLU A 101 -2.95 5.64 -14.25
N ARG A 102 -3.32 4.65 -15.07
CA ARG A 102 -4.63 4.04 -14.99
C ARG A 102 -4.74 3.21 -13.72
N VAL A 103 -3.60 2.76 -13.20
CA VAL A 103 -3.56 1.97 -11.99
C VAL A 103 -3.65 2.87 -10.79
N ALA A 104 -3.23 4.13 -10.93
CA ALA A 104 -3.27 5.09 -9.87
C ALA A 104 -4.65 5.08 -9.22
N GLN A 105 -5.68 5.41 -10.01
CA GLN A 105 -7.04 5.40 -9.54
C GLN A 105 -7.36 4.10 -8.82
N ARG A 106 -6.92 2.97 -9.39
CA ARG A 106 -7.12 1.66 -8.79
C ARG A 106 -6.67 1.67 -7.36
N ALA A 107 -5.41 2.04 -7.11
CA ALA A 107 -4.86 2.08 -5.78
C ALA A 107 -5.71 2.97 -4.90
N GLY A 108 -6.04 4.17 -5.39
CA GLY A 108 -6.88 5.10 -4.68
C GLY A 108 -8.13 4.42 -4.14
N GLU A 109 -8.63 3.42 -4.85
CA GLU A 109 -9.79 2.67 -4.43
C GLU A 109 -9.60 2.14 -3.03
N ILE A 110 -8.48 1.45 -2.79
CA ILE A 110 -8.18 0.88 -1.49
C ILE A 110 -7.80 1.98 -0.56
N VAL A 111 -7.20 3.04 -1.08
CA VAL A 111 -6.80 4.19 -0.30
C VAL A 111 -8.00 4.75 0.42
N SER A 112 -9.11 4.93 -0.30
CA SER A 112 -10.33 5.43 0.28
C SER A 112 -10.83 4.49 1.37
N SER A 113 -10.48 3.21 1.27
CA SER A 113 -10.86 2.22 2.24
C SER A 113 -10.02 2.38 3.50
N CYS A 114 -8.78 1.90 3.45
CA CYS A 114 -7.86 1.99 4.56
C CYS A 114 -6.44 2.06 4.03
N GLY A 115 -6.25 2.84 2.96
CA GLY A 115 -4.95 2.99 2.33
C GLY A 115 -4.64 4.47 2.13
N VAL A 116 -5.26 5.34 2.93
CA VAL A 116 -5.04 6.76 2.87
C VAL A 116 -3.67 7.12 3.40
N ARG A 117 -2.71 7.34 2.49
CA ARG A 117 -1.36 7.69 2.87
C ARG A 117 -0.75 8.65 1.92
N CYS A 118 0.19 8.20 1.09
CA CYS A 118 0.83 9.02 0.09
C CYS A 118 0.01 8.96 -1.19
N MET A 119 -1.08 8.17 -1.18
CA MET A 119 -1.95 8.03 -2.31
C MET A 119 -3.16 8.95 -2.19
N ARG A 120 -3.23 9.71 -1.09
CA ARG A 120 -4.31 10.64 -0.85
C ARG A 120 -3.80 11.87 -0.15
N GLN A 121 -3.00 11.67 0.89
CA GLN A 121 -2.44 12.74 1.67
C GLN A 121 -0.95 12.53 1.90
N THR A 122 -0.44 13.04 3.01
CA THR A 122 0.94 12.92 3.36
C THR A 122 1.16 11.68 4.22
N ARG A 123 2.20 11.71 5.06
CA ARG A 123 2.53 10.60 5.94
C ARG A 123 1.49 10.47 7.02
N THR A 124 1.72 11.09 8.15
CA THR A 124 0.83 11.04 9.29
C THR A 124 -0.54 11.57 8.92
N ASN A 125 -1.43 10.67 8.52
CA ASN A 125 -2.77 11.00 8.08
C ASN A 125 -3.41 9.82 7.34
N ALA A 1 16.49 34.84 9.17
CA ALA A 1 17.39 34.02 8.34
C ALA A 1 16.94 34.21 6.93
N GLU A 2 15.79 33.65 6.55
CA GLU A 2 15.24 33.76 5.20
C GLU A 2 13.74 33.50 5.22
N PHE A 3 13.13 33.41 4.04
CA PHE A 3 11.68 33.19 3.91
C PHE A 3 11.31 32.65 2.53
N MET A 4 11.89 31.52 2.12
CA MET A 4 11.66 31.00 0.78
C MET A 4 12.40 29.69 0.63
N GLU A 5 11.75 28.70 0.05
CA GLU A 5 12.31 27.38 -0.19
C GLU A 5 11.24 26.49 -0.81
N SER A 6 11.62 25.28 -1.20
CA SER A 6 10.75 24.29 -1.85
C SER A 6 11.58 23.08 -2.31
N LYS A 7 11.68 22.08 -1.45
CA LYS A 7 12.38 20.83 -1.77
C LYS A 7 11.61 19.64 -1.23
N GLY A 8 12.14 18.44 -1.45
CA GLY A 8 11.55 17.22 -0.95
C GLY A 8 12.64 16.27 -0.49
N GLU A 9 12.81 15.17 -1.21
CA GLU A 9 13.83 14.16 -0.92
C GLU A 9 14.07 13.30 -2.15
N ARG A 10 15.28 12.75 -2.27
CA ARG A 10 15.62 11.84 -3.36
C ARG A 10 14.82 10.55 -3.25
N GLU A 11 14.75 9.82 -4.37
CA GLU A 11 14.08 8.53 -4.40
C GLU A 11 14.97 7.44 -3.78
N GLY A 12 14.34 6.35 -3.33
CA GLY A 12 15.04 5.21 -2.70
C GLY A 12 15.93 5.64 -1.54
N SER A 13 15.33 5.84 -0.36
CA SER A 13 16.05 6.30 0.83
C SER A 13 15.29 5.86 2.07
N SER A 14 14.87 4.59 2.09
CA SER A 14 14.20 4.07 3.29
C SER A 14 15.11 4.23 4.51
N SER A 15 14.48 4.22 5.69
CA SER A 15 15.18 4.24 6.97
C SER A 15 16.07 3.00 7.14
N GLN A 16 16.50 2.68 8.36
CA GLN A 16 17.35 1.51 8.63
C GLN A 16 17.01 0.29 7.75
N GLN A 17 15.77 -0.18 7.88
CA GLN A 17 15.25 -1.31 7.13
C GLN A 17 13.73 -1.28 7.26
N CYS A 18 13.17 -0.11 6.97
CA CYS A 18 11.72 0.01 6.97
C CYS A 18 11.21 -0.54 5.67
N ARG A 19 11.85 -0.31 4.50
CA ARG A 19 11.44 -0.84 3.19
C ARG A 19 11.08 -2.31 3.20
N GLN A 20 12.04 -3.16 3.55
CA GLN A 20 11.84 -4.60 3.73
C GLN A 20 10.70 -4.93 4.71
N GLU A 21 10.49 -4.09 5.71
CA GLU A 21 9.34 -4.23 6.58
C GLU A 21 8.08 -3.69 5.94
N VAL A 22 8.09 -2.58 5.23
CA VAL A 22 6.93 -2.04 4.54
C VAL A 22 6.56 -2.91 3.34
N GLN A 23 7.48 -3.76 2.88
CA GLN A 23 7.22 -4.69 1.77
C GLN A 23 6.24 -5.80 2.15
N ARG A 24 5.81 -5.74 3.40
CA ARG A 24 5.02 -6.77 4.03
C ARG A 24 4.11 -6.25 5.11
N LYS A 25 4.56 -5.21 5.82
CA LYS A 25 3.87 -4.55 6.92
C LYS A 25 2.85 -3.60 6.41
N ASP A 26 3.25 -2.37 6.03
CA ASP A 26 2.38 -1.38 5.38
C ASP A 26 1.81 -1.91 4.06
N LEU A 27 1.41 -1.07 3.11
CA LEU A 27 0.88 -1.46 1.79
C LEU A 27 1.52 -2.73 1.22
N SER A 28 0.89 -3.86 1.52
CA SER A 28 1.41 -5.22 1.29
C SER A 28 0.27 -6.13 0.84
N SER A 29 -0.78 -5.48 0.37
CA SER A 29 -1.95 -6.19 -0.07
C SER A 29 -2.89 -5.24 -0.75
N CYS A 30 -2.94 -3.97 -0.34
CA CYS A 30 -3.80 -2.99 -0.99
C CYS A 30 -3.49 -2.87 -2.48
N GLU A 31 -2.22 -2.64 -2.80
CA GLU A 31 -1.83 -2.66 -4.20
C GLU A 31 -1.82 -4.09 -4.76
N ARG A 32 -1.47 -5.08 -3.94
CA ARG A 32 -1.52 -6.45 -4.43
C ARG A 32 -2.91 -6.89 -4.85
N TYR A 33 -3.95 -6.30 -4.26
CA TYR A 33 -5.37 -6.58 -4.46
C TYR A 33 -5.71 -6.34 -5.90
N LEU A 34 -5.40 -5.14 -6.41
CA LEU A 34 -5.61 -4.88 -7.83
C LEU A 34 -4.55 -5.51 -8.72
N ARG A 35 -3.37 -5.79 -8.15
CA ARG A 35 -2.30 -6.54 -8.83
C ARG A 35 -2.56 -8.05 -8.90
N GLN A 36 -3.64 -8.52 -8.28
CA GLN A 36 -4.00 -9.92 -8.18
C GLN A 36 -5.51 -10.11 -8.07
N SER A 37 -5.92 -11.28 -7.57
CA SER A 37 -7.32 -11.57 -7.32
C SER A 37 -7.71 -11.15 -5.89
N SER A 38 -8.75 -11.78 -5.36
CA SER A 38 -9.18 -11.62 -3.99
C SER A 38 -8.69 -12.77 -3.12
N SER A 39 -9.04 -12.73 -1.84
CA SER A 39 -8.68 -13.72 -0.83
C SER A 39 -9.29 -13.34 0.50
N ARG A 40 -8.83 -13.98 1.57
CA ARG A 40 -9.24 -13.68 2.94
C ARG A 40 -8.36 -14.41 3.95
N ARG A 41 -8.12 -15.70 3.68
CA ARG A 41 -7.29 -16.55 4.52
C ARG A 41 -5.92 -15.93 4.66
N SER A 42 -5.35 -16.02 5.86
CA SER A 42 -4.03 -15.48 6.14
C SER A 42 -3.60 -15.98 7.50
N THR A 43 -2.38 -16.47 7.60
CA THR A 43 -1.78 -16.89 8.87
C THR A 43 -1.62 -15.70 9.83
N GLY A 44 -1.89 -15.94 11.11
CA GLY A 44 -1.74 -14.92 12.14
C GLY A 44 -1.78 -15.58 13.51
N GLU A 45 -2.78 -15.22 14.31
CA GLU A 45 -2.98 -15.78 15.65
C GLU A 45 -4.47 -15.80 16.00
N GLU A 46 -5.13 -14.66 15.91
CA GLU A 46 -6.54 -14.54 16.25
C GLU A 46 -7.20 -13.56 15.30
N VAL A 47 -7.91 -14.08 14.32
CA VAL A 47 -8.64 -13.27 13.32
C VAL A 47 -10.00 -13.87 13.01
N LEU A 48 -10.49 -14.72 13.92
CA LEU A 48 -11.78 -15.36 13.81
C LEU A 48 -12.81 -14.79 14.78
N ARG A 49 -12.33 -14.00 15.75
CA ARG A 49 -13.17 -13.29 16.71
C ARG A 49 -12.61 -11.91 17.08
N MET A 50 -11.63 -11.44 16.31
CA MET A 50 -10.94 -10.18 16.58
C MET A 50 -10.14 -9.74 15.36
N PRO A 51 -10.72 -9.00 14.41
CA PRO A 51 -9.96 -8.50 13.26
C PRO A 51 -8.98 -7.40 13.63
N GLY A 52 -9.12 -6.80 14.83
CA GLY A 52 -8.26 -5.75 15.34
C GLY A 52 -9.10 -4.69 16.02
N ASP A 53 -9.51 -3.67 15.26
CA ASP A 53 -10.34 -2.56 15.73
C ASP A 53 -10.95 -1.81 14.55
N GLU A 54 -10.09 -1.34 13.64
CA GLU A 54 -10.47 -0.57 12.47
C GLU A 54 -10.41 -1.45 11.23
N ASN A 55 -11.58 -1.70 10.65
CA ASN A 55 -11.72 -2.51 9.46
C ASN A 55 -13.11 -2.32 8.89
N GLN A 56 -13.19 -2.08 7.58
CA GLN A 56 -14.49 -1.99 6.91
C GLN A 56 -15.16 -3.35 6.78
N GLN A 57 -16.47 -3.35 6.55
CA GLN A 57 -17.23 -4.57 6.35
C GLN A 57 -18.58 -4.25 5.72
N GLN A 58 -18.60 -4.10 4.40
CA GLN A 58 -19.84 -3.81 3.69
C GLN A 58 -19.78 -4.35 2.27
N GLU A 59 -19.00 -3.69 1.41
CA GLU A 59 -18.83 -4.00 -0.01
C GLU A 59 -17.35 -4.21 -0.35
N SER A 60 -16.56 -4.51 0.66
CA SER A 60 -15.10 -4.60 0.54
C SER A 60 -14.54 -5.14 1.85
N GLN A 61 -14.98 -6.32 2.23
CA GLN A 61 -14.39 -6.95 3.42
C GLN A 61 -12.94 -7.36 3.19
N GLN A 62 -12.51 -7.55 1.93
CA GLN A 62 -11.12 -7.88 1.61
C GLN A 62 -10.18 -6.70 1.91
N LEU A 63 -10.71 -5.49 1.87
CA LEU A 63 -9.93 -4.31 2.17
C LEU A 63 -9.55 -4.23 3.64
N GLN A 64 -10.25 -4.95 4.51
CA GLN A 64 -9.85 -5.11 5.91
C GLN A 64 -8.38 -5.51 6.02
N GLN A 65 -7.91 -6.34 5.09
CA GLN A 65 -6.54 -6.80 5.06
C GLN A 65 -5.65 -5.64 4.74
N CYS A 66 -5.99 -4.78 3.79
CA CYS A 66 -5.28 -3.53 3.56
C CYS A 66 -5.25 -2.70 4.81
N CYS A 67 -6.37 -2.35 5.44
CA CYS A 67 -6.32 -1.57 6.68
C CYS A 67 -5.44 -2.20 7.74
N ASN A 68 -5.67 -3.46 8.08
CA ASN A 68 -4.80 -4.23 8.98
C ASN A 68 -3.34 -4.20 8.53
N GLN A 69 -3.09 -4.26 7.22
CA GLN A 69 -1.77 -4.21 6.62
C GLN A 69 -1.16 -2.85 6.89
N VAL A 70 -1.87 -1.79 6.56
CA VAL A 70 -1.38 -0.45 6.77
C VAL A 70 -1.29 -0.10 8.25
N LYS A 71 -2.03 -0.82 9.08
CA LYS A 71 -1.95 -0.72 10.53
C LYS A 71 -0.68 -1.36 11.06
N GLN A 72 0.05 -2.12 10.24
CA GLN A 72 1.36 -2.66 10.57
C GLN A 72 2.48 -1.68 10.22
N VAL A 73 2.16 -0.51 9.67
CA VAL A 73 3.18 0.48 9.37
C VAL A 73 3.83 1.01 10.63
N ARG A 74 4.90 1.77 10.43
CA ARG A 74 5.64 2.39 11.51
C ARG A 74 5.05 3.73 11.85
N ASP A 75 5.06 4.63 10.87
CA ASP A 75 4.60 6.03 10.97
C ASP A 75 4.97 6.80 9.69
N GLU A 76 6.27 6.94 9.45
CA GLU A 76 6.87 7.67 8.33
C GLU A 76 7.29 6.71 7.21
N CYS A 77 6.44 5.72 7.00
CA CYS A 77 6.62 4.77 5.94
C CYS A 77 5.36 4.65 5.12
N GLN A 78 4.37 5.52 5.31
CA GLN A 78 3.11 5.48 4.60
C GLN A 78 3.24 5.72 3.10
N CYS A 79 3.39 6.98 2.70
CA CYS A 79 3.56 7.27 1.28
C CYS A 79 4.75 6.53 0.71
N GLU A 80 5.88 6.52 1.42
CA GLU A 80 7.05 5.71 1.04
C GLU A 80 6.67 4.29 0.69
N ALA A 81 5.80 3.64 1.46
CA ALA A 81 5.27 2.33 1.10
C ALA A 81 4.51 2.31 -0.21
N ILE A 82 3.58 3.25 -0.42
CA ILE A 82 2.85 3.40 -1.68
C ILE A 82 3.79 3.66 -2.85
N LYS A 83 4.72 4.59 -2.71
CA LYS A 83 5.74 4.83 -3.71
C LYS A 83 6.78 3.71 -3.82
N TYR A 84 6.67 2.70 -2.97
CA TYR A 84 7.45 1.46 -2.92
C TYR A 84 6.64 0.24 -3.39
N ILE A 85 5.47 0.49 -3.96
CA ILE A 85 4.60 -0.59 -4.39
C ILE A 85 3.70 -0.11 -5.49
N ALA A 86 2.84 0.87 -5.26
CA ALA A 86 2.02 1.46 -6.30
C ALA A 86 2.90 2.05 -7.38
N GLU A 87 3.73 3.02 -7.03
CA GLU A 87 4.62 3.62 -8.03
C GLU A 87 5.74 2.67 -8.47
N ASP A 88 6.21 1.83 -7.55
CA ASP A 88 7.27 0.86 -7.85
C ASP A 88 6.79 -0.16 -8.87
N GLN A 89 5.70 -0.86 -8.54
CA GLN A 89 5.05 -1.81 -9.42
C GLN A 89 4.68 -1.12 -10.69
N ILE A 90 4.29 0.16 -10.68
CA ILE A 90 3.96 0.90 -11.91
C ILE A 90 5.16 0.90 -12.86
N GLN A 91 6.34 1.18 -12.35
CA GLN A 91 7.54 1.13 -13.17
C GLN A 91 7.97 -0.29 -13.51
N GLN A 92 7.99 -1.17 -12.52
CA GLN A 92 8.41 -2.56 -12.68
C GLN A 92 7.51 -3.35 -13.62
N GLY A 93 6.23 -3.40 -13.26
CA GLY A 93 5.16 -3.94 -14.06
C GLY A 93 5.00 -3.20 -15.39
N GLN A 94 4.11 -3.72 -16.22
CA GLN A 94 3.81 -3.11 -17.51
C GLN A 94 2.87 -1.93 -17.36
N LEU A 95 2.97 -1.10 -16.34
CA LEU A 95 2.02 0.02 -16.17
C LEU A 95 2.61 1.23 -16.91
N HIS A 96 3.60 1.05 -17.77
CA HIS A 96 4.16 2.12 -18.59
C HIS A 96 3.45 2.21 -19.94
N GLY A 97 3.89 3.12 -20.80
CA GLY A 97 3.29 3.33 -22.13
C GLY A 97 2.04 4.17 -21.99
N GLU A 98 1.01 3.64 -21.32
CA GLU A 98 -0.30 4.29 -21.09
C GLU A 98 -1.22 3.49 -20.16
N GLU A 99 -0.67 3.08 -19.02
CA GLU A 99 -1.39 2.19 -18.09
C GLU A 99 -0.86 2.39 -16.67
N SER A 100 -0.26 3.55 -16.41
CA SER A 100 0.29 3.91 -15.11
C SER A 100 -0.75 4.65 -14.31
N GLU A 101 -1.50 5.52 -14.97
CA GLU A 101 -2.54 6.29 -14.30
C GLU A 101 -3.69 5.35 -13.90
N ARG A 102 -3.92 4.31 -14.71
CA ARG A 102 -4.93 3.32 -14.35
C ARG A 102 -4.58 2.58 -13.07
N VAL A 103 -3.30 2.50 -12.70
CA VAL A 103 -2.87 1.84 -11.46
C VAL A 103 -3.02 2.80 -10.29
N ALA A 104 -2.94 4.09 -10.54
CA ALA A 104 -3.14 5.09 -9.51
C ALA A 104 -4.57 5.03 -8.97
N GLN A 105 -5.56 4.86 -9.86
CA GLN A 105 -6.96 4.74 -9.45
C GLN A 105 -7.18 3.44 -8.69
N ARG A 106 -6.51 2.36 -9.09
CA ARG A 106 -6.65 1.04 -8.52
C ARG A 106 -6.23 1.08 -7.07
N ALA A 107 -4.99 1.47 -6.81
CA ALA A 107 -4.52 1.51 -5.44
C ALA A 107 -5.38 2.49 -4.64
N GLY A 108 -5.78 3.60 -5.27
CA GLY A 108 -6.72 4.59 -4.77
C GLY A 108 -8.01 3.99 -4.22
N GLU A 109 -8.48 2.89 -4.80
CA GLU A 109 -9.67 2.17 -4.34
C GLU A 109 -9.47 1.71 -2.89
N ILE A 110 -8.42 0.94 -2.68
CA ILE A 110 -8.13 0.39 -1.35
C ILE A 110 -7.61 1.47 -0.43
N VAL A 111 -7.03 2.50 -1.03
CA VAL A 111 -6.60 3.67 -0.30
C VAL A 111 -7.78 4.32 0.36
N SER A 112 -8.86 4.58 -0.37
CA SER A 112 -10.08 5.14 0.20
C SER A 112 -10.63 4.31 1.36
N SER A 113 -10.28 3.03 1.41
CA SER A 113 -10.62 2.13 2.50
C SER A 113 -9.80 2.45 3.74
N CYS A 114 -8.50 2.18 3.70
CA CYS A 114 -7.60 2.42 4.83
C CYS A 114 -6.15 2.45 4.35
N GLY A 115 -5.94 3.01 3.18
CA GLY A 115 -4.65 3.14 2.55
C GLY A 115 -4.42 4.56 2.12
N VAL A 116 -5.00 5.57 2.79
CA VAL A 116 -4.81 7.01 2.55
C VAL A 116 -3.36 7.45 2.84
N ARG A 117 -2.42 6.91 2.07
CA ARG A 117 -1.00 7.15 2.30
C ARG A 117 -0.57 8.22 1.36
N CYS A 118 -0.30 7.84 0.12
CA CYS A 118 0.02 8.80 -0.94
C CYS A 118 -1.02 8.84 -2.04
N MET A 119 -2.03 8.00 -1.92
CA MET A 119 -3.11 7.93 -2.89
C MET A 119 -4.34 8.72 -2.47
N ARG A 120 -4.18 9.51 -1.42
CA ARG A 120 -5.23 10.36 -0.92
C ARG A 120 -4.64 11.53 -0.18
N GLN A 121 -3.68 11.28 0.71
CA GLN A 121 -3.03 12.28 1.54
C GLN A 121 -1.52 12.23 1.35
N THR A 122 -0.81 12.84 2.29
CA THR A 122 0.65 12.87 2.35
C THR A 122 1.15 11.78 3.28
N ARG A 123 2.41 11.83 3.76
CA ARG A 123 3.01 10.84 4.68
C ARG A 123 2.05 10.27 5.71
N THR A 124 1.89 10.92 6.84
CA THR A 124 0.89 10.57 7.86
C THR A 124 -0.52 10.53 7.27
N ASN A 125 -1.44 9.82 7.94
CA ASN A 125 -2.86 9.84 7.64
C ASN A 125 -3.57 11.10 8.16
N ALA A 1 19.07 29.02 -20.38
CA ALA A 1 19.20 27.83 -21.23
C ALA A 1 18.05 26.89 -20.94
N GLU A 2 17.47 26.30 -21.97
CA GLU A 2 16.34 25.39 -21.83
C GLU A 2 16.13 24.61 -23.11
N PHE A 3 15.90 23.32 -22.98
CA PHE A 3 15.71 22.43 -24.10
C PHE A 3 15.02 21.17 -23.64
N MET A 4 14.55 20.37 -24.61
CA MET A 4 13.93 19.08 -24.35
C MET A 4 14.70 18.26 -23.32
N GLU A 5 13.99 17.35 -22.67
CA GLU A 5 14.63 16.49 -21.69
C GLU A 5 15.22 15.26 -22.35
N SER A 6 15.87 14.42 -21.56
CA SER A 6 16.48 13.18 -22.02
C SER A 6 17.41 12.63 -20.95
N LYS A 7 16.95 11.60 -20.24
CA LYS A 7 17.72 10.94 -19.20
C LYS A 7 17.35 9.45 -19.13
N GLY A 8 17.89 8.77 -18.12
CA GLY A 8 17.60 7.37 -17.90
C GLY A 8 16.55 7.18 -16.80
N GLU A 9 16.98 6.62 -15.67
CA GLU A 9 16.10 6.39 -14.54
C GLU A 9 16.92 6.23 -13.28
N ARG A 10 16.31 6.50 -12.13
CA ARG A 10 16.96 6.33 -10.85
C ARG A 10 15.92 6.28 -9.76
N GLU A 11 16.32 5.75 -8.60
CA GLU A 11 15.45 5.65 -7.43
C GLU A 11 16.22 5.89 -6.14
N GLY A 12 15.50 6.12 -5.06
CA GLY A 12 16.11 6.38 -3.77
C GLY A 12 15.43 7.53 -3.06
N SER A 13 14.56 7.22 -2.11
CA SER A 13 13.86 8.24 -1.34
C SER A 13 12.99 7.52 -0.33
N SER A 14 13.40 7.47 0.94
CA SER A 14 12.64 6.84 2.04
C SER A 14 13.31 7.19 3.38
N SER A 15 13.13 6.32 4.37
CA SER A 15 13.71 6.45 5.66
C SER A 15 15.12 5.86 5.70
N GLN A 16 15.55 5.41 6.87
CA GLN A 16 16.86 4.82 7.04
C GLN A 16 16.92 3.46 6.36
N GLN A 17 15.98 2.59 6.71
CA GLN A 17 15.92 1.23 6.19
C GLN A 17 14.51 0.71 6.33
N CYS A 18 13.55 1.58 6.03
CA CYS A 18 12.16 1.19 6.13
C CYS A 18 11.83 0.39 4.89
N ARG A 19 11.99 0.99 3.69
CA ARG A 19 11.78 0.33 2.40
C ARG A 19 11.67 -1.18 2.51
N GLN A 20 12.76 -1.84 2.90
CA GLN A 20 12.74 -3.24 3.27
C GLN A 20 11.57 -3.69 4.17
N GLU A 21 11.60 -3.35 5.46
CA GLU A 21 10.48 -3.60 6.33
C GLU A 21 9.14 -3.04 5.85
N VAL A 22 9.20 -2.00 5.04
CA VAL A 22 8.09 -1.32 4.46
C VAL A 22 7.44 -2.29 3.51
N GLN A 23 8.15 -2.79 2.49
CA GLN A 23 7.61 -3.71 1.50
C GLN A 23 7.27 -5.09 2.07
N ARG A 24 6.63 -5.13 3.22
CA ARG A 24 6.30 -6.33 3.94
C ARG A 24 5.05 -6.15 4.77
N LYS A 25 5.01 -5.03 5.48
CA LYS A 25 3.88 -4.69 6.31
C LYS A 25 3.19 -3.43 5.83
N ASP A 26 3.92 -2.53 5.17
CA ASP A 26 3.37 -1.35 4.55
C ASP A 26 2.24 -1.64 3.58
N LEU A 27 1.93 -0.69 2.70
CA LEU A 27 1.05 -0.98 1.61
C LEU A 27 1.47 -2.18 0.75
N SER A 28 1.18 -3.39 1.21
CA SER A 28 1.57 -4.63 0.60
C SER A 28 0.35 -5.52 0.50
N SER A 29 -0.74 -4.92 0.02
CA SER A 29 -1.98 -5.62 -0.14
C SER A 29 -3.00 -4.74 -0.82
N CYS A 30 -3.00 -3.43 -0.52
CA CYS A 30 -3.91 -2.49 -1.15
C CYS A 30 -3.67 -2.45 -2.65
N GLU A 31 -2.43 -2.18 -3.04
CA GLU A 31 -2.09 -2.17 -4.44
C GLU A 31 -2.06 -3.58 -5.00
N ARG A 32 -1.72 -4.55 -4.17
CA ARG A 32 -1.71 -5.93 -4.58
C ARG A 32 -3.12 -6.42 -4.92
N TYR A 33 -4.13 -5.94 -4.20
CA TYR A 33 -5.51 -6.27 -4.35
C TYR A 33 -5.95 -6.07 -5.79
N LEU A 34 -5.70 -4.88 -6.34
CA LEU A 34 -6.00 -4.62 -7.73
C LEU A 34 -4.97 -5.26 -8.66
N ARG A 35 -3.77 -5.51 -8.14
CA ARG A 35 -2.74 -6.21 -8.88
C ARG A 35 -2.94 -7.73 -8.88
N GLN A 36 -3.96 -8.20 -8.20
CA GLN A 36 -4.27 -9.61 -8.06
C GLN A 36 -5.76 -9.83 -7.80
N SER A 37 -6.10 -10.99 -7.26
CA SER A 37 -7.46 -11.31 -6.90
C SER A 37 -7.78 -10.86 -5.47
N SER A 38 -8.75 -11.52 -4.85
CA SER A 38 -9.10 -11.28 -3.48
C SER A 38 -8.11 -11.93 -2.53
N SER A 39 -7.35 -11.10 -1.81
CA SER A 39 -6.36 -11.58 -0.84
C SER A 39 -6.93 -12.73 -0.02
N ARG A 40 -6.15 -13.81 0.10
CA ARG A 40 -6.60 -15.00 0.82
C ARG A 40 -5.43 -15.67 1.51
N ARG A 41 -4.89 -15.04 2.53
CA ARG A 41 -3.75 -15.59 3.27
C ARG A 41 -3.41 -14.68 4.43
N SER A 42 -3.29 -15.25 5.61
CA SER A 42 -2.94 -14.49 6.81
C SER A 42 -2.66 -15.44 7.95
N THR A 43 -1.73 -15.08 8.81
CA THR A 43 -1.38 -15.89 9.96
C THR A 43 -2.42 -15.75 11.06
N GLY A 44 -2.64 -16.83 11.81
CA GLY A 44 -3.64 -16.87 12.87
C GLY A 44 -4.75 -17.86 12.56
N GLU A 45 -4.96 -18.81 13.47
CA GLU A 45 -6.01 -19.81 13.29
C GLU A 45 -7.39 -19.15 13.32
N GLU A 46 -7.64 -18.33 14.34
CA GLU A 46 -8.89 -17.61 14.49
C GLU A 46 -8.82 -16.27 13.78
N VAL A 47 -8.57 -16.31 12.47
CA VAL A 47 -8.52 -15.08 11.68
C VAL A 47 -9.90 -14.72 11.13
N LEU A 48 -10.95 -15.21 11.78
CA LEU A 48 -12.31 -14.98 11.37
C LEU A 48 -13.09 -14.37 12.52
N ARG A 49 -12.52 -13.31 13.10
CA ARG A 49 -13.18 -12.62 14.20
C ARG A 49 -14.45 -11.96 13.69
N MET A 50 -15.35 -11.66 14.63
CA MET A 50 -16.60 -10.99 14.33
C MET A 50 -16.44 -9.82 13.34
N PRO A 51 -17.47 -9.58 12.52
CA PRO A 51 -17.41 -8.52 11.55
C PRO A 51 -17.47 -7.18 12.27
N GLY A 52 -16.46 -6.34 12.00
CA GLY A 52 -16.41 -4.97 12.49
C GLY A 52 -15.68 -4.94 13.81
N ASP A 53 -14.37 -4.69 13.74
CA ASP A 53 -13.52 -4.65 14.92
C ASP A 53 -12.07 -4.47 14.47
N GLU A 54 -11.62 -5.35 13.57
CA GLU A 54 -10.27 -5.32 13.07
C GLU A 54 -10.24 -4.84 11.62
N ASN A 55 -11.01 -3.79 11.33
CA ASN A 55 -11.09 -3.24 9.99
C ASN A 55 -11.99 -2.01 10.02
N GLN A 56 -11.96 -1.24 8.94
CA GLN A 56 -12.85 -0.10 8.79
C GLN A 56 -14.32 -0.48 8.88
N GLN A 57 -14.87 -1.00 7.79
CA GLN A 57 -16.25 -1.45 7.73
C GLN A 57 -16.35 -2.86 7.20
N GLN A 58 -17.47 -3.50 7.52
CA GLN A 58 -17.69 -4.88 7.11
C GLN A 58 -18.42 -4.94 5.79
N GLU A 59 -17.67 -5.07 4.71
CA GLU A 59 -18.23 -5.06 3.37
C GLU A 59 -17.15 -5.24 2.31
N SER A 60 -16.10 -5.99 2.67
CA SER A 60 -14.96 -6.21 1.80
C SER A 60 -13.84 -6.90 2.58
N GLN A 61 -13.92 -8.22 2.66
CA GLN A 61 -12.88 -8.99 3.33
C GLN A 61 -11.50 -8.74 2.72
N GLN A 62 -11.48 -8.26 1.49
CA GLN A 62 -10.26 -7.99 0.78
C GLN A 62 -9.60 -6.71 1.27
N LEU A 63 -10.32 -5.58 1.21
CA LEU A 63 -9.83 -4.32 1.73
C LEU A 63 -9.43 -4.46 3.20
N GLN A 64 -10.07 -5.37 3.92
CA GLN A 64 -9.69 -5.70 5.27
C GLN A 64 -8.23 -6.11 5.37
N GLN A 65 -7.73 -6.79 4.34
CA GLN A 65 -6.36 -7.21 4.30
C GLN A 65 -5.44 -6.03 4.12
N CYS A 66 -5.88 -4.99 3.40
CA CYS A 66 -5.12 -3.78 3.23
C CYS A 66 -5.11 -3.02 4.54
N CYS A 67 -6.27 -2.77 5.14
CA CYS A 67 -6.33 -2.07 6.40
C CYS A 67 -5.48 -2.78 7.45
N ASN A 68 -5.71 -4.08 7.66
CA ASN A 68 -4.89 -4.88 8.55
C ASN A 68 -3.41 -4.86 8.18
N GLN A 69 -3.14 -4.64 6.89
CA GLN A 69 -1.78 -4.49 6.39
C GLN A 69 -1.21 -3.10 6.74
N VAL A 70 -1.98 -2.06 6.51
CA VAL A 70 -1.52 -0.73 6.81
C VAL A 70 -1.52 -0.50 8.32
N LYS A 71 -2.24 -1.34 9.05
CA LYS A 71 -2.31 -1.28 10.49
C LYS A 71 -1.05 -1.87 11.09
N GLN A 72 -0.36 -2.73 10.33
CA GLN A 72 0.90 -3.29 10.74
C GLN A 72 2.08 -2.51 10.17
N VAL A 73 1.82 -1.36 9.56
CA VAL A 73 2.85 -0.51 9.01
C VAL A 73 3.74 0.08 10.10
N ARG A 74 4.68 0.94 9.71
CA ARG A 74 5.53 1.65 10.66
C ARG A 74 4.79 2.80 11.34
N ASP A 75 4.89 3.99 10.76
CA ASP A 75 4.25 5.20 11.24
C ASP A 75 4.50 6.36 10.28
N GLU A 76 5.73 6.47 9.81
CA GLU A 76 6.12 7.49 8.85
C GLU A 76 6.47 6.90 7.49
N CYS A 77 6.46 5.59 7.42
CA CYS A 77 6.69 4.89 6.19
C CYS A 77 5.37 4.60 5.51
N GLN A 78 4.25 5.13 6.01
CA GLN A 78 2.95 4.89 5.43
C GLN A 78 2.85 5.51 4.03
N CYS A 79 3.23 6.77 3.92
CA CYS A 79 3.21 7.42 2.63
C CYS A 79 4.35 6.95 1.76
N GLU A 80 5.57 7.06 2.29
CA GLU A 80 6.75 6.57 1.58
C GLU A 80 6.57 5.12 1.12
N ALA A 81 5.66 4.42 1.76
CA ALA A 81 5.31 3.08 1.32
C ALA A 81 4.52 3.07 0.02
N ILE A 82 3.52 3.94 -0.10
CA ILE A 82 2.79 4.11 -1.33
C ILE A 82 3.72 4.56 -2.45
N LYS A 83 4.74 5.36 -2.14
CA LYS A 83 5.69 5.79 -3.15
C LYS A 83 6.52 4.63 -3.69
N TYR A 84 6.39 3.46 -3.06
CA TYR A 84 7.06 2.25 -3.44
C TYR A 84 6.10 1.30 -4.13
N ILE A 85 5.10 0.83 -3.39
CA ILE A 85 4.17 -0.14 -3.91
C ILE A 85 3.44 0.45 -5.11
N ALA A 86 3.00 1.69 -4.98
CA ALA A 86 2.32 2.42 -6.03
C ALA A 86 3.28 2.91 -7.10
N GLU A 87 4.13 1.99 -7.56
CA GLU A 87 5.15 2.27 -8.53
C GLU A 87 5.92 1.00 -8.93
N ASP A 88 6.50 0.29 -7.95
CA ASP A 88 7.22 -0.94 -8.20
C ASP A 88 6.33 -1.90 -8.97
N GLN A 89 5.06 -2.00 -8.55
CA GLN A 89 4.10 -2.82 -9.24
C GLN A 89 3.88 -2.41 -10.71
N ILE A 90 4.19 -1.17 -11.05
CA ILE A 90 4.11 -0.66 -12.39
C ILE A 90 5.24 -1.27 -13.23
N GLN A 91 6.45 -1.23 -12.70
CA GLN A 91 7.58 -1.84 -13.39
C GLN A 91 7.52 -3.36 -13.35
N GLN A 92 7.06 -3.92 -12.24
CA GLN A 92 6.95 -5.34 -12.04
C GLN A 92 5.79 -5.92 -12.82
N GLY A 93 4.60 -5.36 -12.59
CA GLY A 93 3.39 -5.71 -13.31
C GLY A 93 3.48 -5.39 -14.80
N GLN A 94 2.40 -5.68 -15.51
CA GLN A 94 2.34 -5.42 -16.93
C GLN A 94 1.96 -3.97 -17.24
N LEU A 95 2.48 -3.01 -16.48
CA LEU A 95 2.05 -1.64 -16.60
C LEU A 95 2.99 -0.90 -17.51
N HIS A 96 2.62 -0.80 -18.78
CA HIS A 96 3.45 -0.17 -19.78
C HIS A 96 2.58 0.35 -20.93
N GLY A 97 3.18 1.16 -21.81
CA GLY A 97 2.45 1.73 -22.93
C GLY A 97 1.67 2.95 -22.49
N GLU A 98 0.62 2.75 -21.69
CA GLU A 98 -0.24 3.81 -21.16
C GLU A 98 -1.28 3.23 -20.21
N GLU A 99 -0.83 2.40 -19.30
CA GLU A 99 -1.72 1.82 -18.32
C GLU A 99 -1.13 2.01 -16.93
N SER A 100 -0.18 2.93 -16.75
CA SER A 100 0.41 3.17 -15.44
C SER A 100 -0.46 4.14 -14.63
N GLU A 101 -1.12 5.07 -15.33
CA GLU A 101 -1.97 6.04 -14.66
C GLU A 101 -3.22 5.37 -14.12
N ARG A 102 -3.62 4.26 -14.74
CA ARG A 102 -4.76 3.50 -14.28
C ARG A 102 -4.47 2.83 -12.95
N VAL A 103 -3.20 2.63 -12.62
CA VAL A 103 -2.77 2.02 -11.39
C VAL A 103 -2.80 3.05 -10.27
N ALA A 104 -2.63 4.32 -10.63
CA ALA A 104 -2.65 5.40 -9.68
C ALA A 104 -4.04 5.52 -9.06
N GLN A 105 -5.07 5.55 -9.92
CA GLN A 105 -6.44 5.61 -9.45
C GLN A 105 -6.87 4.30 -8.81
N ARG A 106 -6.31 3.19 -9.31
CA ARG A 106 -6.61 1.88 -8.80
C ARG A 106 -6.33 1.82 -7.32
N ALA A 107 -5.08 2.08 -6.94
CA ALA A 107 -4.72 2.02 -5.55
C ALA A 107 -5.53 3.01 -4.74
N GLY A 108 -5.83 4.15 -5.34
CA GLY A 108 -6.71 5.15 -4.78
C GLY A 108 -8.02 4.56 -4.23
N GLU A 109 -8.49 3.49 -4.85
CA GLU A 109 -9.68 2.79 -4.39
C GLU A 109 -9.49 2.29 -2.97
N ILE A 110 -8.45 1.51 -2.74
CA ILE A 110 -8.18 0.97 -1.42
C ILE A 110 -7.67 2.06 -0.49
N VAL A 111 -7.07 3.08 -1.09
CA VAL A 111 -6.63 4.22 -0.35
C VAL A 111 -7.79 4.85 0.41
N SER A 112 -8.92 5.02 -0.26
CA SER A 112 -10.10 5.54 0.38
C SER A 112 -10.60 4.63 1.49
N SER A 113 -10.26 3.33 1.41
CA SER A 113 -10.64 2.36 2.41
C SER A 113 -9.75 2.48 3.64
N CYS A 114 -8.54 1.96 3.57
CA CYS A 114 -7.58 2.03 4.65
C CYS A 114 -6.18 2.19 4.08
N GLY A 115 -6.06 2.99 3.04
CA GLY A 115 -4.79 3.22 2.39
C GLY A 115 -4.58 4.69 2.10
N VAL A 116 -5.27 5.56 2.85
CA VAL A 116 -5.20 6.99 2.70
C VAL A 116 -3.87 7.54 3.21
N ARG A 117 -2.77 7.08 2.61
CA ARG A 117 -1.43 7.41 3.08
C ARG A 117 -0.91 8.60 2.31
N CYS A 118 -0.15 8.35 1.24
CA CYS A 118 0.30 9.39 0.36
C CYS A 118 -0.54 9.44 -0.90
N MET A 119 -1.51 8.54 -1.01
CA MET A 119 -2.39 8.49 -2.14
C MET A 119 -3.65 9.35 -1.95
N ARG A 120 -3.72 10.01 -0.80
CA ARG A 120 -4.80 10.90 -0.46
C ARG A 120 -4.37 11.84 0.65
N GLN A 121 -3.73 11.29 1.68
CA GLN A 121 -3.30 12.08 2.82
C GLN A 121 -1.89 12.59 2.58
N THR A 122 -1.09 12.60 3.62
CA THR A 122 0.26 13.11 3.57
C THR A 122 1.16 12.24 4.41
N ARG A 123 2.19 12.84 5.02
CA ARG A 123 3.15 12.15 5.87
C ARG A 123 2.48 11.05 6.68
N THR A 124 1.62 11.47 7.58
CA THR A 124 0.86 10.60 8.45
C THR A 124 -0.62 10.88 8.28
N ASN A 125 -1.40 9.80 8.29
CA ASN A 125 -2.85 9.88 8.25
C ASN A 125 -3.44 10.63 9.45
N ALA A 1 -9.06 9.31 -5.33
CA ALA A 1 -8.89 8.29 -6.36
C ALA A 1 -7.88 8.77 -7.39
N GLU A 2 -8.18 9.88 -8.04
CA GLU A 2 -7.29 10.46 -9.03
C GLU A 2 -6.25 11.36 -8.36
N PHE A 3 -5.02 11.29 -8.82
CA PHE A 3 -3.93 12.09 -8.30
C PHE A 3 -4.32 13.58 -8.30
N MET A 4 -4.09 14.23 -7.18
CA MET A 4 -4.37 15.66 -7.07
C MET A 4 -3.35 16.33 -6.17
N GLU A 5 -3.30 17.66 -6.24
CA GLU A 5 -2.40 18.44 -5.41
C GLU A 5 -2.73 18.23 -3.93
N SER A 6 -1.90 18.80 -3.06
CA SER A 6 -2.10 18.69 -1.63
C SER A 6 -0.91 19.34 -0.92
N LYS A 7 -1.14 19.76 0.32
CA LYS A 7 -0.09 20.37 1.14
C LYS A 7 0.96 19.33 1.48
N GLY A 8 2.20 19.59 1.07
CA GLY A 8 3.29 18.68 1.31
C GLY A 8 4.61 19.42 1.30
N GLU A 9 4.95 20.05 2.42
CA GLU A 9 6.21 20.79 2.52
C GLU A 9 7.33 19.88 3.02
N ARG A 10 7.00 18.96 3.95
CA ARG A 10 7.97 18.01 4.47
C ARG A 10 8.65 17.27 3.33
N GLU A 11 9.77 16.65 3.64
CA GLU A 11 10.51 15.86 2.67
C GLU A 11 10.34 14.38 2.96
N GLY A 12 10.80 13.54 2.02
CA GLY A 12 10.75 12.10 2.18
C GLY A 12 12.06 11.55 2.70
N SER A 13 12.06 10.27 3.06
CA SER A 13 13.24 9.58 3.58
C SER A 13 12.81 8.33 4.32
N SER A 14 13.32 7.17 3.89
CA SER A 14 13.00 5.92 4.54
C SER A 14 13.57 5.94 5.93
N SER A 15 12.75 5.49 6.90
CA SER A 15 13.15 5.46 8.31
C SER A 15 14.46 4.68 8.44
N GLN A 16 14.97 4.56 9.66
CA GLN A 16 16.20 3.85 9.91
C GLN A 16 16.24 2.57 9.09
N GLN A 17 15.20 1.73 9.23
CA GLN A 17 15.08 0.49 8.48
C GLN A 17 13.62 0.09 8.37
N CYS A 18 12.81 0.98 7.80
CA CYS A 18 11.39 0.73 7.64
C CYS A 18 11.22 -0.11 6.42
N ARG A 19 11.73 0.26 5.24
CA ARG A 19 11.71 -0.53 4.01
C ARG A 19 11.84 -2.02 4.30
N GLN A 20 12.69 -2.42 5.26
CA GLN A 20 12.86 -3.79 5.65
C GLN A 20 11.51 -4.38 6.01
N GLU A 21 10.92 -3.94 7.12
CA GLU A 21 9.62 -4.42 7.52
C GLU A 21 8.53 -3.94 6.61
N VAL A 22 8.59 -2.76 6.05
CA VAL A 22 7.66 -2.17 5.12
C VAL A 22 7.57 -3.05 3.88
N GLN A 23 8.62 -3.84 3.62
CA GLN A 23 8.61 -4.79 2.54
C GLN A 23 7.66 -5.94 2.78
N ARG A 24 7.05 -5.97 3.97
CA ARG A 24 6.20 -7.04 4.44
C ARG A 24 5.26 -6.54 5.53
N LYS A 25 5.06 -5.24 5.61
CA LYS A 25 4.24 -4.63 6.65
C LYS A 25 3.42 -3.56 6.01
N ASP A 26 3.98 -2.33 5.98
CA ASP A 26 3.29 -1.15 5.47
C ASP A 26 2.70 -1.52 4.16
N LEU A 27 1.74 -0.75 3.64
CA LEU A 27 1.07 -0.97 2.34
C LEU A 27 1.64 -2.13 1.55
N SER A 28 1.19 -3.34 1.93
CA SER A 28 1.81 -4.60 1.48
C SER A 28 0.66 -5.55 1.15
N SER A 29 -0.41 -4.98 0.61
CA SER A 29 -1.56 -5.79 0.26
C SER A 29 -2.58 -4.91 -0.38
N CYS A 30 -2.70 -3.64 0.01
CA CYS A 30 -3.65 -2.71 -0.60
C CYS A 30 -3.45 -2.65 -2.10
N GLU A 31 -2.20 -2.43 -2.51
CA GLU A 31 -1.89 -2.34 -3.92
C GLU A 31 -1.83 -3.74 -4.49
N ARG A 32 -1.43 -4.72 -3.68
CA ARG A 32 -1.39 -6.09 -4.10
C ARG A 32 -2.76 -6.59 -4.46
N TYR A 33 -3.80 -6.18 -3.76
CA TYR A 33 -5.17 -6.55 -3.96
C TYR A 33 -5.57 -6.27 -5.39
N LEU A 34 -5.19 -5.08 -5.88
CA LEU A 34 -5.50 -4.72 -7.25
C LEU A 34 -4.57 -5.48 -8.20
N ARG A 35 -3.36 -5.82 -7.75
CA ARG A 35 -2.41 -6.57 -8.53
C ARG A 35 -2.94 -7.98 -8.76
N GLN A 36 -3.46 -8.61 -7.71
CA GLN A 36 -3.98 -9.96 -7.79
C GLN A 36 -5.38 -9.94 -8.39
N SER A 37 -6.08 -11.06 -8.23
CA SER A 37 -7.45 -11.18 -8.70
C SER A 37 -8.27 -12.02 -7.75
N SER A 38 -9.39 -12.56 -8.24
CA SER A 38 -10.27 -13.43 -7.47
C SER A 38 -9.46 -14.47 -6.71
N SER A 39 -9.54 -14.41 -5.39
CA SER A 39 -8.78 -15.32 -4.55
C SER A 39 -9.15 -15.08 -3.09
N ARG A 40 -9.95 -16.00 -2.51
CA ARG A 40 -10.35 -15.90 -1.12
C ARG A 40 -9.12 -15.96 -0.20
N ARG A 41 -9.40 -16.03 1.12
CA ARG A 41 -8.35 -16.21 2.11
C ARG A 41 -7.49 -17.45 1.80
N SER A 42 -6.45 -17.63 2.61
CA SER A 42 -5.59 -18.78 2.48
C SER A 42 -6.13 -19.93 3.34
N THR A 43 -5.23 -20.77 3.81
CA THR A 43 -5.54 -21.93 4.62
C THR A 43 -5.79 -21.50 6.09
N GLY A 44 -7.05 -21.37 6.44
CA GLY A 44 -7.42 -20.97 7.79
C GLY A 44 -8.79 -21.47 8.15
N GLU A 45 -9.69 -20.54 8.45
CA GLU A 45 -11.07 -20.90 8.80
C GLU A 45 -12.03 -19.79 8.38
N GLU A 46 -11.91 -18.63 9.03
CA GLU A 46 -12.76 -17.50 8.74
C GLU A 46 -11.90 -16.24 8.67
N VAL A 47 -12.53 -15.08 8.89
CA VAL A 47 -11.87 -13.79 8.89
C VAL A 47 -12.52 -12.87 9.92
N LEU A 48 -13.00 -13.45 11.01
CA LEU A 48 -13.64 -12.69 12.06
C LEU A 48 -12.86 -12.87 13.37
N ARG A 49 -11.55 -13.17 13.25
CA ARG A 49 -10.69 -13.34 14.40
C ARG A 49 -10.29 -11.97 14.93
N MET A 50 -10.08 -11.91 16.24
CA MET A 50 -9.55 -10.70 16.88
C MET A 50 -8.43 -10.04 16.08
N PRO A 51 -7.41 -10.84 15.70
CA PRO A 51 -6.31 -10.38 14.87
C PRO A 51 -6.73 -10.19 13.40
N GLY A 52 -7.74 -9.36 13.17
CA GLY A 52 -8.27 -9.12 11.85
C GLY A 52 -9.75 -9.47 11.80
N ASP A 53 -10.59 -8.48 12.10
CA ASP A 53 -12.03 -8.65 12.06
C ASP A 53 -12.72 -7.31 12.15
N GLU A 54 -12.71 -6.72 13.36
CA GLU A 54 -13.36 -5.45 13.63
C GLU A 54 -12.67 -4.37 12.81
N ASN A 55 -13.10 -4.19 11.57
CA ASN A 55 -12.49 -3.25 10.65
C ASN A 55 -13.63 -2.58 9.95
N GLN A 56 -13.72 -1.26 10.06
CA GLN A 56 -14.74 -0.46 9.40
C GLN A 56 -14.94 -0.89 7.93
N GLN A 57 -15.94 -1.72 7.70
CA GLN A 57 -16.19 -2.27 6.39
C GLN A 57 -17.54 -2.97 6.37
N GLN A 58 -18.35 -2.63 5.37
CA GLN A 58 -19.66 -3.23 5.23
C GLN A 58 -19.55 -4.64 4.69
N GLU A 59 -19.28 -4.77 3.40
CA GLU A 59 -19.21 -6.05 2.74
C GLU A 59 -17.98 -6.08 1.83
N SER A 60 -16.81 -6.16 2.45
CA SER A 60 -15.56 -6.20 1.71
C SER A 60 -14.45 -6.61 2.65
N GLN A 61 -14.40 -7.89 3.01
CA GLN A 61 -13.35 -8.39 3.88
C GLN A 61 -11.98 -8.35 3.17
N GLN A 62 -11.99 -8.04 1.86
CA GLN A 62 -10.78 -7.95 1.09
C GLN A 62 -9.97 -6.73 1.50
N LEU A 63 -10.62 -5.57 1.50
CA LEU A 63 -9.95 -4.33 1.86
C LEU A 63 -9.59 -4.39 3.34
N GLN A 64 -10.32 -5.15 4.15
CA GLN A 64 -9.99 -5.34 5.54
C GLN A 64 -8.54 -5.77 5.71
N GLN A 65 -7.97 -6.44 4.70
CA GLN A 65 -6.61 -6.84 4.73
C GLN A 65 -5.72 -5.66 4.55
N CYS A 66 -6.08 -4.64 3.79
CA CYS A 66 -5.34 -3.42 3.62
C CYS A 66 -5.45 -2.58 4.87
N CYS A 67 -6.64 -2.38 5.43
CA CYS A 67 -6.79 -1.61 6.66
C CYS A 67 -6.02 -2.27 7.79
N ASN A 68 -6.23 -3.58 7.97
CA ASN A 68 -5.50 -4.33 8.97
C ASN A 68 -4.00 -4.32 8.67
N GLN A 69 -3.65 -4.14 7.40
CA GLN A 69 -2.26 -4.07 6.97
C GLN A 69 -1.65 -2.73 7.29
N VAL A 70 -2.36 -1.65 6.99
CA VAL A 70 -1.94 -0.29 7.24
C VAL A 70 -2.06 -0.02 8.73
N LYS A 71 -2.65 -0.94 9.49
CA LYS A 71 -2.77 -0.81 10.92
C LYS A 71 -1.42 -1.11 11.57
N GLN A 72 -0.56 -1.84 10.88
CA GLN A 72 0.76 -2.13 11.35
C GLN A 72 1.74 -1.17 10.74
N VAL A 73 1.32 -0.14 10.05
CA VAL A 73 2.22 0.85 9.47
C VAL A 73 2.88 1.69 10.56
N ARG A 74 3.98 2.34 10.21
CA ARG A 74 4.66 3.26 11.10
C ARG A 74 4.04 4.62 11.10
N ASP A 75 4.12 5.31 9.97
CA ASP A 75 3.66 6.68 9.83
C ASP A 75 4.38 7.37 8.69
N GLU A 76 5.69 7.23 8.62
CA GLU A 76 6.49 7.98 7.65
C GLU A 76 6.90 6.95 6.61
N CYS A 77 6.52 5.68 6.83
CA CYS A 77 6.81 4.61 5.93
C CYS A 77 5.54 4.31 5.15
N GLN A 78 4.41 4.99 5.45
CA GLN A 78 3.16 4.75 4.78
C GLN A 78 3.34 5.13 3.30
N CYS A 79 3.89 6.30 3.01
CA CYS A 79 4.04 6.77 1.66
C CYS A 79 5.14 6.00 1.02
N GLU A 80 6.34 6.01 1.61
CA GLU A 80 7.47 5.23 1.09
C GLU A 80 7.07 3.79 0.75
N ALA A 81 6.05 3.26 1.46
CA ALA A 81 5.49 1.97 1.15
C ALA A 81 4.71 1.98 -0.16
N ILE A 82 3.79 2.91 -0.35
CA ILE A 82 3.07 3.08 -1.60
C ILE A 82 4.04 3.28 -2.74
N LYS A 83 5.05 4.12 -2.60
CA LYS A 83 6.05 4.30 -3.65
C LYS A 83 6.93 3.08 -3.80
N TYR A 84 6.75 2.10 -2.93
CA TYR A 84 7.46 0.83 -2.93
C TYR A 84 6.54 -0.30 -3.46
N ILE A 85 5.39 0.06 -3.99
CA ILE A 85 4.46 -0.93 -4.48
C ILE A 85 3.60 -0.32 -5.54
N ALA A 86 2.87 0.75 -5.26
CA ALA A 86 2.07 1.48 -6.21
C ALA A 86 2.94 1.96 -7.33
N GLU A 87 3.98 2.73 -7.07
CA GLU A 87 4.86 3.21 -8.10
C GLU A 87 5.75 2.10 -8.60
N ASP A 88 6.21 1.22 -7.72
CA ASP A 88 7.07 0.11 -8.08
C ASP A 88 6.36 -0.71 -9.12
N GLN A 89 5.18 -1.24 -8.87
CA GLN A 89 4.45 -2.02 -9.81
C GLN A 89 4.20 -1.17 -11.01
N ILE A 90 3.99 0.14 -10.92
CA ILE A 90 3.77 1.02 -12.05
C ILE A 90 5.00 1.00 -12.97
N GLN A 91 6.18 1.08 -12.39
CA GLN A 91 7.40 1.07 -13.16
C GLN A 91 7.75 -0.37 -13.54
N GLN A 92 7.39 -1.38 -12.77
CA GLN A 92 7.71 -2.75 -12.99
C GLN A 92 6.76 -3.29 -14.04
N GLY A 93 5.47 -3.22 -13.76
CA GLY A 93 4.41 -3.63 -14.65
C GLY A 93 4.41 -2.84 -15.92
N GLN A 94 3.44 -3.08 -16.80
CA GLN A 94 3.30 -2.36 -18.04
C GLN A 94 2.50 -1.10 -17.82
N LEU A 95 2.71 -0.36 -16.75
CA LEU A 95 1.99 0.86 -16.47
C LEU A 95 2.74 2.05 -17.06
N HIS A 96 3.52 1.80 -18.12
CA HIS A 96 4.30 2.82 -18.77
C HIS A 96 3.50 3.41 -19.92
N GLY A 97 3.85 4.61 -20.34
CA GLY A 97 3.16 5.29 -21.43
C GLY A 97 2.06 6.18 -20.90
N GLU A 98 0.95 5.56 -20.48
CA GLU A 98 -0.19 6.31 -19.95
C GLU A 98 -1.16 5.37 -19.24
N GLU A 99 -0.62 4.31 -18.66
CA GLU A 99 -1.42 3.27 -18.01
C GLU A 99 -1.20 3.38 -16.50
N SER A 100 -0.33 4.29 -16.08
CA SER A 100 -0.04 4.52 -14.67
C SER A 100 -1.28 5.05 -13.96
N GLU A 101 -2.10 5.82 -14.70
CA GLU A 101 -3.32 6.38 -14.13
C GLU A 101 -4.32 5.27 -13.84
N ARG A 102 -4.22 4.14 -14.56
CA ARG A 102 -5.07 3.00 -14.34
C ARG A 102 -4.70 2.31 -13.03
N VAL A 103 -3.47 2.46 -12.58
CA VAL A 103 -3.06 1.89 -11.32
C VAL A 103 -3.46 2.80 -10.18
N ALA A 104 -3.47 4.10 -10.40
CA ALA A 104 -3.88 5.06 -9.39
C ALA A 104 -5.34 4.86 -9.05
N GLN A 105 -6.17 4.54 -10.05
CA GLN A 105 -7.58 4.31 -9.83
C GLN A 105 -7.75 3.02 -9.06
N ARG A 106 -6.92 2.00 -9.31
CA ARG A 106 -7.03 0.71 -8.67
C ARG A 106 -6.62 0.87 -7.23
N ALA A 107 -5.37 1.23 -7.00
CA ALA A 107 -4.84 1.36 -5.65
C ALA A 107 -5.66 2.37 -4.91
N GLY A 108 -5.95 3.52 -5.53
CA GLY A 108 -6.79 4.56 -4.99
C GLY A 108 -8.02 4.00 -4.31
N GLU A 109 -8.61 2.96 -4.88
CA GLU A 109 -9.76 2.28 -4.32
C GLU A 109 -9.50 1.87 -2.88
N ILE A 110 -8.47 1.08 -2.65
CA ILE A 110 -8.13 0.57 -1.34
C ILE A 110 -7.56 1.72 -0.54
N VAL A 111 -6.94 2.68 -1.20
CA VAL A 111 -6.39 3.86 -0.59
C VAL A 111 -7.49 4.58 0.15
N SER A 112 -8.52 5.01 -0.56
CA SER A 112 -9.66 5.68 0.03
C SER A 112 -10.28 4.85 1.14
N SER A 113 -10.19 3.52 1.02
CA SER A 113 -10.72 2.61 2.01
C SER A 113 -9.89 2.69 3.27
N CYS A 114 -8.66 2.20 3.23
CA CYS A 114 -7.74 2.24 4.34
C CYS A 114 -6.34 2.09 3.81
N GLY A 115 -5.96 2.86 2.80
CA GLY A 115 -4.65 2.80 2.19
C GLY A 115 -4.20 4.19 1.81
N VAL A 116 -4.73 5.22 2.49
CA VAL A 116 -4.38 6.61 2.26
C VAL A 116 -2.99 6.92 2.77
N ARG A 117 -2.04 7.14 1.88
CA ARG A 117 -0.64 7.33 2.27
C ARG A 117 0.04 8.24 1.28
N CYS A 118 0.32 7.71 0.09
CA CYS A 118 0.93 8.44 -1.01
C CYS A 118 0.02 8.41 -2.22
N MET A 119 -1.10 7.68 -2.09
CA MET A 119 -2.06 7.56 -3.17
C MET A 119 -3.22 8.53 -2.98
N ARG A 120 -3.06 9.47 -2.05
CA ARG A 120 -4.06 10.48 -1.78
C ARG A 120 -3.42 11.68 -1.12
N GLN A 121 -2.54 11.43 -0.18
CA GLN A 121 -1.86 12.49 0.54
C GLN A 121 -0.34 12.28 0.51
N THR A 122 0.33 12.82 1.52
CA THR A 122 1.77 12.68 1.65
C THR A 122 2.16 12.47 3.09
N ARG A 123 3.47 12.47 3.38
CA ARG A 123 3.98 12.28 4.73
C ARG A 123 3.12 12.99 5.75
N THR A 124 2.89 12.35 6.86
CA THR A 124 2.01 12.87 7.89
C THR A 124 2.73 12.83 9.22
N ASN A 125 3.50 11.78 9.45
CA ASN A 125 4.22 11.54 10.70
C ASN A 125 5.27 10.50 10.51
N ALA A 1 36.96 24.35 -5.39
CA ALA A 1 36.83 25.70 -4.82
C ALA A 1 35.74 25.70 -3.79
N GLU A 2 34.48 25.48 -4.20
CA GLU A 2 33.35 25.46 -3.29
C GLU A 2 32.16 24.77 -3.92
N PHE A 3 32.19 23.44 -3.96
CA PHE A 3 31.14 22.67 -4.61
C PHE A 3 31.31 21.18 -4.31
N MET A 4 30.74 20.71 -3.20
CA MET A 4 30.83 19.32 -2.83
C MET A 4 29.77 18.50 -3.57
N GLU A 5 30.04 18.19 -4.83
CA GLU A 5 29.13 17.37 -5.61
C GLU A 5 29.55 15.91 -5.55
N SER A 6 28.76 15.04 -6.19
CA SER A 6 28.99 13.61 -6.23
C SER A 6 27.82 12.91 -6.88
N LYS A 7 27.99 11.63 -7.21
CA LYS A 7 26.96 10.80 -7.81
C LYS A 7 27.01 9.38 -7.26
N GLY A 8 27.07 9.27 -5.94
CA GLY A 8 27.14 7.98 -5.28
C GLY A 8 26.98 8.13 -3.78
N GLU A 9 25.84 8.68 -3.37
CA GLU A 9 25.55 8.83 -1.95
C GLU A 9 25.40 7.48 -1.29
N ARG A 10 25.57 7.43 0.05
CA ARG A 10 25.43 6.21 0.83
C ARG A 10 24.19 5.41 0.39
N GLU A 11 24.21 4.13 0.68
CA GLU A 11 23.09 3.29 0.32
C GLU A 11 22.00 3.37 1.38
N GLY A 12 20.87 3.99 1.05
CA GLY A 12 19.77 4.15 1.97
C GLY A 12 18.97 5.38 1.64
N SER A 13 18.31 5.37 0.47
CA SER A 13 17.51 6.51 0.02
C SER A 13 16.40 6.81 1.02
N SER A 14 15.49 5.85 1.23
CA SER A 14 14.43 5.97 2.21
C SER A 14 14.96 6.04 3.62
N SER A 15 14.09 5.73 4.60
CA SER A 15 14.50 5.66 5.99
C SER A 15 15.66 4.69 6.19
N GLN A 16 16.07 4.49 7.44
CA GLN A 16 17.18 3.60 7.76
C GLN A 16 17.13 2.32 6.95
N GLN A 17 15.98 1.62 7.02
CA GLN A 17 15.75 0.41 6.26
C GLN A 17 14.27 0.06 6.27
N CYS A 18 13.42 1.09 6.19
CA CYS A 18 11.99 0.88 6.17
C CYS A 18 11.66 0.16 4.91
N ARG A 19 12.17 0.59 3.74
CA ARG A 19 11.92 -0.06 2.45
C ARG A 19 11.87 -1.56 2.57
N GLN A 20 12.67 -2.16 3.46
CA GLN A 20 12.62 -3.55 3.77
C GLN A 20 11.37 -3.95 4.53
N GLU A 21 11.25 -3.60 5.80
CA GLU A 21 10.09 -3.93 6.63
C GLU A 21 8.79 -3.40 6.02
N VAL A 22 8.91 -2.43 5.12
CA VAL A 22 7.83 -1.82 4.40
C VAL A 22 7.27 -2.80 3.41
N GLN A 23 8.12 -3.51 2.66
CA GLN A 23 7.66 -4.52 1.72
C GLN A 23 7.26 -5.83 2.39
N ARG A 24 6.72 -5.73 3.61
CA ARG A 24 6.34 -6.88 4.40
C ARG A 24 5.01 -6.63 5.06
N LYS A 25 4.91 -5.49 5.75
CA LYS A 25 3.74 -5.14 6.53
C LYS A 25 3.05 -3.93 5.94
N ASP A 26 3.74 -2.77 5.99
CA ASP A 26 3.30 -1.51 5.41
C ASP A 26 2.76 -1.77 4.03
N LEU A 27 1.82 -0.95 3.55
CA LEU A 27 1.14 -1.09 2.25
C LEU A 27 1.71 -2.25 1.47
N SER A 28 1.21 -3.46 1.74
CA SER A 28 1.78 -4.72 1.20
C SER A 28 0.63 -5.64 0.82
N SER A 29 -0.47 -5.03 0.38
CA SER A 29 -1.65 -5.78 0.04
C SER A 29 -2.66 -4.88 -0.59
N CYS A 30 -2.73 -3.62 -0.18
CA CYS A 30 -3.66 -2.65 -0.77
C CYS A 30 -3.49 -2.62 -2.28
N GLU A 31 -2.27 -2.43 -2.74
CA GLU A 31 -2.00 -2.46 -4.16
C GLU A 31 -2.08 -3.88 -4.71
N ARG A 32 -1.73 -4.87 -3.89
CA ARG A 32 -1.83 -6.26 -4.30
C ARG A 32 -3.27 -6.67 -4.60
N TYR A 33 -4.23 -6.15 -3.85
CA TYR A 33 -5.64 -6.40 -3.99
C TYR A 33 -6.09 -6.11 -5.40
N LEU A 34 -5.63 -4.96 -5.94
CA LEU A 34 -5.94 -4.60 -7.31
C LEU A 34 -5.14 -5.44 -8.30
N ARG A 35 -3.96 -5.93 -7.87
CA ARG A 35 -3.11 -6.78 -8.67
C ARG A 35 -3.78 -8.14 -8.88
N GLN A 36 -4.39 -8.67 -7.83
CA GLN A 36 -5.06 -9.94 -7.86
C GLN A 36 -6.45 -9.78 -8.47
N SER A 37 -7.28 -10.81 -8.32
CA SER A 37 -8.65 -10.79 -8.78
C SER A 37 -9.47 -11.87 -8.07
N SER A 38 -9.17 -12.11 -6.79
CA SER A 38 -9.90 -13.10 -6.01
C SER A 38 -9.98 -12.71 -4.55
N SER A 39 -10.48 -13.60 -3.71
CA SER A 39 -10.54 -13.39 -2.27
C SER A 39 -9.23 -13.75 -1.59
N ARG A 40 -9.23 -13.72 -0.25
CA ARG A 40 -8.07 -14.09 0.54
C ARG A 40 -8.08 -15.59 0.76
N ARG A 41 -7.14 -16.29 0.12
CA ARG A 41 -6.98 -17.72 0.29
C ARG A 41 -6.78 -18.10 1.75
N SER A 42 -6.68 -19.40 2.04
CA SER A 42 -6.46 -19.88 3.39
C SER A 42 -4.98 -19.74 3.78
N THR A 43 -4.44 -18.53 3.72
CA THR A 43 -3.03 -18.25 3.96
C THR A 43 -2.85 -17.88 5.42
N GLY A 44 -2.41 -18.82 6.24
CA GLY A 44 -2.24 -18.60 7.67
C GLY A 44 -3.49 -19.00 8.43
N GLU A 45 -3.34 -19.98 9.32
CA GLU A 45 -4.44 -20.43 10.17
C GLU A 45 -4.84 -19.36 11.18
N GLU A 46 -3.89 -18.47 11.52
CA GLU A 46 -4.12 -17.40 12.46
C GLU A 46 -4.04 -16.05 11.75
N VAL A 47 -4.94 -15.84 10.79
CA VAL A 47 -4.99 -14.58 10.05
C VAL A 47 -5.88 -13.56 10.77
N LEU A 48 -6.08 -13.75 12.07
CA LEU A 48 -6.93 -12.90 12.88
C LEU A 48 -6.10 -12.28 14.00
N ARG A 49 -4.97 -11.66 13.63
CA ARG A 49 -4.11 -11.00 14.61
C ARG A 49 -4.57 -9.58 14.91
N MET A 50 -5.88 -9.34 14.79
CA MET A 50 -6.44 -8.02 14.99
C MET A 50 -7.57 -8.07 16.02
N PRO A 51 -7.91 -6.89 16.56
CA PRO A 51 -9.02 -6.78 17.49
C PRO A 51 -10.36 -6.91 16.79
N GLY A 52 -10.38 -6.91 15.43
CA GLY A 52 -11.57 -7.06 14.61
C GLY A 52 -12.66 -6.11 15.05
N ASP A 53 -12.61 -4.88 14.56
CA ASP A 53 -13.58 -3.84 14.90
C ASP A 53 -13.19 -2.54 14.22
N GLU A 54 -11.88 -2.20 14.27
CA GLU A 54 -11.35 -0.97 13.68
C GLU A 54 -10.61 -1.29 12.39
N ASN A 55 -11.35 -1.78 11.40
CA ASN A 55 -10.79 -2.14 10.12
C ASN A 55 -11.87 -2.49 9.12
N GLN A 56 -12.91 -1.68 9.04
CA GLN A 56 -14.05 -1.94 8.16
C GLN A 56 -14.01 -0.99 6.97
N GLN A 57 -15.03 -1.08 6.13
CA GLN A 57 -15.17 -0.19 5.00
C GLN A 57 -16.62 -0.12 4.56
N GLN A 58 -17.11 -1.21 3.97
CA GLN A 58 -18.47 -1.32 3.46
C GLN A 58 -18.71 -2.70 2.88
N GLU A 59 -18.17 -2.95 1.68
CA GLU A 59 -18.36 -4.19 0.97
C GLU A 59 -17.05 -4.65 0.38
N SER A 60 -16.18 -5.20 1.23
CA SER A 60 -14.90 -5.70 0.79
C SER A 60 -14.18 -6.35 1.96
N GLN A 61 -14.30 -7.67 2.05
CA GLN A 61 -13.63 -8.41 3.13
C GLN A 61 -12.13 -8.40 2.91
N GLN A 62 -11.68 -8.31 1.66
CA GLN A 62 -10.28 -8.32 1.35
C GLN A 62 -9.64 -6.99 1.68
N LEU A 63 -10.31 -5.86 1.40
CA LEU A 63 -9.81 -4.55 1.80
C LEU A 63 -9.39 -4.51 3.25
N GLN A 64 -10.02 -5.34 4.09
CA GLN A 64 -9.60 -5.52 5.46
C GLN A 64 -8.13 -5.81 5.56
N GLN A 65 -7.59 -6.73 4.74
CA GLN A 65 -6.18 -7.02 4.70
C GLN A 65 -5.38 -5.76 4.48
N CYS A 66 -5.80 -4.82 3.64
CA CYS A 66 -5.13 -3.55 3.48
C CYS A 66 -5.23 -2.75 4.76
N CYS A 67 -6.40 -2.55 5.35
CA CYS A 67 -6.51 -1.84 6.62
C CYS A 67 -5.66 -2.49 7.70
N ASN A 68 -5.61 -3.83 7.73
CA ASN A 68 -4.81 -4.60 8.65
C ASN A 68 -3.34 -4.52 8.28
N GLN A 69 -3.04 -4.34 6.99
CA GLN A 69 -1.70 -4.26 6.47
C GLN A 69 -1.12 -2.89 6.78
N VAL A 70 -1.91 -1.84 6.57
CA VAL A 70 -1.53 -0.49 6.83
C VAL A 70 -1.43 -0.27 8.33
N LYS A 71 -2.09 -1.12 9.12
CA LYS A 71 -1.96 -1.09 10.56
C LYS A 71 -0.63 -1.66 11.01
N GLN A 72 0.07 -2.36 10.12
CA GLN A 72 1.38 -2.88 10.38
C GLN A 72 2.47 -1.94 9.86
N VAL A 73 2.09 -0.74 9.42
CA VAL A 73 3.05 0.24 8.98
C VAL A 73 3.94 0.73 10.11
N ARG A 74 4.88 1.63 9.79
CA ARG A 74 5.72 2.27 10.78
C ARG A 74 5.03 3.44 11.42
N ASP A 75 4.89 4.53 10.67
CA ASP A 75 4.28 5.78 11.11
C ASP A 75 4.51 6.89 10.09
N GLU A 76 5.67 6.85 9.44
CA GLU A 76 6.06 7.81 8.42
C GLU A 76 6.43 7.12 7.12
N CYS A 77 6.45 5.79 7.13
CA CYS A 77 6.68 5.00 5.96
C CYS A 77 5.35 4.70 5.30
N GLN A 78 4.24 5.31 5.71
CA GLN A 78 2.94 5.08 5.09
C GLN A 78 2.97 5.53 3.65
N CYS A 79 3.28 6.80 3.41
CA CYS A 79 3.30 7.31 2.06
C CYS A 79 4.48 6.78 1.30
N GLU A 80 5.66 6.89 1.91
CA GLU A 80 6.90 6.37 1.32
C GLU A 80 6.76 4.90 0.97
N ALA A 81 5.79 4.21 1.57
CA ALA A 81 5.44 2.86 1.23
C ALA A 81 4.63 2.80 -0.04
N ILE A 82 3.57 3.61 -0.18
CA ILE A 82 2.80 3.72 -1.40
C ILE A 82 3.69 4.03 -2.61
N LYS A 83 4.58 5.00 -2.49
CA LYS A 83 5.50 5.29 -3.59
C LYS A 83 6.53 4.18 -3.80
N TYR A 84 6.55 3.20 -2.90
CA TYR A 84 7.39 2.01 -2.91
C TYR A 84 6.60 0.73 -3.19
N ILE A 85 5.40 0.87 -3.74
CA ILE A 85 4.55 -0.26 -4.04
C ILE A 85 3.62 0.08 -5.16
N ALA A 86 2.98 1.25 -5.12
CA ALA A 86 2.11 1.76 -6.15
C ALA A 86 2.88 1.93 -7.44
N GLU A 87 3.85 2.85 -7.44
CA GLU A 87 4.66 3.07 -8.62
C GLU A 87 5.66 1.94 -8.84
N ASP A 88 6.12 1.34 -7.74
CA ASP A 88 7.05 0.22 -7.82
C ASP A 88 6.42 -0.89 -8.64
N GLN A 89 5.12 -1.15 -8.42
CA GLN A 89 4.43 -2.16 -9.15
C GLN A 89 4.15 -1.68 -10.56
N ILE A 90 4.09 -0.38 -10.82
CA ILE A 90 3.84 0.19 -12.12
C ILE A 90 5.02 -0.11 -13.04
N GLN A 91 6.23 0.08 -12.51
CA GLN A 91 7.42 -0.21 -13.27
C GLN A 91 7.66 -1.72 -13.33
N GLN A 92 7.35 -2.45 -12.26
CA GLN A 92 7.55 -3.89 -12.27
C GLN A 92 6.49 -4.61 -13.10
N GLY A 93 5.23 -4.37 -12.77
CA GLY A 93 4.09 -4.88 -13.47
C GLY A 93 4.04 -4.40 -14.93
N GLN A 94 3.02 -4.85 -15.65
CA GLN A 94 2.83 -4.46 -17.04
C GLN A 94 2.11 -3.13 -17.14
N LEU A 95 2.40 -2.19 -16.25
CA LEU A 95 1.76 -0.88 -16.26
C LEU A 95 2.59 0.08 -17.10
N HIS A 96 3.54 -0.45 -17.89
CA HIS A 96 4.36 0.31 -18.79
C HIS A 96 3.54 0.81 -20.00
N GLY A 97 4.17 1.57 -20.87
CA GLY A 97 3.50 2.12 -22.04
C GLY A 97 2.74 3.37 -21.68
N GLU A 98 1.56 3.20 -21.09
CA GLU A 98 0.70 4.32 -20.68
C GLU A 98 -0.43 3.83 -19.77
N GLU A 99 -0.16 2.80 -18.99
CA GLU A 99 -1.15 2.18 -18.12
C GLU A 99 -0.66 2.26 -16.69
N SER A 100 0.13 3.29 -16.38
CA SER A 100 0.64 3.51 -15.03
C SER A 100 -0.34 4.34 -14.24
N GLU A 101 -0.85 5.42 -14.83
CA GLU A 101 -1.81 6.28 -14.14
C GLU A 101 -3.11 5.53 -13.91
N ARG A 102 -3.41 4.56 -14.79
CA ARG A 102 -4.61 3.75 -14.60
C ARG A 102 -4.42 2.90 -13.36
N VAL A 103 -3.21 2.55 -12.95
CA VAL A 103 -3.00 1.72 -11.78
C VAL A 103 -3.10 2.56 -10.52
N ALA A 104 -2.89 3.87 -10.66
CA ALA A 104 -3.01 4.77 -9.54
C ALA A 104 -4.47 4.88 -9.11
N GLN A 105 -5.40 4.79 -10.06
CA GLN A 105 -6.82 4.82 -9.74
C GLN A 105 -7.25 3.55 -9.02
N ARG A 106 -6.52 2.45 -9.23
CA ARG A 106 -6.82 1.16 -8.65
C ARG A 106 -6.42 1.17 -7.20
N ALA A 107 -5.14 1.40 -6.92
CA ALA A 107 -4.69 1.44 -5.54
C ALA A 107 -5.45 2.48 -4.75
N GLY A 108 -5.76 3.62 -5.39
CA GLY A 108 -6.55 4.69 -4.83
C GLY A 108 -7.86 4.19 -4.21
N GLU A 109 -8.42 3.13 -4.78
CA GLU A 109 -9.61 2.49 -4.26
C GLU A 109 -9.41 2.04 -2.82
N ILE A 110 -8.39 1.21 -2.61
CA ILE A 110 -8.08 0.66 -1.30
C ILE A 110 -7.49 1.74 -0.44
N VAL A 111 -6.87 2.72 -1.07
CA VAL A 111 -6.33 3.86 -0.39
C VAL A 111 -7.44 4.56 0.34
N SER A 112 -8.42 5.10 -0.36
CA SER A 112 -9.53 5.78 0.29
C SER A 112 -10.23 4.87 1.30
N SER A 113 -10.22 3.56 1.05
CA SER A 113 -10.80 2.59 1.93
C SER A 113 -10.09 2.55 3.27
N CYS A 114 -8.83 2.12 3.26
CA CYS A 114 -8.00 2.04 4.44
C CYS A 114 -6.51 2.05 4.08
N GLY A 115 -6.14 2.90 3.14
CA GLY A 115 -4.80 3.01 2.61
C GLY A 115 -4.52 4.43 2.22
N VAL A 116 -5.08 5.43 2.92
CA VAL A 116 -4.90 6.84 2.64
C VAL A 116 -3.50 7.27 3.08
N ARG A 117 -2.49 6.81 2.35
CA ARG A 117 -1.12 7.02 2.77
C ARG A 117 -0.56 8.18 2.01
N CYS A 118 -0.32 8.00 0.72
CA CYS A 118 0.13 9.03 -0.20
C CYS A 118 -0.80 9.11 -1.39
N MET A 119 -1.83 8.25 -1.43
CA MET A 119 -2.81 8.23 -2.50
C MET A 119 -4.06 9.01 -2.15
N ARG A 120 -4.02 9.70 -1.01
CA ARG A 120 -5.11 10.52 -0.55
C ARG A 120 -4.59 11.56 0.44
N GLN A 121 -3.76 11.14 1.37
CA GLN A 121 -3.25 12.01 2.41
C GLN A 121 -1.76 11.81 2.54
N THR A 122 -1.24 11.95 3.75
CA THR A 122 0.18 11.84 4.03
C THR A 122 0.37 11.18 5.37
N ARG A 123 1.50 11.40 6.04
CA ARG A 123 1.80 10.87 7.37
C ARG A 123 0.60 10.93 8.29
N THR A 124 0.53 9.98 9.21
CA THR A 124 -0.64 9.84 10.08
C THR A 124 -0.21 9.32 11.42
N ASN A 125 0.68 8.31 11.43
CA ASN A 125 1.12 7.64 12.64
C ASN A 125 -0.07 6.96 13.37
N ALA A 1 6.21 7.19 15.93
CA ALA A 1 6.60 8.22 16.87
C ALA A 1 6.77 9.52 16.12
N GLU A 2 7.97 9.83 15.66
CA GLU A 2 8.24 11.04 14.90
C GLU A 2 9.60 10.92 14.21
N PHE A 3 9.68 11.43 12.98
CA PHE A 3 10.89 11.35 12.18
C PHE A 3 10.78 12.32 10.99
N MET A 4 11.50 13.42 11.05
CA MET A 4 11.51 14.40 9.97
C MET A 4 12.64 14.10 8.99
N GLU A 5 12.31 13.45 7.88
CA GLU A 5 13.28 13.15 6.83
C GLU A 5 12.59 13.15 5.48
N SER A 6 13.39 13.04 4.42
CA SER A 6 12.91 13.03 3.04
C SER A 6 14.10 13.03 2.09
N LYS A 7 13.91 12.47 0.89
CA LYS A 7 14.91 12.49 -0.16
C LYS A 7 14.28 12.03 -1.46
N GLY A 8 14.69 12.64 -2.56
CA GLY A 8 14.16 12.31 -3.88
C GLY A 8 14.90 13.08 -4.96
N GLU A 9 16.21 12.83 -5.06
CA GLU A 9 17.05 13.47 -6.07
C GLU A 9 18.36 12.73 -6.26
N ARG A 10 19.23 12.78 -5.24
CA ARG A 10 20.50 12.07 -5.24
C ARG A 10 20.28 10.58 -5.05
N GLU A 11 21.36 9.81 -5.19
CA GLU A 11 21.35 8.37 -5.00
C GLU A 11 20.77 8.01 -3.62
N GLY A 12 19.51 7.61 -3.60
CA GLY A 12 18.78 7.30 -2.41
C GLY A 12 17.91 6.09 -2.66
N SER A 13 16.77 6.04 -1.96
CA SER A 13 15.81 4.95 -2.12
C SER A 13 14.63 5.19 -1.20
N SER A 14 14.90 5.38 0.09
CA SER A 14 13.85 5.62 1.08
C SER A 14 14.49 6.14 2.37
N SER A 15 13.90 5.79 3.52
CA SER A 15 14.38 6.10 4.86
C SER A 15 15.74 5.47 5.15
N GLN A 16 16.04 5.23 6.41
CA GLN A 16 17.29 4.56 6.75
C GLN A 16 17.25 3.08 6.41
N GLN A 17 16.09 2.43 6.57
CA GLN A 17 15.88 1.01 6.33
C GLN A 17 14.43 0.67 6.59
N CYS A 18 13.52 1.58 6.22
CA CYS A 18 12.12 1.33 6.41
C CYS A 18 11.67 0.49 5.25
N ARG A 19 11.92 0.87 3.98
CA ARG A 19 11.60 0.07 2.77
C ARG A 19 11.50 -1.43 2.99
N GLN A 20 12.55 -2.07 3.49
CA GLN A 20 12.51 -3.46 3.92
C GLN A 20 11.37 -3.79 4.88
N GLU A 21 11.29 -3.16 6.04
CA GLU A 21 10.17 -3.30 6.97
C GLU A 21 8.87 -2.80 6.36
N VAL A 22 8.94 -1.90 5.38
CA VAL A 22 7.82 -1.25 4.77
C VAL A 22 7.17 -2.29 3.91
N GLN A 23 7.90 -2.85 2.93
CA GLN A 23 7.41 -3.76 1.89
C GLN A 23 7.11 -5.14 2.48
N ARG A 24 6.39 -5.17 3.60
CA ARG A 24 6.07 -6.34 4.37
C ARG A 24 4.76 -6.14 5.09
N LYS A 25 4.65 -5.04 5.82
CA LYS A 25 3.45 -4.69 6.57
C LYS A 25 2.77 -3.47 6.03
N ASP A 26 3.53 -2.52 5.49
CA ASP A 26 3.00 -1.37 4.78
C ASP A 26 1.97 -1.68 3.71
N LEU A 27 1.71 -0.73 2.84
CA LEU A 27 0.88 -0.99 1.67
C LEU A 27 1.46 -2.07 0.78
N SER A 28 1.26 -3.33 1.14
CA SER A 28 1.82 -4.51 0.49
C SER A 28 0.69 -5.47 0.20
N SER A 29 -0.46 -4.89 -0.17
CA SER A 29 -1.64 -5.65 -0.47
C SER A 29 -2.71 -4.76 -1.04
N CYS A 30 -2.79 -3.50 -0.62
CA CYS A 30 -3.78 -2.56 -1.12
C CYS A 30 -3.72 -2.48 -2.63
N GLU A 31 -2.54 -2.17 -3.16
CA GLU A 31 -2.38 -2.16 -4.60
C GLU A 31 -2.36 -3.59 -5.14
N ARG A 32 -1.81 -4.54 -4.37
CA ARG A 32 -1.85 -5.92 -4.82
C ARG A 32 -3.26 -6.43 -5.04
N TYR A 33 -4.25 -5.93 -4.32
CA TYR A 33 -5.66 -6.31 -4.39
C TYR A 33 -6.19 -6.06 -5.79
N LEU A 34 -6.05 -4.83 -6.25
CA LEU A 34 -6.46 -4.47 -7.61
C LEU A 34 -5.47 -5.02 -8.65
N ARG A 35 -4.27 -5.44 -8.21
CA ARG A 35 -3.28 -6.05 -9.09
C ARG A 35 -3.58 -7.53 -9.32
N GLN A 36 -4.15 -8.18 -8.31
CA GLN A 36 -4.50 -9.59 -8.33
C GLN A 36 -5.83 -9.77 -9.05
N SER A 37 -6.42 -10.95 -8.86
CA SER A 37 -7.73 -11.24 -9.42
C SER A 37 -8.51 -12.18 -8.50
N SER A 38 -7.83 -13.19 -7.97
CA SER A 38 -8.45 -14.17 -7.07
C SER A 38 -7.45 -14.59 -6.01
N SER A 39 -7.75 -14.29 -4.75
CA SER A 39 -6.90 -14.66 -3.63
C SER A 39 -7.75 -14.84 -2.39
N ARG A 40 -7.60 -16.00 -1.74
CA ARG A 40 -8.32 -16.32 -0.51
C ARG A 40 -7.73 -17.56 0.12
N ARG A 41 -6.45 -17.51 0.50
CA ARG A 41 -5.78 -18.64 1.13
C ARG A 41 -6.67 -19.32 2.18
N SER A 42 -6.60 -20.65 2.24
CA SER A 42 -7.42 -21.39 3.18
C SER A 42 -6.69 -21.49 4.52
N THR A 43 -7.06 -20.63 5.46
CA THR A 43 -6.39 -20.63 6.75
C THR A 43 -7.43 -20.42 7.85
N GLY A 44 -7.30 -21.17 8.94
CA GLY A 44 -8.19 -21.03 10.09
C GLY A 44 -7.95 -19.75 10.89
N GLU A 45 -6.97 -18.95 10.47
CA GLU A 45 -6.60 -17.68 11.09
C GLU A 45 -6.11 -16.71 10.01
N GLU A 46 -7.00 -16.33 9.10
CA GLU A 46 -6.66 -15.36 8.08
C GLU A 46 -7.14 -13.97 8.49
N VAL A 47 -7.35 -13.12 7.48
CA VAL A 47 -7.91 -11.80 7.67
C VAL A 47 -9.45 -11.82 7.69
N LEU A 48 -10.05 -12.96 8.00
CA LEU A 48 -11.50 -13.12 8.10
C LEU A 48 -11.96 -12.84 9.53
N ARG A 49 -11.48 -11.76 10.13
CA ARG A 49 -11.86 -11.36 11.48
C ARG A 49 -12.25 -9.90 11.52
N MET A 50 -12.76 -9.45 12.65
CA MET A 50 -13.12 -8.05 12.84
C MET A 50 -13.34 -7.80 14.34
N PRO A 51 -12.25 -7.65 15.11
CA PRO A 51 -12.37 -7.33 16.52
C PRO A 51 -12.81 -5.89 16.76
N GLY A 52 -12.69 -5.03 15.75
CA GLY A 52 -13.07 -3.62 15.84
C GLY A 52 -12.07 -2.77 15.11
N ASP A 53 -12.42 -2.33 13.92
CA ASP A 53 -11.57 -1.49 13.08
C ASP A 53 -12.25 -1.35 11.75
N GLU A 54 -12.69 -0.14 11.38
CA GLU A 54 -13.32 0.17 10.10
C GLU A 54 -12.64 -0.54 8.94
N ASN A 55 -13.18 -1.70 8.57
CA ASN A 55 -12.62 -2.55 7.55
C ASN A 55 -13.63 -2.64 6.40
N GLN A 56 -13.39 -3.59 5.50
CA GLN A 56 -14.33 -3.91 4.46
C GLN A 56 -15.81 -3.87 4.91
N GLN A 57 -16.69 -3.59 3.96
CA GLN A 57 -18.10 -3.52 4.29
C GLN A 57 -18.77 -4.87 4.07
N GLN A 58 -18.30 -5.62 3.07
CA GLN A 58 -18.82 -6.94 2.73
C GLN A 58 -17.87 -7.67 1.79
N GLU A 59 -17.94 -7.42 0.49
CA GLU A 59 -17.14 -8.10 -0.51
C GLU A 59 -15.83 -7.37 -0.73
N SER A 60 -14.84 -7.71 0.10
CA SER A 60 -13.54 -7.03 0.12
C SER A 60 -12.65 -7.50 1.27
N GLN A 61 -12.46 -8.82 1.40
CA GLN A 61 -11.66 -9.36 2.51
C GLN A 61 -10.21 -8.87 2.45
N GLN A 62 -9.75 -8.59 1.24
CA GLN A 62 -8.40 -8.12 1.03
C GLN A 62 -8.24 -6.67 1.43
N LEU A 63 -9.15 -5.78 1.01
CA LEU A 63 -9.14 -4.38 1.43
C LEU A 63 -8.96 -4.24 2.95
N GLN A 64 -9.54 -5.18 3.70
CA GLN A 64 -9.32 -5.27 5.14
C GLN A 64 -7.88 -5.61 5.48
N GLN A 65 -7.33 -6.66 4.87
CA GLN A 65 -5.94 -7.07 5.07
C GLN A 65 -5.01 -5.92 4.80
N CYS A 66 -5.36 -5.02 3.88
CA CYS A 66 -4.61 -3.81 3.64
C CYS A 66 -4.74 -2.91 4.86
N CYS A 67 -5.93 -2.54 5.32
CA CYS A 67 -6.07 -1.69 6.50
C CYS A 67 -5.27 -2.20 7.69
N ASN A 68 -5.49 -3.46 8.06
CA ASN A 68 -4.71 -4.11 9.11
C ASN A 68 -3.21 -4.10 8.80
N GLN A 69 -2.85 -4.23 7.52
CA GLN A 69 -1.47 -4.14 7.08
C GLN A 69 -0.92 -2.74 7.35
N VAL A 70 -1.64 -1.71 6.96
CA VAL A 70 -1.24 -0.33 7.14
C VAL A 70 -1.27 0.02 8.61
N LYS A 71 -1.98 -0.75 9.43
CA LYS A 71 -1.97 -0.57 10.88
C LYS A 71 -0.72 -1.16 11.51
N GLN A 72 -0.12 -2.16 10.86
CA GLN A 72 1.11 -2.78 11.29
C GLN A 72 2.32 -2.14 10.65
N VAL A 73 2.10 -1.11 9.82
CA VAL A 73 3.15 -0.33 9.19
C VAL A 73 3.94 0.44 10.22
N ARG A 74 5.02 1.09 9.76
CA ARG A 74 5.86 1.94 10.60
C ARG A 74 5.05 3.06 11.15
N ASP A 75 4.92 4.17 10.42
CA ASP A 75 4.22 5.39 10.84
C ASP A 75 4.20 6.39 9.67
N GLU A 76 5.28 7.15 9.52
CA GLU A 76 5.48 8.09 8.42
C GLU A 76 5.86 7.42 7.12
N CYS A 77 6.07 6.11 7.19
CA CYS A 77 6.38 5.34 6.03
C CYS A 77 5.09 4.93 5.39
N GLN A 78 3.91 5.23 5.94
CA GLN A 78 2.64 4.94 5.30
C GLN A 78 2.61 5.53 3.90
N CYS A 79 3.05 6.76 3.72
CA CYS A 79 3.01 7.38 2.41
C CYS A 79 4.00 6.73 1.47
N GLU A 80 5.29 6.85 1.80
CA GLU A 80 6.38 6.24 1.04
C GLU A 80 6.12 4.74 0.82
N ALA A 81 5.29 4.15 1.66
CA ALA A 81 4.88 2.77 1.51
C ALA A 81 4.04 2.56 0.26
N ILE A 82 3.06 3.44 0.06
CA ILE A 82 2.23 3.37 -1.13
C ILE A 82 3.04 3.77 -2.33
N LYS A 83 4.05 4.62 -2.14
CA LYS A 83 4.92 5.06 -3.22
C LYS A 83 5.79 3.92 -3.74
N TYR A 84 5.82 2.80 -3.00
CA TYR A 84 6.53 1.60 -3.35
C TYR A 84 5.60 0.67 -4.11
N ILE A 85 4.51 0.24 -3.46
CA ILE A 85 3.60 -0.73 -4.07
C ILE A 85 3.01 -0.16 -5.33
N ALA A 86 2.49 1.07 -5.27
CA ALA A 86 1.89 1.79 -6.37
C ALA A 86 2.99 2.40 -7.23
N GLU A 87 3.91 1.55 -7.64
CA GLU A 87 5.04 1.91 -8.45
C GLU A 87 5.81 0.67 -8.89
N ASP A 88 6.23 -0.16 -7.95
CA ASP A 88 7.01 -1.35 -8.26
C ASP A 88 6.20 -2.24 -9.15
N GLN A 89 4.94 -2.50 -8.75
CA GLN A 89 4.05 -3.30 -9.56
C GLN A 89 3.83 -2.65 -10.90
N ILE A 90 3.86 -1.32 -11.01
CA ILE A 90 3.68 -0.61 -12.25
C ILE A 90 4.84 -0.91 -13.21
N GLN A 91 6.04 -0.99 -12.67
CA GLN A 91 7.21 -1.31 -13.45
C GLN A 91 7.30 -2.81 -13.71
N GLN A 92 6.89 -3.63 -12.74
CA GLN A 92 6.95 -5.08 -12.82
C GLN A 92 5.83 -5.64 -13.69
N GLY A 93 4.60 -5.35 -13.32
CA GLY A 93 3.41 -5.66 -14.08
C GLY A 93 3.43 -5.03 -15.48
N GLN A 94 2.39 -5.32 -16.25
CA GLN A 94 2.24 -4.78 -17.59
C GLN A 94 1.67 -3.37 -17.55
N LEU A 95 2.09 -2.52 -16.62
CA LEU A 95 1.57 -1.16 -16.52
C LEU A 95 2.47 -0.21 -17.31
N HIS A 96 3.28 -0.77 -18.21
CA HIS A 96 4.14 -0.02 -19.12
C HIS A 96 3.36 0.53 -20.30
N GLY A 97 4.05 1.17 -21.24
CA GLY A 97 3.42 1.78 -22.42
C GLY A 97 2.60 2.99 -22.01
N GLU A 98 1.40 2.77 -21.47
CA GLU A 98 0.51 3.83 -20.99
C GLU A 98 -0.62 3.29 -20.12
N GLU A 99 -0.26 2.74 -18.97
CA GLU A 99 -1.21 2.08 -18.09
C GLU A 99 -0.66 2.04 -16.66
N SER A 100 0.20 3.00 -16.34
CA SER A 100 0.78 3.17 -15.03
C SER A 100 -0.04 4.10 -14.18
N GLU A 101 -0.41 5.25 -14.73
CA GLU A 101 -1.22 6.23 -13.99
C GLU A 101 -2.58 5.62 -13.60
N ARG A 102 -3.05 4.64 -14.37
CA ARG A 102 -4.28 3.93 -14.04
C ARG A 102 -4.13 3.09 -12.79
N VAL A 103 -2.91 2.66 -12.46
CA VAL A 103 -2.59 1.89 -11.27
C VAL A 103 -2.47 2.86 -10.09
N ALA A 104 -2.07 4.10 -10.33
CA ALA A 104 -1.97 5.06 -9.24
C ALA A 104 -3.36 5.37 -8.67
N GLN A 105 -4.32 5.67 -9.56
CA GLN A 105 -5.69 5.94 -9.15
C GLN A 105 -6.38 4.70 -8.63
N ARG A 106 -5.97 3.51 -9.12
CA ARG A 106 -6.55 2.23 -8.73
C ARG A 106 -6.45 2.08 -7.24
N ALA A 107 -5.23 2.23 -6.69
CA ALA A 107 -5.01 2.10 -5.27
C ALA A 107 -5.98 2.98 -4.53
N GLY A 108 -6.33 4.15 -5.09
CA GLY A 108 -7.35 5.09 -4.62
C GLY A 108 -8.54 4.40 -3.96
N GLU A 109 -8.99 3.27 -4.50
CA GLU A 109 -10.00 2.42 -3.88
C GLU A 109 -9.62 2.04 -2.45
N ILE A 110 -8.57 1.25 -2.31
CA ILE A 110 -8.10 0.82 -1.00
C ILE A 110 -7.55 1.97 -0.20
N VAL A 111 -7.10 3.02 -0.89
CA VAL A 111 -6.61 4.23 -0.28
C VAL A 111 -7.71 4.84 0.57
N SER A 112 -8.83 5.21 -0.05
CA SER A 112 -9.94 5.77 0.69
C SER A 112 -10.40 4.83 1.80
N SER A 113 -10.29 3.52 1.58
CA SER A 113 -10.65 2.53 2.59
C SER A 113 -9.72 2.59 3.79
N CYS A 114 -8.45 2.23 3.59
CA CYS A 114 -7.44 2.30 4.64
C CYS A 114 -6.06 2.32 4.01
N GLY A 115 -5.83 3.24 3.09
CA GLY A 115 -4.58 3.38 2.37
C GLY A 115 -4.36 4.83 1.99
N VAL A 116 -5.05 5.77 2.64
CA VAL A 116 -4.94 7.21 2.44
C VAL A 116 -3.63 7.71 3.03
N ARG A 117 -2.54 7.24 2.44
CA ARG A 117 -1.22 7.54 2.94
C ARG A 117 -0.61 8.66 2.15
N CYS A 118 -0.18 8.34 0.94
CA CYS A 118 0.32 9.32 -0.01
C CYS A 118 -0.51 9.32 -1.28
N MET A 119 -1.51 8.44 -1.34
CA MET A 119 -2.42 8.37 -2.48
C MET A 119 -3.57 9.37 -2.37
N ARG A 120 -3.57 10.18 -1.30
CA ARG A 120 -4.56 11.21 -1.05
C ARG A 120 -3.99 12.27 -0.12
N GLN A 121 -4.20 12.07 1.18
CA GLN A 121 -3.85 13.02 2.21
C GLN A 121 -2.69 12.46 2.98
N THR A 122 -1.61 13.19 2.91
CA THR A 122 -0.34 12.86 3.54
C THR A 122 -0.46 13.02 5.04
N ARG A 123 0.13 12.10 5.79
CA ARG A 123 0.09 12.10 7.25
C ARG A 123 0.84 10.90 7.79
N THR A 124 0.98 10.84 9.12
CA THR A 124 1.77 9.83 9.80
C THR A 124 1.14 9.60 11.15
N ASN A 125 0.60 8.41 11.37
CA ASN A 125 0.01 8.06 12.67
C ASN A 125 1.12 7.99 13.72
N ALA A 1 22.37 5.83 -13.31
CA ALA A 1 23.10 5.70 -14.56
C ALA A 1 22.12 5.62 -15.72
N GLU A 2 21.29 4.58 -15.70
CA GLU A 2 20.28 4.40 -16.72
C GLU A 2 18.97 5.10 -16.34
N PHE A 3 18.04 5.16 -17.29
CA PHE A 3 16.75 5.76 -17.07
C PHE A 3 16.03 5.08 -15.91
N MET A 4 15.46 5.88 -15.02
CA MET A 4 14.70 5.34 -13.91
C MET A 4 13.64 6.33 -13.44
N GLU A 5 12.53 5.79 -12.96
CA GLU A 5 11.44 6.63 -12.47
C GLU A 5 11.90 7.40 -11.24
N SER A 6 11.02 8.31 -10.77
CA SER A 6 11.30 9.10 -9.58
C SER A 6 11.77 8.20 -8.43
N LYS A 7 12.15 8.82 -7.32
CA LYS A 7 12.61 8.08 -6.15
C LYS A 7 11.68 6.91 -5.86
N GLY A 8 12.17 5.70 -6.11
CA GLY A 8 11.38 4.49 -5.96
C GLY A 8 12.27 3.27 -6.01
N GLU A 9 13.27 3.25 -5.13
CA GLU A 9 14.18 2.10 -5.06
C GLU A 9 14.89 2.06 -3.71
N ARG A 10 15.30 3.24 -3.21
CA ARG A 10 15.94 3.36 -1.91
C ARG A 10 15.87 4.78 -1.43
N GLU A 11 16.14 5.74 -2.32
CA GLU A 11 16.10 7.14 -1.95
C GLU A 11 14.71 7.54 -1.50
N GLY A 12 14.64 8.48 -0.56
CA GLY A 12 13.38 8.94 -0.02
C GLY A 12 13.37 8.83 1.49
N SER A 13 12.16 8.87 2.06
CA SER A 13 11.99 8.76 3.50
C SER A 13 12.03 7.29 3.94
N SER A 14 13.05 6.57 3.50
CA SER A 14 13.21 5.17 3.85
C SER A 14 14.60 4.71 3.47
N SER A 15 15.40 4.37 4.47
CA SER A 15 16.74 3.88 4.24
C SER A 15 17.20 3.03 5.39
N GLN A 16 16.87 3.43 6.63
CA GLN A 16 17.26 2.73 7.84
C GLN A 16 17.02 1.22 7.66
N GLN A 17 15.79 0.78 7.92
CA GLN A 17 15.42 -0.60 7.76
C GLN A 17 13.92 -0.72 7.57
N CYS A 18 13.28 0.38 7.13
CA CYS A 18 11.86 0.41 6.92
C CYS A 18 11.59 -0.21 5.60
N ARG A 19 12.27 0.12 4.51
CA ARG A 19 12.08 -0.49 3.20
C ARG A 19 11.92 -1.99 3.29
N GLN A 20 12.58 -2.63 4.27
CA GLN A 20 12.41 -4.01 4.54
C GLN A 20 11.09 -4.30 5.21
N GLU A 21 10.84 -3.78 6.40
CA GLU A 21 9.57 -3.95 7.07
C GLU A 21 8.38 -3.44 6.26
N VAL A 22 8.55 -2.44 5.44
CA VAL A 22 7.57 -1.83 4.59
C VAL A 22 7.09 -2.89 3.62
N GLN A 23 8.03 -3.65 3.06
CA GLN A 23 7.70 -4.70 2.12
C GLN A 23 7.24 -5.96 2.83
N ARG A 24 6.42 -5.80 3.88
CA ARG A 24 5.92 -6.92 4.66
C ARG A 24 4.59 -6.55 5.27
N LYS A 25 4.50 -5.34 5.80
CA LYS A 25 3.32 -4.89 6.52
C LYS A 25 2.79 -3.64 5.86
N ASP A 26 3.58 -2.57 5.88
CA ASP A 26 3.21 -1.31 5.26
C ASP A 26 2.62 -1.56 3.91
N LEU A 27 1.71 -0.71 3.42
CA LEU A 27 1.02 -0.86 2.15
C LEU A 27 1.53 -2.04 1.34
N SER A 28 1.00 -3.22 1.64
CA SER A 28 1.57 -4.47 1.11
C SER A 28 0.41 -5.38 0.82
N SER A 29 -0.68 -4.81 0.29
CA SER A 29 -1.86 -5.55 -0.05
C SER A 29 -2.82 -4.62 -0.69
N CYS A 30 -2.86 -3.34 -0.38
CA CYS A 30 -3.78 -2.40 -0.98
C CYS A 30 -3.56 -2.37 -2.49
N GLU A 31 -2.33 -2.00 -2.90
CA GLU A 31 -2.01 -1.96 -4.31
C GLU A 31 -1.89 -3.39 -4.85
N ARG A 32 -1.30 -4.30 -4.07
CA ARG A 32 -1.16 -5.68 -4.49
C ARG A 32 -2.50 -6.28 -4.77
N TYR A 33 -3.50 -6.05 -3.96
CA TYR A 33 -4.86 -6.53 -4.08
C TYR A 33 -5.37 -6.28 -5.49
N LEU A 34 -5.13 -5.07 -6.00
CA LEU A 34 -5.56 -4.73 -7.33
C LEU A 34 -4.65 -5.39 -8.34
N ARG A 35 -3.38 -5.65 -7.95
CA ARG A 35 -2.42 -6.30 -8.79
C ARG A 35 -2.82 -7.76 -8.99
N GLN A 36 -3.19 -8.44 -7.90
CA GLN A 36 -3.58 -9.83 -7.93
C GLN A 36 -5.00 -9.97 -8.43
N SER A 37 -5.56 -11.16 -8.21
CA SER A 37 -6.93 -11.43 -8.61
C SER A 37 -7.89 -10.98 -7.52
N SER A 38 -7.57 -11.31 -6.27
CA SER A 38 -8.40 -10.94 -5.13
C SER A 38 -7.68 -11.29 -3.84
N SER A 39 -7.44 -10.28 -3.00
CA SER A 39 -6.86 -10.47 -1.68
C SER A 39 -7.28 -11.80 -1.05
N ARG A 40 -6.28 -12.59 -0.64
CA ARG A 40 -6.53 -13.88 -0.04
C ARG A 40 -5.25 -14.41 0.56
N ARG A 41 -4.23 -14.62 -0.29
CA ARG A 41 -2.94 -15.15 0.13
C ARG A 41 -2.47 -14.41 1.37
N SER A 42 -2.34 -15.14 2.47
CA SER A 42 -1.90 -14.58 3.72
C SER A 42 -1.63 -15.69 4.72
N THR A 43 -1.78 -15.38 6.00
CA THR A 43 -1.58 -16.31 7.08
C THR A 43 -2.81 -17.18 7.28
N GLY A 44 -2.58 -18.47 7.60
CA GLY A 44 -3.66 -19.41 7.80
C GLY A 44 -4.40 -19.15 9.10
N GLU A 45 -4.30 -20.10 10.02
CA GLU A 45 -4.94 -19.97 11.33
C GLU A 45 -4.27 -18.85 12.11
N GLU A 46 -3.15 -18.32 11.65
CA GLU A 46 -2.44 -17.24 12.28
C GLU A 46 -2.74 -15.93 11.57
N VAL A 47 -4.00 -15.58 11.41
CA VAL A 47 -4.40 -14.36 10.73
C VAL A 47 -5.57 -13.74 11.48
N LEU A 48 -5.63 -13.95 12.79
CA LEU A 48 -6.70 -13.43 13.62
C LEU A 48 -6.10 -12.64 14.77
N ARG A 49 -5.00 -11.93 14.51
CA ARG A 49 -4.33 -11.13 15.51
C ARG A 49 -4.56 -9.66 15.30
N MET A 50 -5.70 -9.29 14.72
CA MET A 50 -6.03 -7.92 14.37
C MET A 50 -7.26 -7.87 13.49
N PRO A 51 -7.24 -8.61 12.37
CA PRO A 51 -8.34 -8.64 11.43
C PRO A 51 -9.50 -9.46 11.97
N GLY A 52 -10.37 -8.81 12.73
CA GLY A 52 -11.52 -9.47 13.32
C GLY A 52 -12.61 -8.47 13.64
N ASP A 53 -12.60 -7.94 14.84
CA ASP A 53 -13.61 -6.99 15.29
C ASP A 53 -13.32 -5.64 14.66
N GLU A 54 -12.23 -5.00 15.11
CA GLU A 54 -11.83 -3.71 14.60
C GLU A 54 -11.61 -3.80 13.09
N ASN A 55 -11.22 -2.67 12.49
CA ASN A 55 -11.01 -2.58 11.07
C ASN A 55 -12.29 -2.93 10.32
N GLN A 56 -12.33 -2.60 9.03
CA GLN A 56 -13.48 -2.91 8.21
C GLN A 56 -14.00 -4.32 8.48
N GLN A 57 -15.29 -4.41 8.78
CA GLN A 57 -15.89 -5.70 9.09
C GLN A 57 -17.39 -5.63 8.81
N GLN A 58 -17.76 -5.91 7.56
CA GLN A 58 -19.16 -5.93 7.17
C GLN A 58 -19.32 -6.57 5.81
N GLU A 59 -18.64 -6.02 4.80
CA GLU A 59 -18.72 -6.53 3.44
C GLU A 59 -17.49 -6.08 2.64
N SER A 60 -16.32 -6.29 3.21
CA SER A 60 -15.08 -5.90 2.54
C SER A 60 -13.91 -6.52 3.28
N GLN A 61 -13.96 -7.85 3.44
CA GLN A 61 -12.88 -8.56 4.11
C GLN A 61 -11.57 -8.45 3.32
N GLN A 62 -11.68 -8.08 2.03
CA GLN A 62 -10.52 -7.92 1.18
C GLN A 62 -9.75 -6.69 1.59
N LEU A 63 -10.45 -5.55 1.70
CA LEU A 63 -9.83 -4.30 2.08
C LEU A 63 -9.38 -4.37 3.52
N GLN A 64 -10.03 -5.19 4.35
CA GLN A 64 -9.65 -5.40 5.72
C GLN A 64 -8.18 -5.75 5.80
N GLN A 65 -7.64 -6.43 4.78
CA GLN A 65 -6.25 -6.78 4.75
C GLN A 65 -5.43 -5.56 4.45
N CYS A 66 -5.88 -4.62 3.65
CA CYS A 66 -5.21 -3.37 3.37
C CYS A 66 -5.20 -2.53 4.63
N CYS A 67 -6.32 -2.29 5.28
CA CYS A 67 -6.38 -1.49 6.49
C CYS A 67 -5.50 -2.11 7.55
N ASN A 68 -5.71 -3.41 7.83
CA ASN A 68 -4.88 -4.13 8.77
C ASN A 68 -3.42 -4.10 8.34
N GLN A 69 -3.18 -3.94 7.04
CA GLN A 69 -1.84 -3.87 6.50
C GLN A 69 -1.23 -2.52 6.76
N VAL A 70 -2.01 -1.46 6.61
CA VAL A 70 -1.55 -0.09 6.82
C VAL A 70 -1.46 0.15 8.32
N LYS A 71 -2.14 -0.67 9.13
CA LYS A 71 -2.08 -0.58 10.57
C LYS A 71 -0.77 -1.16 11.06
N GLN A 72 -0.07 -1.91 10.20
CA GLN A 72 1.21 -2.48 10.54
C GLN A 72 2.35 -1.62 9.97
N VAL A 73 2.02 -0.41 9.52
CA VAL A 73 3.01 0.50 8.99
C VAL A 73 3.93 0.99 10.11
N ARG A 74 4.94 1.77 9.73
CA ARG A 74 5.87 2.35 10.68
C ARG A 74 5.28 3.58 11.29
N ASP A 75 5.07 4.62 10.49
CA ASP A 75 4.56 5.90 10.94
C ASP A 75 4.95 7.00 9.97
N GLU A 76 6.02 6.79 9.22
CA GLU A 76 6.52 7.75 8.26
C GLU A 76 6.90 7.03 6.97
N CYS A 77 6.63 5.72 6.91
CA CYS A 77 6.88 4.92 5.75
C CYS A 77 5.58 4.75 5.02
N GLN A 78 4.46 5.31 5.50
CA GLN A 78 3.16 5.19 4.90
C GLN A 78 3.24 5.45 3.42
N CYS A 79 3.20 6.69 2.97
CA CYS A 79 3.29 7.03 1.56
C CYS A 79 4.47 6.34 0.94
N GLU A 80 5.65 6.48 1.56
CA GLU A 80 6.85 5.79 1.10
C GLU A 80 6.57 4.32 0.73
N ALA A 81 5.54 3.73 1.33
CA ALA A 81 5.10 2.40 1.08
C ALA A 81 4.40 2.35 -0.27
N ILE A 82 3.40 3.18 -0.52
CA ILE A 82 2.74 3.27 -1.81
C ILE A 82 3.75 3.54 -2.90
N LYS A 83 4.75 4.37 -2.65
CA LYS A 83 5.77 4.67 -3.65
C LYS A 83 6.66 3.46 -3.86
N TYR A 84 6.42 2.39 -3.12
CA TYR A 84 7.14 1.16 -3.18
C TYR A 84 6.25 0.11 -3.73
N ILE A 85 5.16 -0.27 -3.10
CA ILE A 85 4.28 -1.34 -3.53
C ILE A 85 3.62 -0.90 -4.83
N ALA A 86 3.06 0.31 -4.84
CA ALA A 86 2.44 0.85 -6.01
C ALA A 86 3.48 1.00 -7.09
N GLU A 87 4.51 1.78 -6.81
CA GLU A 87 5.55 2.02 -7.79
C GLU A 87 6.19 0.74 -8.21
N ASP A 88 6.29 -0.26 -7.34
CA ASP A 88 6.89 -1.55 -7.58
C ASP A 88 6.27 -2.11 -8.81
N GLN A 89 5.02 -2.59 -8.73
CA GLN A 89 4.31 -3.16 -9.85
C GLN A 89 4.26 -2.13 -10.94
N ILE A 90 3.92 -0.87 -10.67
CA ILE A 90 3.81 0.18 -11.66
C ILE A 90 5.10 0.24 -12.47
N GLN A 91 6.22 -0.10 -11.86
CA GLN A 91 7.51 -0.15 -12.48
C GLN A 91 7.82 -1.54 -12.98
N GLN A 92 7.24 -2.58 -12.38
CA GLN A 92 7.44 -3.94 -12.73
C GLN A 92 6.68 -4.24 -14.00
N GLY A 93 5.35 -4.09 -13.99
CA GLY A 93 4.50 -4.30 -15.12
C GLY A 93 4.64 -3.17 -16.14
N GLN A 94 3.80 -3.23 -17.16
CA GLN A 94 3.78 -2.22 -18.21
C GLN A 94 2.87 -1.10 -17.80
N LEU A 95 2.97 -0.60 -16.59
CA LEU A 95 2.13 0.50 -16.14
C LEU A 95 2.75 1.79 -16.62
N HIS A 96 3.81 1.76 -17.41
CA HIS A 96 4.46 2.94 -17.94
C HIS A 96 3.75 3.39 -19.20
N GLY A 97 4.44 4.13 -20.06
CA GLY A 97 3.90 4.64 -21.30
C GLY A 97 2.77 5.63 -21.04
N GLU A 98 1.61 5.13 -20.65
CA GLU A 98 0.47 5.95 -20.30
C GLU A 98 -0.61 5.11 -19.61
N GLU A 99 -0.19 4.15 -18.81
CA GLU A 99 -1.09 3.23 -18.13
C GLU A 99 -0.69 3.15 -16.66
N SER A 100 -0.04 4.20 -16.17
CA SER A 100 0.42 4.24 -14.78
C SER A 100 -0.63 4.94 -13.96
N GLU A 101 -1.28 5.93 -14.57
CA GLU A 101 -2.28 6.71 -13.86
C GLU A 101 -3.52 5.85 -13.66
N ARG A 102 -3.78 4.90 -14.59
CA ARG A 102 -4.90 4.01 -14.47
C ARG A 102 -4.70 3.09 -13.28
N VAL A 103 -3.46 2.85 -12.86
CA VAL A 103 -3.16 2.00 -11.75
C VAL A 103 -3.35 2.76 -10.45
N ALA A 104 -3.28 4.09 -10.52
CA ALA A 104 -3.48 4.93 -9.37
C ALA A 104 -4.94 4.88 -8.93
N GLN A 105 -5.86 4.91 -9.90
CA GLN A 105 -7.28 4.83 -9.60
C GLN A 105 -7.61 3.49 -8.97
N ARG A 106 -6.95 2.42 -9.42
CA ARG A 106 -7.19 1.09 -8.91
C ARG A 106 -6.87 1.07 -7.43
N ALA A 107 -5.64 1.42 -7.07
CA ALA A 107 -5.21 1.37 -5.69
C ALA A 107 -6.02 2.35 -4.90
N GLY A 108 -6.18 3.58 -5.42
CA GLY A 108 -6.99 4.61 -4.81
C GLY A 108 -8.27 4.05 -4.22
N GLU A 109 -8.83 3.02 -4.83
CA GLU A 109 -10.00 2.33 -4.32
C GLU A 109 -9.78 1.87 -2.88
N ILE A 110 -8.72 1.11 -2.64
CA ILE A 110 -8.42 0.56 -1.33
C ILE A 110 -7.93 1.69 -0.47
N VAL A 111 -7.30 2.69 -1.06
CA VAL A 111 -6.83 3.85 -0.35
C VAL A 111 -8.00 4.50 0.35
N SER A 112 -9.06 4.84 -0.38
CA SER A 112 -10.25 5.44 0.20
C SER A 112 -10.79 4.57 1.34
N SER A 113 -10.44 3.29 1.34
CA SER A 113 -10.86 2.37 2.36
C SER A 113 -10.03 2.58 3.63
N CYS A 114 -8.74 2.28 3.55
CA CYS A 114 -7.84 2.44 4.68
C CYS A 114 -6.42 2.50 4.15
N GLY A 115 -6.19 3.26 3.10
CA GLY A 115 -4.89 3.41 2.50
C GLY A 115 -4.70 4.83 2.03
N VAL A 116 -5.28 5.81 2.74
CA VAL A 116 -5.15 7.23 2.44
C VAL A 116 -3.74 7.71 2.78
N ARG A 117 -2.73 7.12 2.15
CA ARG A 117 -1.33 7.43 2.43
C ARG A 117 -0.87 8.45 1.47
N CYS A 118 -0.27 8.06 0.36
CA CYS A 118 0.17 8.98 -0.68
C CYS A 118 -0.81 8.94 -1.85
N MET A 119 -1.81 8.07 -1.76
CA MET A 119 -2.83 7.94 -2.79
C MET A 119 -4.06 8.77 -2.49
N ARG A 120 -3.96 9.64 -1.48
CA ARG A 120 -5.04 10.51 -1.09
C ARG A 120 -4.49 11.69 -0.32
N GLN A 121 -3.57 11.42 0.60
CA GLN A 121 -2.99 12.45 1.42
C GLN A 121 -1.47 12.34 1.42
N THR A 122 -0.84 12.86 2.46
CA THR A 122 0.59 12.84 2.63
C THR A 122 1.00 11.65 3.45
N ARG A 123 2.19 11.68 4.04
CA ARG A 123 2.71 10.59 4.84
C ARG A 123 1.65 10.01 5.76
N THR A 124 1.49 10.68 6.91
CA THR A 124 0.51 10.31 7.90
C THR A 124 -0.86 10.03 7.25
N ASN A 125 -1.72 9.34 8.00
CA ASN A 125 -3.05 9.06 7.48
C ASN A 125 -3.71 10.35 6.88
#